data_2CVI
# 
_entry.id   2CVI 
# 
_audit_conform.dict_name       mmcif_pdbx.dic 
_audit_conform.dict_version    5.388 
_audit_conform.dict_location   http://mmcif.pdb.org/dictionaries/ascii/mmcif_pdbx.dic 
# 
loop_
_database_2.database_id 
_database_2.database_code 
_database_2.pdbx_database_accession 
_database_2.pdbx_DOI 
PDB   2CVI         pdb_00002cvi 10.2210/pdb2cvi/pdb 
RCSB  RCSB024668   ?            ?                   
WWPDB D_1000024668 ?            ?                   
# 
loop_
_pdbx_audit_revision_history.ordinal 
_pdbx_audit_revision_history.data_content_type 
_pdbx_audit_revision_history.major_revision 
_pdbx_audit_revision_history.minor_revision 
_pdbx_audit_revision_history.revision_date 
1 'Structure model' 1 0 2006-06-03 
2 'Structure model' 1 1 2008-04-30 
3 'Structure model' 1 2 2011-07-13 
4 'Structure model' 1 3 2024-03-13 
# 
_pdbx_audit_revision_details.ordinal             1 
_pdbx_audit_revision_details.revision_ordinal    1 
_pdbx_audit_revision_details.data_content_type   'Structure model' 
_pdbx_audit_revision_details.provider            repository 
_pdbx_audit_revision_details.type                'Initial release' 
_pdbx_audit_revision_details.description         ? 
_pdbx_audit_revision_details.details             ? 
# 
loop_
_pdbx_audit_revision_group.ordinal 
_pdbx_audit_revision_group.revision_ordinal 
_pdbx_audit_revision_group.data_content_type 
_pdbx_audit_revision_group.group 
1 2 'Structure model' 'Version format compliance' 
2 3 'Structure model' 'Source and taxonomy'       
3 3 'Structure model' 'Version format compliance' 
4 4 'Structure model' 'Data collection'           
5 4 'Structure model' 'Database references'       
6 4 'Structure model' 'Derived calculations'      
# 
loop_
_pdbx_audit_revision_category.ordinal 
_pdbx_audit_revision_category.revision_ordinal 
_pdbx_audit_revision_category.data_content_type 
_pdbx_audit_revision_category.category 
1 4 'Structure model' chem_comp_atom         
2 4 'Structure model' chem_comp_bond         
3 4 'Structure model' database_2             
4 4 'Structure model' pdbx_struct_conn_angle 
5 4 'Structure model' struct_conn            
6 4 'Structure model' struct_ref_seq_dif     
7 4 'Structure model' struct_site            
# 
loop_
_pdbx_audit_revision_item.ordinal 
_pdbx_audit_revision_item.revision_ordinal 
_pdbx_audit_revision_item.data_content_type 
_pdbx_audit_revision_item.item 
1  4 'Structure model' '_database_2.pdbx_DOI'                        
2  4 'Structure model' '_database_2.pdbx_database_accession'         
3  4 'Structure model' '_pdbx_struct_conn_angle.ptnr1_auth_comp_id'  
4  4 'Structure model' '_pdbx_struct_conn_angle.ptnr1_auth_seq_id'   
5  4 'Structure model' '_pdbx_struct_conn_angle.ptnr1_label_asym_id' 
6  4 'Structure model' '_pdbx_struct_conn_angle.ptnr1_label_comp_id' 
7  4 'Structure model' '_pdbx_struct_conn_angle.ptnr1_label_seq_id'  
8  4 'Structure model' '_pdbx_struct_conn_angle.ptnr3_auth_comp_id'  
9  4 'Structure model' '_pdbx_struct_conn_angle.ptnr3_auth_seq_id'   
10 4 'Structure model' '_pdbx_struct_conn_angle.ptnr3_label_asym_id' 
11 4 'Structure model' '_pdbx_struct_conn_angle.ptnr3_label_comp_id' 
12 4 'Structure model' '_pdbx_struct_conn_angle.ptnr3_label_seq_id'  
13 4 'Structure model' '_pdbx_struct_conn_angle.value'               
14 4 'Structure model' '_struct_conn.pdbx_dist_value'                
15 4 'Structure model' '_struct_conn.ptnr1_auth_comp_id'             
16 4 'Structure model' '_struct_conn.ptnr1_auth_seq_id'              
17 4 'Structure model' '_struct_conn.ptnr1_label_asym_id'            
18 4 'Structure model' '_struct_conn.ptnr1_label_atom_id'            
19 4 'Structure model' '_struct_conn.ptnr1_label_comp_id'            
20 4 'Structure model' '_struct_conn.ptnr1_label_seq_id'             
21 4 'Structure model' '_struct_conn.ptnr2_auth_comp_id'             
22 4 'Structure model' '_struct_conn.ptnr2_auth_seq_id'              
23 4 'Structure model' '_struct_conn.ptnr2_label_asym_id'            
24 4 'Structure model' '_struct_conn.ptnr2_label_atom_id'            
25 4 'Structure model' '_struct_conn.ptnr2_label_comp_id'            
26 4 'Structure model' '_struct_conn.ptnr2_label_seq_id'             
27 4 'Structure model' '_struct_ref_seq_dif.details'                 
28 4 'Structure model' '_struct_site.pdbx_auth_asym_id'              
29 4 'Structure model' '_struct_site.pdbx_auth_comp_id'              
30 4 'Structure model' '_struct_site.pdbx_auth_seq_id'               
# 
_pdbx_database_status.status_code                     REL 
_pdbx_database_status.entry_id                        2CVI 
_pdbx_database_status.recvd_initial_deposition_date   2005-06-03 
_pdbx_database_status.deposit_site                    PDBJ 
_pdbx_database_status.process_site                    PDBJ 
_pdbx_database_status.status_code_sf                  REL 
_pdbx_database_status.status_code_mr                  ? 
_pdbx_database_status.SG_entry                        Y 
_pdbx_database_status.pdb_format_compatible           Y 
_pdbx_database_status.status_code_cs                  ? 
_pdbx_database_status.status_code_nmr_data            ? 
_pdbx_database_status.methods_development_category    ? 
# 
loop_
_audit_author.name 
_audit_author.pdbx_ordinal 
'Kitago, Y.'    1  
'Sakai, N.'     2  
'Matsumoto, D.' 3  
'Yao, M.'       4  
'Aizawa, T.'    5  
'Demura, M.'    6  
'Kawano, K.'    7  
'Nitta, K.'     8  
'Watanabe, N.'  9  
'Tanaka, I.'    10 
# 
_citation.id                        primary 
_citation.title                     'Crystal structure of hypothetical protein PHS023 from Pyrococcus horikoshii' 
_citation.journal_abbrev            'TO BE PUBLISHED' 
_citation.journal_volume            ? 
_citation.page_first                ? 
_citation.page_last                 ? 
_citation.year                      ? 
_citation.journal_id_ASTM           ? 
_citation.country                   ? 
_citation.journal_id_ISSN           ? 
_citation.journal_id_CSD            0353 
_citation.book_publisher            ? 
_citation.pdbx_database_id_PubMed   ? 
_citation.pdbx_database_id_DOI      ? 
# 
loop_
_citation_author.citation_id 
_citation_author.name 
_citation_author.ordinal 
_citation_author.identifier_ORCID 
primary 'Kitago, Y.'    1  ? 
primary 'Sakai, N.'     2  ? 
primary 'Matsumoto, D.' 3  ? 
primary 'Yao, M.'       4  ? 
primary 'Aizawa, T.'    5  ? 
primary 'Demura, M.'    6  ? 
primary 'Kawano, K.'    7  ? 
primary 'Nitta, K.'     8  ? 
primary 'Watanabe, N.'  9  ? 
primary 'Tanaka, I.'    10 ? 
# 
loop_
_entity.id 
_entity.type 
_entity.src_method 
_entity.pdbx_description 
_entity.formula_weight 
_entity.pdbx_number_of_molecules 
_entity.pdbx_ec 
_entity.pdbx_mutation 
_entity.pdbx_fragment 
_entity.details 
1 polymer     man '75aa long hypothetical regulatory protein AsnC' 9682.387 2   ? ? ? ? 
2 non-polymer syn 'POTASSIUM ION'                                  39.098   2   ? ? ? ? 
3 non-polymer syn '(4S)-2-METHYL-2,4-PENTANEDIOL'                  118.174  1   ? ? ? ? 
4 water       nat water                                            18.015   166 ? ? ? ? 
# 
_entity_poly.entity_id                      1 
_entity_poly.type                           'polypeptide(L)' 
_entity_poly.nstd_linkage                   no 
_entity_poly.nstd_monomer                   no 
_entity_poly.pdbx_seq_one_letter_code       
;MVTAFILMVTAAGKEREVMEKLLAMPEVKEAYVVYGEYDLIVKVETDTLKDLDQFITEKIRKMPEIQMTSTMIAILEHHH
HHH
;
_entity_poly.pdbx_seq_one_letter_code_can   
;MVTAFILMVTAAGKEREVMEKLLAMPEVKEAYVVYGEYDLIVKVETDTLKDLDQFITEKIRKMPEIQMTSTMIAILEHHH
HHH
;
_entity_poly.pdbx_strand_id                 A,B 
_entity_poly.pdbx_target_identifier         ? 
# 
loop_
_pdbx_entity_nonpoly.entity_id 
_pdbx_entity_nonpoly.name 
_pdbx_entity_nonpoly.comp_id 
2 'POTASSIUM ION'                 K   
3 '(4S)-2-METHYL-2,4-PENTANEDIOL' MPD 
4 water                           HOH 
# 
loop_
_entity_poly_seq.entity_id 
_entity_poly_seq.num 
_entity_poly_seq.mon_id 
_entity_poly_seq.hetero 
1 1  MET n 
1 2  VAL n 
1 3  THR n 
1 4  ALA n 
1 5  PHE n 
1 6  ILE n 
1 7  LEU n 
1 8  MET n 
1 9  VAL n 
1 10 THR n 
1 11 ALA n 
1 12 ALA n 
1 13 GLY n 
1 14 LYS n 
1 15 GLU n 
1 16 ARG n 
1 17 GLU n 
1 18 VAL n 
1 19 MET n 
1 20 GLU n 
1 21 LYS n 
1 22 LEU n 
1 23 LEU n 
1 24 ALA n 
1 25 MET n 
1 26 PRO n 
1 27 GLU n 
1 28 VAL n 
1 29 LYS n 
1 30 GLU n 
1 31 ALA n 
1 32 TYR n 
1 33 VAL n 
1 34 VAL n 
1 35 TYR n 
1 36 GLY n 
1 37 GLU n 
1 38 TYR n 
1 39 ASP n 
1 40 LEU n 
1 41 ILE n 
1 42 VAL n 
1 43 LYS n 
1 44 VAL n 
1 45 GLU n 
1 46 THR n 
1 47 ASP n 
1 48 THR n 
1 49 LEU n 
1 50 LYS n 
1 51 ASP n 
1 52 LEU n 
1 53 ASP n 
1 54 GLN n 
1 55 PHE n 
1 56 ILE n 
1 57 THR n 
1 58 GLU n 
1 59 LYS n 
1 60 ILE n 
1 61 ARG n 
1 62 LYS n 
1 63 MET n 
1 64 PRO n 
1 65 GLU n 
1 66 ILE n 
1 67 GLN n 
1 68 MET n 
1 69 THR n 
1 70 SER n 
1 71 THR n 
1 72 MET n 
1 73 ILE n 
1 74 ALA n 
1 75 ILE n 
1 76 LEU n 
1 77 GLU n 
1 78 HIS n 
1 79 HIS n 
1 80 HIS n 
1 81 HIS n 
1 82 HIS n 
1 83 HIS n 
# 
_entity_src_gen.entity_id                          1 
_entity_src_gen.pdbx_src_id                        1 
_entity_src_gen.pdbx_alt_source_flag               sample 
_entity_src_gen.pdbx_seq_type                      ? 
_entity_src_gen.pdbx_beg_seq_num                   ? 
_entity_src_gen.pdbx_end_seq_num                   ? 
_entity_src_gen.gene_src_common_name               ? 
_entity_src_gen.gene_src_genus                     Pyrococcus 
_entity_src_gen.pdbx_gene_src_gene                 ? 
_entity_src_gen.gene_src_species                   'Pyrococcus horikoshii' 
_entity_src_gen.gene_src_strain                    OT3 
_entity_src_gen.gene_src_tissue                    ? 
_entity_src_gen.gene_src_tissue_fraction           ? 
_entity_src_gen.gene_src_details                   ? 
_entity_src_gen.pdbx_gene_src_fragment             ? 
_entity_src_gen.pdbx_gene_src_scientific_name      'Pyrococcus horikoshii' 
_entity_src_gen.pdbx_gene_src_ncbi_taxonomy_id     70601 
_entity_src_gen.pdbx_gene_src_variant              ? 
_entity_src_gen.pdbx_gene_src_cell_line            ? 
_entity_src_gen.pdbx_gene_src_atcc                 ? 
_entity_src_gen.pdbx_gene_src_organ                ? 
_entity_src_gen.pdbx_gene_src_organelle            ? 
_entity_src_gen.pdbx_gene_src_cell                 ? 
_entity_src_gen.pdbx_gene_src_cellular_location    ? 
_entity_src_gen.host_org_common_name               ? 
_entity_src_gen.pdbx_host_org_scientific_name      'Escherichia coli BL21(DE3)' 
_entity_src_gen.pdbx_host_org_ncbi_taxonomy_id     469008 
_entity_src_gen.host_org_genus                     Escherichia 
_entity_src_gen.pdbx_host_org_gene                 ? 
_entity_src_gen.pdbx_host_org_organ                ? 
_entity_src_gen.host_org_species                   'Escherichia coli' 
_entity_src_gen.pdbx_host_org_tissue               ? 
_entity_src_gen.pdbx_host_org_tissue_fraction      ? 
_entity_src_gen.pdbx_host_org_strain               'BL21(DE3)' 
_entity_src_gen.pdbx_host_org_variant              ? 
_entity_src_gen.pdbx_host_org_cell_line            ? 
_entity_src_gen.pdbx_host_org_atcc                 ? 
_entity_src_gen.pdbx_host_org_culture_collection   ? 
_entity_src_gen.pdbx_host_org_cell                 ? 
_entity_src_gen.pdbx_host_org_organelle            ? 
_entity_src_gen.pdbx_host_org_cellular_location    ? 
_entity_src_gen.pdbx_host_org_vector_type          PLASMID 
_entity_src_gen.pdbx_host_org_vector               ? 
_entity_src_gen.host_org_details                   ? 
_entity_src_gen.expression_system_id               ? 
_entity_src_gen.plasmid_name                       pET-22b 
_entity_src_gen.plasmid_details                    ? 
_entity_src_gen.pdbx_description                   ? 
# 
loop_
_chem_comp.id 
_chem_comp.type 
_chem_comp.mon_nstd_flag 
_chem_comp.name 
_chem_comp.pdbx_synonyms 
_chem_comp.formula 
_chem_comp.formula_weight 
ALA 'L-peptide linking' y ALANINE                         ? 'C3 H7 N O2'     89.093  
ARG 'L-peptide linking' y ARGININE                        ? 'C6 H15 N4 O2 1' 175.209 
ASP 'L-peptide linking' y 'ASPARTIC ACID'                 ? 'C4 H7 N O4'     133.103 
GLN 'L-peptide linking' y GLUTAMINE                       ? 'C5 H10 N2 O3'   146.144 
GLU 'L-peptide linking' y 'GLUTAMIC ACID'                 ? 'C5 H9 N O4'     147.129 
GLY 'peptide linking'   y GLYCINE                         ? 'C2 H5 N O2'     75.067  
HIS 'L-peptide linking' y HISTIDINE                       ? 'C6 H10 N3 O2 1' 156.162 
HOH non-polymer         . WATER                           ? 'H2 O'           18.015  
ILE 'L-peptide linking' y ISOLEUCINE                      ? 'C6 H13 N O2'    131.173 
K   non-polymer         . 'POTASSIUM ION'                 ? 'K 1'            39.098  
LEU 'L-peptide linking' y LEUCINE                         ? 'C6 H13 N O2'    131.173 
LYS 'L-peptide linking' y LYSINE                          ? 'C6 H15 N2 O2 1' 147.195 
MET 'L-peptide linking' y METHIONINE                      ? 'C5 H11 N O2 S'  149.211 
MPD non-polymer         . '(4S)-2-METHYL-2,4-PENTANEDIOL' ? 'C6 H14 O2'      118.174 
PHE 'L-peptide linking' y PHENYLALANINE                   ? 'C9 H11 N O2'    165.189 
PRO 'L-peptide linking' y PROLINE                         ? 'C5 H9 N O2'     115.130 
SER 'L-peptide linking' y SERINE                          ? 'C3 H7 N O3'     105.093 
THR 'L-peptide linking' y THREONINE                       ? 'C4 H9 N O3'     119.119 
TYR 'L-peptide linking' y TYROSINE                        ? 'C9 H11 N O3'    181.189 
VAL 'L-peptide linking' y VALINE                          ? 'C5 H11 N O2'    117.146 
# 
loop_
_pdbx_poly_seq_scheme.asym_id 
_pdbx_poly_seq_scheme.entity_id 
_pdbx_poly_seq_scheme.seq_id 
_pdbx_poly_seq_scheme.mon_id 
_pdbx_poly_seq_scheme.ndb_seq_num 
_pdbx_poly_seq_scheme.pdb_seq_num 
_pdbx_poly_seq_scheme.auth_seq_num 
_pdbx_poly_seq_scheme.pdb_mon_id 
_pdbx_poly_seq_scheme.auth_mon_id 
_pdbx_poly_seq_scheme.pdb_strand_id 
_pdbx_poly_seq_scheme.pdb_ins_code 
_pdbx_poly_seq_scheme.hetero 
A 1 1  MET 1  1  1  MET MET A . n 
A 1 2  VAL 2  2  2  VAL VAL A . n 
A 1 3  THR 3  3  3  THR THR A . n 
A 1 4  ALA 4  4  4  ALA ALA A . n 
A 1 5  PHE 5  5  5  PHE PHE A . n 
A 1 6  ILE 6  6  6  ILE ILE A . n 
A 1 7  LEU 7  7  7  LEU LEU A . n 
A 1 8  MET 8  8  8  MET MET A . n 
A 1 9  VAL 9  9  9  VAL VAL A . n 
A 1 10 THR 10 10 10 THR THR A . n 
A 1 11 ALA 11 11 11 ALA ALA A . n 
A 1 12 ALA 12 12 12 ALA ALA A . n 
A 1 13 GLY 13 13 13 GLY GLY A . n 
A 1 14 LYS 14 14 14 LYS LYS A . n 
A 1 15 GLU 15 15 15 GLU GLU A . n 
A 1 16 ARG 16 16 16 ARG ARG A . n 
A 1 17 GLU 17 17 17 GLU GLU A . n 
A 1 18 VAL 18 18 18 VAL VAL A . n 
A 1 19 MET 19 19 19 MET MET A . n 
A 1 20 GLU 20 20 20 GLU GLU A . n 
A 1 21 LYS 21 21 21 LYS LYS A . n 
A 1 22 LEU 22 22 22 LEU LEU A . n 
A 1 23 LEU 23 23 23 LEU LEU A . n 
A 1 24 ALA 24 24 24 ALA ALA A . n 
A 1 25 MET 25 25 25 MET MET A . n 
A 1 26 PRO 26 26 26 PRO PRO A . n 
A 1 27 GLU 27 27 27 GLU GLU A . n 
A 1 28 VAL 28 28 28 VAL VAL A . n 
A 1 29 LYS 29 29 29 LYS LYS A . n 
A 1 30 GLU 30 30 30 GLU GLU A . n 
A 1 31 ALA 31 31 31 ALA ALA A . n 
A 1 32 TYR 32 32 32 TYR TYR A . n 
A 1 33 VAL 33 33 33 VAL VAL A . n 
A 1 34 VAL 34 34 34 VAL VAL A . n 
A 1 35 TYR 35 35 35 TYR TYR A . n 
A 1 36 GLY 36 36 36 GLY GLY A . n 
A 1 37 GLU 37 37 37 GLU GLU A . n 
A 1 38 TYR 38 38 38 TYR TYR A . n 
A 1 39 ASP 39 39 39 ASP ASP A . n 
A 1 40 LEU 40 40 40 LEU LEU A . n 
A 1 41 ILE 41 41 41 ILE ILE A . n 
A 1 42 VAL 42 42 42 VAL VAL A . n 
A 1 43 LYS 43 43 43 LYS LYS A . n 
A 1 44 VAL 44 44 44 VAL VAL A . n 
A 1 45 GLU 45 45 45 GLU GLU A . n 
A 1 46 THR 46 46 46 THR THR A . n 
A 1 47 ASP 47 47 47 ASP ASP A . n 
A 1 48 THR 48 48 48 THR THR A . n 
A 1 49 LEU 49 49 49 LEU LEU A . n 
A 1 50 LYS 50 50 50 LYS LYS A . n 
A 1 51 ASP 51 51 51 ASP ASP A . n 
A 1 52 LEU 52 52 52 LEU LEU A . n 
A 1 53 ASP 53 53 53 ASP ASP A . n 
A 1 54 GLN 54 54 54 GLN GLN A . n 
A 1 55 PHE 55 55 55 PHE PHE A . n 
A 1 56 ILE 56 56 56 ILE ILE A . n 
A 1 57 THR 57 57 57 THR THR A . n 
A 1 58 GLU 58 58 58 GLU GLU A . n 
A 1 59 LYS 59 59 59 LYS LYS A . n 
A 1 60 ILE 60 60 60 ILE ILE A . n 
A 1 61 ARG 61 61 61 ARG ARG A . n 
A 1 62 LYS 62 62 62 LYS LYS A . n 
A 1 63 MET 63 63 63 MET MET A . n 
A 1 64 PRO 64 64 64 PRO PRO A . n 
A 1 65 GLU 65 65 65 GLU GLU A . n 
A 1 66 ILE 66 66 66 ILE ILE A . n 
A 1 67 GLN 67 67 67 GLN GLN A . n 
A 1 68 MET 68 68 68 MET MET A . n 
A 1 69 THR 69 69 69 THR THR A . n 
A 1 70 SER 70 70 70 SER SER A . n 
A 1 71 THR 71 71 71 THR THR A . n 
A 1 72 MET 72 72 72 MET MET A . n 
A 1 73 ILE 73 73 73 ILE ILE A . n 
A 1 74 ALA 74 74 74 ALA ALA A . n 
A 1 75 ILE 75 75 75 ILE ILE A . n 
A 1 76 LEU 76 76 76 LEU LEU A . n 
A 1 77 GLU 77 77 77 GLU GLU A . n 
A 1 78 HIS 78 78 78 HIS HIS A . n 
A 1 79 HIS 79 79 79 HIS HIS A . n 
A 1 80 HIS 80 80 80 HIS HIS A . n 
A 1 81 HIS 81 81 81 HIS HIS A . n 
A 1 82 HIS 82 82 82 HIS HIS A . n 
A 1 83 HIS 83 83 83 HIS HIS A . n 
B 1 1  MET 1  1  1  MET MET B . n 
B 1 2  VAL 2  2  2  VAL VAL B . n 
B 1 3  THR 3  3  3  THR THR B . n 
B 1 4  ALA 4  4  4  ALA ALA B . n 
B 1 5  PHE 5  5  5  PHE PHE B . n 
B 1 6  ILE 6  6  6  ILE ILE B . n 
B 1 7  LEU 7  7  7  LEU LEU B . n 
B 1 8  MET 8  8  8  MET MET B . n 
B 1 9  VAL 9  9  9  VAL VAL B . n 
B 1 10 THR 10 10 10 THR THR B . n 
B 1 11 ALA 11 11 11 ALA ALA B . n 
B 1 12 ALA 12 12 12 ALA ALA B . n 
B 1 13 GLY 13 13 13 GLY GLY B . n 
B 1 14 LYS 14 14 14 LYS LYS B . n 
B 1 15 GLU 15 15 15 GLU GLU B . n 
B 1 16 ARG 16 16 16 ARG ARG B . n 
B 1 17 GLU 17 17 17 GLU GLU B . n 
B 1 18 VAL 18 18 18 VAL VAL B . n 
B 1 19 MET 19 19 19 MET MET B . n 
B 1 20 GLU 20 20 20 GLU GLU B . n 
B 1 21 LYS 21 21 21 LYS LYS B . n 
B 1 22 LEU 22 22 22 LEU LEU B . n 
B 1 23 LEU 23 23 23 LEU LEU B . n 
B 1 24 ALA 24 24 24 ALA ALA B . n 
B 1 25 MET 25 25 25 MET MET B . n 
B 1 26 PRO 26 26 26 PRO PRO B . n 
B 1 27 GLU 27 27 27 GLU GLU B . n 
B 1 28 VAL 28 28 28 VAL VAL B . n 
B 1 29 LYS 29 29 29 LYS LYS B . n 
B 1 30 GLU 30 30 30 GLU GLU B . n 
B 1 31 ALA 31 31 31 ALA ALA B . n 
B 1 32 TYR 32 32 32 TYR TYR B . n 
B 1 33 VAL 33 33 33 VAL VAL B . n 
B 1 34 VAL 34 34 34 VAL VAL B . n 
B 1 35 TYR 35 35 35 TYR TYR B . n 
B 1 36 GLY 36 36 36 GLY GLY B . n 
B 1 37 GLU 37 37 37 GLU GLU B . n 
B 1 38 TYR 38 38 38 TYR TYR B . n 
B 1 39 ASP 39 39 39 ASP ASP B . n 
B 1 40 LEU 40 40 40 LEU LEU B . n 
B 1 41 ILE 41 41 41 ILE ILE B . n 
B 1 42 VAL 42 42 42 VAL VAL B . n 
B 1 43 LYS 43 43 43 LYS LYS B . n 
B 1 44 VAL 44 44 44 VAL VAL B . n 
B 1 45 GLU 45 45 45 GLU GLU B . n 
B 1 46 THR 46 46 46 THR THR B . n 
B 1 47 ASP 47 47 47 ASP ASP B . n 
B 1 48 THR 48 48 48 THR THR B . n 
B 1 49 LEU 49 49 49 LEU LEU B . n 
B 1 50 LYS 50 50 50 LYS LYS B . n 
B 1 51 ASP 51 51 51 ASP ASP B . n 
B 1 52 LEU 52 52 52 LEU LEU B . n 
B 1 53 ASP 53 53 53 ASP ASP B . n 
B 1 54 GLN 54 54 54 GLN GLN B . n 
B 1 55 PHE 55 55 55 PHE PHE B . n 
B 1 56 ILE 56 56 56 ILE ILE B . n 
B 1 57 THR 57 57 57 THR THR B . n 
B 1 58 GLU 58 58 58 GLU GLU B . n 
B 1 59 LYS 59 59 59 LYS LYS B . n 
B 1 60 ILE 60 60 60 ILE ILE B . n 
B 1 61 ARG 61 61 61 ARG ARG B . n 
B 1 62 LYS 62 62 62 LYS LYS B . n 
B 1 63 MET 63 63 63 MET MET B . n 
B 1 64 PRO 64 64 64 PRO PRO B . n 
B 1 65 GLU 65 65 65 GLU GLU B . n 
B 1 66 ILE 66 66 66 ILE ILE B . n 
B 1 67 GLN 67 67 67 GLN GLN B . n 
B 1 68 MET 68 68 68 MET MET B . n 
B 1 69 THR 69 69 69 THR THR B . n 
B 1 70 SER 70 70 70 SER SER B . n 
B 1 71 THR 71 71 71 THR THR B . n 
B 1 72 MET 72 72 72 MET MET B . n 
B 1 73 ILE 73 73 73 ILE ILE B . n 
B 1 74 ALA 74 74 74 ALA ALA B . n 
B 1 75 ILE 75 75 75 ILE ILE B . n 
B 1 76 LEU 76 76 76 LEU LEU B . n 
B 1 77 GLU 77 77 77 GLU GLU B . n 
B 1 78 HIS 78 78 78 HIS HIS B . n 
B 1 79 HIS 79 79 79 HIS HIS B . n 
B 1 80 HIS 80 80 80 HIS HIS B . n 
B 1 81 HIS 81 81 81 HIS HIS B . n 
B 1 82 HIS 82 82 82 HIS HIS B . n 
B 1 83 HIS 83 83 83 HIS HIS B . n 
# 
loop_
_pdbx_nonpoly_scheme.asym_id 
_pdbx_nonpoly_scheme.entity_id 
_pdbx_nonpoly_scheme.mon_id 
_pdbx_nonpoly_scheme.ndb_seq_num 
_pdbx_nonpoly_scheme.pdb_seq_num 
_pdbx_nonpoly_scheme.auth_seq_num 
_pdbx_nonpoly_scheme.pdb_mon_id 
_pdbx_nonpoly_scheme.auth_mon_id 
_pdbx_nonpoly_scheme.pdb_strand_id 
_pdbx_nonpoly_scheme.pdb_ins_code 
C 2 K   1  1091 91  K   K1  A . 
D 2 K   1  1092 92  K   K1  B . 
E 3 MPD 1  1100 100 MPD MPD B . 
F 4 HOH 1  1092 1   HOH WAT A . 
F 4 HOH 2  1093 2   HOH WAT A . 
F 4 HOH 3  1094 4   HOH WAT A . 
F 4 HOH 4  1095 5   HOH WAT A . 
F 4 HOH 5  1096 10  HOH WAT A . 
F 4 HOH 6  1097 11  HOH WAT A . 
F 4 HOH 7  1098 12  HOH WAT A . 
F 4 HOH 8  1099 13  HOH WAT A . 
F 4 HOH 9  1100 14  HOH WAT A . 
F 4 HOH 10 1101 15  HOH WAT A . 
F 4 HOH 11 1102 16  HOH WAT A . 
F 4 HOH 12 1103 18  HOH WAT A . 
F 4 HOH 13 1104 19  HOH WAT A . 
F 4 HOH 14 1105 20  HOH WAT A . 
F 4 HOH 15 1106 21  HOH WAT A . 
F 4 HOH 16 1107 22  HOH WAT A . 
F 4 HOH 17 1108 23  HOH WAT A . 
F 4 HOH 18 1109 27  HOH WAT A . 
F 4 HOH 19 1110 32  HOH WAT A . 
F 4 HOH 20 1111 35  HOH WAT A . 
F 4 HOH 21 1112 36  HOH WAT A . 
F 4 HOH 22 1113 39  HOH WAT A . 
F 4 HOH 23 1114 42  HOH WAT A . 
F 4 HOH 24 1115 44  HOH WAT A . 
F 4 HOH 25 1116 51  HOH WAT A . 
F 4 HOH 26 1117 53  HOH WAT A . 
F 4 HOH 27 1118 54  HOH WAT A . 
F 4 HOH 28 1119 55  HOH WAT A . 
F 4 HOH 29 1120 56  HOH WAT A . 
F 4 HOH 30 1121 58  HOH WAT A . 
F 4 HOH 31 1122 60  HOH WAT A . 
F 4 HOH 32 1123 62  HOH WAT A . 
F 4 HOH 33 1124 64  HOH WAT A . 
F 4 HOH 34 1125 66  HOH WAT A . 
F 4 HOH 35 1126 70  HOH WAT A . 
F 4 HOH 36 1127 71  HOH WAT A . 
F 4 HOH 37 1128 73  HOH WAT A . 
F 4 HOH 38 1129 76  HOH WAT A . 
F 4 HOH 39 1130 79  HOH WAT A . 
F 4 HOH 40 1131 80  HOH WAT A . 
F 4 HOH 41 1132 81  HOH WAT A . 
F 4 HOH 42 1133 85  HOH WAT A . 
F 4 HOH 43 1134 91  HOH WAT A . 
F 4 HOH 44 1135 93  HOH WAT A . 
F 4 HOH 45 1136 95  HOH WAT A . 
F 4 HOH 46 1137 97  HOH WAT A . 
F 4 HOH 47 1138 98  HOH WAT A . 
F 4 HOH 48 1139 100 HOH WAT A . 
F 4 HOH 49 1140 102 HOH WAT A . 
F 4 HOH 50 1141 103 HOH WAT A . 
F 4 HOH 51 1142 104 HOH WAT A . 
F 4 HOH 52 1143 105 HOH WAT A . 
F 4 HOH 53 1144 107 HOH WAT A . 
F 4 HOH 54 1145 110 HOH WAT A . 
F 4 HOH 55 1146 113 HOH WAT A . 
F 4 HOH 56 1147 116 HOH WAT A . 
F 4 HOH 57 1148 117 HOH WAT A . 
F 4 HOH 58 1149 119 HOH WAT A . 
F 4 HOH 59 1150 120 HOH WAT A . 
F 4 HOH 60 1151 125 HOH WAT A . 
F 4 HOH 61 1152 126 HOH WAT A . 
F 4 HOH 62 1153 128 HOH WAT A . 
F 4 HOH 63 1154 129 HOH WAT A . 
F 4 HOH 64 1155 130 HOH WAT A . 
F 4 HOH 65 1156 134 HOH WAT A . 
F 4 HOH 66 1157 136 HOH WAT A . 
F 4 HOH 67 1158 137 HOH WAT A . 
F 4 HOH 68 1159 139 HOH WAT A . 
F 4 HOH 69 1160 141 HOH WAT A . 
F 4 HOH 70 1161 142 HOH WAT A . 
F 4 HOH 71 1162 143 HOH WAT A . 
F 4 HOH 72 1163 144 HOH WAT A . 
F 4 HOH 73 1164 149 HOH WAT A . 
F 4 HOH 74 1165 151 HOH WAT A . 
F 4 HOH 75 1166 154 HOH WAT A . 
F 4 HOH 76 1167 155 HOH WAT A . 
F 4 HOH 77 1168 158 HOH WAT A . 
F 4 HOH 78 1169 159 HOH WAT A . 
F 4 HOH 79 1170 163 HOH WAT A . 
F 4 HOH 80 1171 164 HOH WAT A . 
F 4 HOH 81 1172 165 HOH WAT A . 
G 4 HOH 1  1101 3   HOH WAT B . 
G 4 HOH 2  1102 6   HOH WAT B . 
G 4 HOH 3  1103 7   HOH WAT B . 
G 4 HOH 4  1104 8   HOH WAT B . 
G 4 HOH 5  1105 9   HOH WAT B . 
G 4 HOH 6  1106 17  HOH WAT B . 
G 4 HOH 7  1107 24  HOH WAT B . 
G 4 HOH 8  1108 25  HOH WAT B . 
G 4 HOH 9  1109 26  HOH WAT B . 
G 4 HOH 10 1110 28  HOH WAT B . 
G 4 HOH 11 1111 29  HOH WAT B . 
G 4 HOH 12 1112 30  HOH WAT B . 
G 4 HOH 13 1113 31  HOH WAT B . 
G 4 HOH 14 1114 33  HOH WAT B . 
G 4 HOH 15 1115 34  HOH WAT B . 
G 4 HOH 16 1116 37  HOH WAT B . 
G 4 HOH 17 1117 38  HOH WAT B . 
G 4 HOH 18 1118 40  HOH WAT B . 
G 4 HOH 19 1119 41  HOH WAT B . 
G 4 HOH 20 1120 43  HOH WAT B . 
G 4 HOH 21 1121 45  HOH WAT B . 
G 4 HOH 22 1122 46  HOH WAT B . 
G 4 HOH 23 1123 47  HOH WAT B . 
G 4 HOH 24 1124 48  HOH WAT B . 
G 4 HOH 25 1125 49  HOH WAT B . 
G 4 HOH 26 1126 50  HOH WAT B . 
G 4 HOH 27 1127 52  HOH WAT B . 
G 4 HOH 28 1128 57  HOH WAT B . 
G 4 HOH 29 1129 59  HOH WAT B . 
G 4 HOH 30 1130 61  HOH WAT B . 
G 4 HOH 31 1131 63  HOH WAT B . 
G 4 HOH 32 1132 65  HOH WAT B . 
G 4 HOH 33 1133 67  HOH WAT B . 
G 4 HOH 34 1134 68  HOH WAT B . 
G 4 HOH 35 1135 69  HOH WAT B . 
G 4 HOH 36 1136 72  HOH WAT B . 
G 4 HOH 37 1137 74  HOH WAT B . 
G 4 HOH 38 1138 75  HOH WAT B . 
G 4 HOH 39 1139 77  HOH WAT B . 
G 4 HOH 40 1140 78  HOH WAT B . 
G 4 HOH 41 1141 82  HOH WAT B . 
G 4 HOH 42 1142 83  HOH WAT B . 
G 4 HOH 43 1143 84  HOH WAT B . 
G 4 HOH 44 1144 86  HOH WAT B . 
G 4 HOH 45 1145 87  HOH WAT B . 
G 4 HOH 46 1146 88  HOH WAT B . 
G 4 HOH 47 1147 89  HOH WAT B . 
G 4 HOH 48 1148 90  HOH WAT B . 
G 4 HOH 49 1149 92  HOH WAT B . 
G 4 HOH 50 1150 94  HOH WAT B . 
G 4 HOH 51 1151 96  HOH WAT B . 
G 4 HOH 52 1152 99  HOH WAT B . 
G 4 HOH 53 1153 101 HOH WAT B . 
G 4 HOH 54 1154 106 HOH WAT B . 
G 4 HOH 55 1155 108 HOH WAT B . 
G 4 HOH 56 1156 109 HOH WAT B . 
G 4 HOH 57 1157 111 HOH WAT B . 
G 4 HOH 58 1158 112 HOH WAT B . 
G 4 HOH 59 1159 114 HOH WAT B . 
G 4 HOH 60 1160 115 HOH WAT B . 
G 4 HOH 61 1161 118 HOH WAT B . 
G 4 HOH 62 1162 121 HOH WAT B . 
G 4 HOH 63 1163 122 HOH WAT B . 
G 4 HOH 64 1164 123 HOH WAT B . 
G 4 HOH 65 1165 124 HOH WAT B . 
G 4 HOH 66 1166 127 HOH WAT B . 
G 4 HOH 67 1167 131 HOH WAT B . 
G 4 HOH 68 1168 132 HOH WAT B . 
G 4 HOH 69 1169 133 HOH WAT B . 
G 4 HOH 70 1170 135 HOH WAT B . 
G 4 HOH 71 1171 138 HOH WAT B . 
G 4 HOH 72 1172 140 HOH WAT B . 
G 4 HOH 73 1173 145 HOH WAT B . 
G 4 HOH 74 1174 146 HOH WAT B . 
G 4 HOH 75 1175 147 HOH WAT B . 
G 4 HOH 76 1176 148 HOH WAT B . 
G 4 HOH 77 1177 150 HOH WAT B . 
G 4 HOH 78 1178 152 HOH WAT B . 
G 4 HOH 79 1179 153 HOH WAT B . 
G 4 HOH 80 1180 156 HOH WAT B . 
G 4 HOH 81 1181 157 HOH WAT B . 
G 4 HOH 82 1182 160 HOH WAT B . 
G 4 HOH 83 1183 161 HOH WAT B . 
G 4 HOH 84 1184 162 HOH WAT B . 
G 4 HOH 85 1185 166 HOH WAT B . 
# 
loop_
_software.name 
_software.classification 
_software.version 
_software.citation_id 
_software.pdbx_ordinal 
ADSC      'data collection' .   ? 1 
SCALEPACK 'data scaling'    .   ? 2 
OASIS     'model building'  .   ? 3 
CNS       refinement        1.1 ? 4 
OASIS     phasing           .   ? 5 
# 
_cell.entry_id           2CVI 
_cell.length_a           61.972 
_cell.length_b           61.972 
_cell.length_c           75.797 
_cell.angle_alpha        90.00 
_cell.angle_beta         90.00 
_cell.angle_gamma        120.00 
_cell.Z_PDB              12 
_cell.pdbx_unique_axis   ? 
_cell.length_a_esd       ? 
_cell.length_b_esd       ? 
_cell.length_c_esd       ? 
_cell.angle_alpha_esd    ? 
_cell.angle_beta_esd     ? 
_cell.angle_gamma_esd    ? 
# 
_symmetry.entry_id                         2CVI 
_symmetry.space_group_name_H-M             'P 32 2 1' 
_symmetry.pdbx_full_space_group_name_H-M   ? 
_symmetry.cell_setting                     ? 
_symmetry.Int_Tables_number                154 
_symmetry.space_group_name_Hall            ? 
# 
_exptl.entry_id          2CVI 
_exptl.method            'X-RAY DIFFRACTION' 
_exptl.crystals_number   1 
# 
_exptl_crystal.id                    1 
_exptl_crystal.density_meas          ? 
_exptl_crystal.density_Matthews      2.17 
_exptl_crystal.density_percent_sol   43.0 
_exptl_crystal.description           ? 
_exptl_crystal.F_000                 ? 
_exptl_crystal.preparation           ? 
# 
_exptl_crystal_grow.crystal_id      1 
_exptl_crystal_grow.method          'VAPOR DIFFUSION, HANGING DROP' 
_exptl_crystal_grow.temp            293 
_exptl_crystal_grow.temp_details    ? 
_exptl_crystal_grow.pH              6.2 
_exptl_crystal_grow.pdbx_details    'MPD, NaCl, NaK Phosphate, pH 6.2, VAPOR DIFFUSION, HANGING DROP, temperature 293K' 
_exptl_crystal_grow.pdbx_pH_range   . 
# 
_diffrn.id                     1 
_diffrn.ambient_temp           100 
_diffrn.ambient_temp_details   ? 
_diffrn.crystal_id             1 
# 
_diffrn_detector.diffrn_id              1 
_diffrn_detector.detector               CCD 
_diffrn_detector.type                   'ADSC QUANTUM 315' 
_diffrn_detector.pdbx_collection_date   2004-10-04 
_diffrn_detector.details                mirrors 
# 
_diffrn_radiation.diffrn_id                        1 
_diffrn_radiation.wavelength_id                    1 
_diffrn_radiation.pdbx_monochromatic_or_laue_m_l   M 
_diffrn_radiation.monochromator                    'Si 111' 
_diffrn_radiation.pdbx_diffrn_protocol             'SINGLE WAVELENGTH' 
_diffrn_radiation.pdbx_scattering_type             x-ray 
# 
_diffrn_radiation_wavelength.id           1 
_diffrn_radiation_wavelength.wavelength   0.9000 
_diffrn_radiation_wavelength.wt           1.0 
# 
_diffrn_source.diffrn_id                   1 
_diffrn_source.source                      SYNCHROTRON 
_diffrn_source.type                        'SPRING-8 BEAMLINE BL41XU' 
_diffrn_source.pdbx_synchrotron_site       SPring-8 
_diffrn_source.pdbx_synchrotron_beamline   BL41XU 
_diffrn_source.pdbx_wavelength             ? 
_diffrn_source.pdbx_wavelength_list        0.9000 
# 
_reflns.entry_id                     2CVI 
_reflns.observed_criterion_sigma_F   0 
_reflns.observed_criterion_sigma_I   0 
_reflns.d_resolution_high            1.5 
_reflns.d_resolution_low             50 
_reflns.number_all                   27589 
_reflns.number_obs                   27396 
_reflns.percent_possible_obs         99.9 
_reflns.pdbx_Rmerge_I_obs            ? 
_reflns.pdbx_Rsym_value              0.047 
_reflns.pdbx_netI_over_sigmaI        ? 
_reflns.B_iso_Wilson_estimate        19.1 
_reflns.pdbx_redundancy              8.7 
_reflns.R_free_details               ? 
_reflns.limit_h_max                  ? 
_reflns.limit_h_min                  ? 
_reflns.limit_k_max                  ? 
_reflns.limit_k_min                  ? 
_reflns.limit_l_max                  ? 
_reflns.limit_l_min                  ? 
_reflns.observed_criterion_F_max     ? 
_reflns.observed_criterion_F_min     ? 
_reflns.pdbx_chi_squared             ? 
_reflns.pdbx_scaling_rejects         ? 
_reflns.pdbx_ordinal                 1 
_reflns.pdbx_diffrn_id               1 
# 
_reflns_shell.d_res_high             1.5 
_reflns_shell.d_res_low              1.55 
_reflns_shell.percent_possible_all   96.9 
_reflns_shell.Rmerge_I_obs           ? 
_reflns_shell.pdbx_Rsym_value        0.457 
_reflns_shell.meanI_over_sigI_obs    4.14 
_reflns_shell.pdbx_redundancy        7.4 
_reflns_shell.percent_possible_obs   ? 
_reflns_shell.number_unique_all      2640 
_reflns_shell.number_measured_all    ? 
_reflns_shell.number_measured_obs    ? 
_reflns_shell.number_unique_obs      ? 
_reflns_shell.pdbx_chi_squared       ? 
_reflns_shell.pdbx_ordinal           1 
_reflns_shell.pdbx_diffrn_id         1 
# 
_refine.entry_id                                 2CVI 
_refine.ls_d_res_high                            1.5 
_refine.ls_d_res_low                             15 
_refine.pdbx_ls_sigma_F                          0 
_refine.pdbx_ls_sigma_I                          0 
_refine.ls_number_reflns_all                     27296 
_refine.ls_number_reflns_obs                     24549 
_refine.ls_number_reflns_R_free                  2747 
_refine.ls_percent_reflns_obs                    89.4 
_refine.ls_R_factor_all                          ? 
_refine.ls_R_factor_obs                          ? 
_refine.ls_R_factor_R_work                       0.2035 
_refine.ls_R_factor_R_free                       0.2308 
_refine.ls_redundancy_reflns_obs                 ? 
_refine.pdbx_data_cutoff_high_absF               ? 
_refine.pdbx_data_cutoff_low_absF                ? 
_refine.ls_number_parameters                     ? 
_refine.ls_number_restraints                     ? 
_refine.ls_percent_reflns_R_free                 ? 
_refine.ls_R_factor_R_free_error                 ? 
_refine.ls_R_factor_R_free_error_details         ? 
_refine.pdbx_method_to_determine_struct          SAD 
_refine.pdbx_starting_model                      ? 
_refine.pdbx_ls_cross_valid_method               ? 
_refine.pdbx_R_Free_selection_details            RANDOM 
_refine.pdbx_stereochem_target_val_spec_case     ? 
_refine.pdbx_stereochemistry_target_values       'Engh & Huber' 
_refine.solvent_model_details                    ? 
_refine.solvent_model_param_bsol                 ? 
_refine.solvent_model_param_ksol                 ? 
_refine.occupancy_max                            ? 
_refine.occupancy_min                            ? 
_refine.pdbx_isotropic_thermal_model             ? 
_refine.B_iso_mean                               21.9 
_refine.aniso_B[1][1]                            2.646 
_refine.aniso_B[1][2]                            1.002 
_refine.aniso_B[1][3]                            0 
_refine.aniso_B[2][2]                            2.646 
_refine.aniso_B[2][3]                            0 
_refine.aniso_B[3][3]                            -5.292 
_refine.details                                  ? 
_refine.B_iso_min                                ? 
_refine.B_iso_max                                ? 
_refine.correlation_coeff_Fo_to_Fc               ? 
_refine.correlation_coeff_Fo_to_Fc_free          ? 
_refine.pdbx_solvent_vdw_probe_radii             ? 
_refine.pdbx_solvent_ion_probe_radii             ? 
_refine.pdbx_solvent_shrinkage_radii             ? 
_refine.overall_SU_R_Cruickshank_DPI             ? 
_refine.overall_SU_R_free                        ? 
_refine.overall_SU_ML                            ? 
_refine.overall_SU_B                             ? 
_refine.pdbx_overall_ESU_R_Free                  ? 
_refine.pdbx_data_cutoff_high_rms_absF           ? 
_refine.pdbx_overall_ESU_R                       ? 
_refine.ls_wR_factor_R_free                      ? 
_refine.ls_wR_factor_R_work                      ? 
_refine.overall_FOM_free_R_set                   ? 
_refine.overall_FOM_work_R_set                   ? 
_refine.pdbx_refine_id                           'X-RAY DIFFRACTION' 
_refine.pdbx_diffrn_id                           1 
_refine.pdbx_TLS_residual_ADP_flag               ? 
_refine.pdbx_overall_phase_error                 ? 
_refine.pdbx_overall_SU_R_free_Cruickshank_DPI   ? 
_refine.pdbx_overall_SU_R_Blow_DPI               ? 
_refine.pdbx_overall_SU_R_free_Blow_DPI          ? 
# 
_refine_analyze.entry_id                        2CVI 
_refine_analyze.Luzzati_coordinate_error_obs    0.18 
_refine_analyze.Luzzati_sigma_a_obs             0.12 
_refine_analyze.Luzzati_d_res_low_obs           5 
_refine_analyze.Luzzati_coordinate_error_free   0.21 
_refine_analyze.Luzzati_sigma_a_free            0.13 
_refine_analyze.Luzzati_d_res_low_free          ? 
_refine_analyze.number_disordered_residues      ? 
_refine_analyze.occupancy_sum_non_hydrogen      ? 
_refine_analyze.occupancy_sum_hydrogen          ? 
_refine_analyze.pdbx_Luzzati_d_res_high_obs     ? 
_refine_analyze.pdbx_refine_id                  'X-RAY DIFFRACTION' 
# 
_refine_hist.pdbx_refine_id                   'X-RAY DIFFRACTION' 
_refine_hist.cycle_id                         LAST 
_refine_hist.pdbx_number_atoms_protein        1350 
_refine_hist.pdbx_number_atoms_nucleic_acid   0 
_refine_hist.pdbx_number_atoms_ligand         10 
_refine_hist.number_atoms_solvent             166 
_refine_hist.number_atoms_total               1526 
_refine_hist.d_res_high                       1.5 
_refine_hist.d_res_low                        15 
# 
loop_
_refine_ls_restr.type 
_refine_ls_restr.dev_ideal 
_refine_ls_restr.dev_ideal_target 
_refine_ls_restr.weight 
_refine_ls_restr.number 
_refine_ls_restr.pdbx_refine_id 
_refine_ls_restr.pdbx_restraint_function 
c_bond_d           0.014 ? ? ? 'X-RAY DIFFRACTION' ? 
c_angle_deg        1.84  ? ? ? 'X-RAY DIFFRACTION' ? 
c_dihedral_angle_d 26.44 ? ? ? 'X-RAY DIFFRACTION' ? 
c_improper_angle_d 1.07  ? ? ? 'X-RAY DIFFRACTION' ? 
# 
_refine_ls_shell.pdbx_total_number_of_bins_used   ? 
_refine_ls_shell.d_res_high                       1.5 
_refine_ls_shell.d_res_low                        1.55 
_refine_ls_shell.number_reflns_R_work             ? 
_refine_ls_shell.R_factor_R_work                  0.246 
_refine_ls_shell.percent_reflns_obs               97 
_refine_ls_shell.R_factor_R_free                  0.265 
_refine_ls_shell.R_factor_R_free_error            ? 
_refine_ls_shell.percent_reflns_R_free            ? 
_refine_ls_shell.number_reflns_R_free             249 
_refine_ls_shell.number_reflns_obs                2613 
_refine_ls_shell.redundancy_reflns_obs            ? 
_refine_ls_shell.number_reflns_all                ? 
_refine_ls_shell.R_factor_all                     ? 
_refine_ls_shell.pdbx_refine_id                   'X-RAY DIFFRACTION' 
# 
_struct.entry_id                  2CVI 
_struct.title                     'Crystal structure of hypothetical protein PHS023 from Pyrococcus horikoshii' 
_struct.pdbx_model_details        ? 
_struct.pdbx_CASP_flag            ? 
_struct.pdbx_model_type_details   ? 
# 
_struct_keywords.entry_id        2CVI 
_struct_keywords.pdbx_keywords   'STRUCTURAL GENOMICS, UNKNOWN FUNCTION' 
_struct_keywords.text            'structural genomics, UNKNOWN FUNCTION' 
# 
loop_
_struct_asym.id 
_struct_asym.pdbx_blank_PDB_chainid_flag 
_struct_asym.pdbx_modified 
_struct_asym.entity_id 
_struct_asym.details 
A N N 1 ? 
B N N 1 ? 
C N N 2 ? 
D N N 2 ? 
E N N 3 ? 
F N N 4 ? 
G N N 4 ? 
# 
_struct_ref.id                         1 
_struct_ref.db_name                    UNP 
_struct_ref.db_code                    O73983_PYRHO 
_struct_ref.pdbx_db_accession          O73983 
_struct_ref.entity_id                  1 
_struct_ref.pdbx_align_begin           1 
_struct_ref.pdbx_db_isoform            ? 
_struct_ref.pdbx_seq_one_letter_code   ? 
# 
loop_
_struct_ref_seq.align_id 
_struct_ref_seq.ref_id 
_struct_ref_seq.pdbx_PDB_id_code 
_struct_ref_seq.pdbx_strand_id 
_struct_ref_seq.seq_align_beg 
_struct_ref_seq.pdbx_seq_align_beg_ins_code 
_struct_ref_seq.seq_align_end 
_struct_ref_seq.pdbx_seq_align_end_ins_code 
_struct_ref_seq.pdbx_db_accession 
_struct_ref_seq.db_align_beg 
_struct_ref_seq.pdbx_db_align_beg_ins_code 
_struct_ref_seq.db_align_end 
_struct_ref_seq.pdbx_db_align_end_ins_code 
_struct_ref_seq.pdbx_auth_seq_align_beg 
_struct_ref_seq.pdbx_auth_seq_align_end 
1 1 2CVI A 1 ? 75 ? O73983 1 ? 75 ? 1 75 
2 1 2CVI B 1 ? 75 ? O73983 1 ? 75 ? 1 75 
# 
loop_
_struct_ref_seq_dif.align_id 
_struct_ref_seq_dif.pdbx_pdb_id_code 
_struct_ref_seq_dif.mon_id 
_struct_ref_seq_dif.pdbx_pdb_strand_id 
_struct_ref_seq_dif.seq_num 
_struct_ref_seq_dif.pdbx_pdb_ins_code 
_struct_ref_seq_dif.pdbx_seq_db_name 
_struct_ref_seq_dif.pdbx_seq_db_accession_code 
_struct_ref_seq_dif.db_mon_id 
_struct_ref_seq_dif.pdbx_seq_db_seq_num 
_struct_ref_seq_dif.details 
_struct_ref_seq_dif.pdbx_auth_seq_num 
_struct_ref_seq_dif.pdbx_ordinal 
1 2CVI LEU A 76 ? UNP O73983 ? ? 'expression tag' 76 1  
1 2CVI GLU A 77 ? UNP O73983 ? ? 'expression tag' 77 2  
1 2CVI HIS A 78 ? UNP O73983 ? ? 'expression tag' 78 3  
1 2CVI HIS A 79 ? UNP O73983 ? ? 'expression tag' 79 4  
1 2CVI HIS A 80 ? UNP O73983 ? ? 'expression tag' 80 5  
1 2CVI HIS A 81 ? UNP O73983 ? ? 'expression tag' 81 6  
1 2CVI HIS A 82 ? UNP O73983 ? ? 'expression tag' 82 7  
1 2CVI HIS A 83 ? UNP O73983 ? ? 'expression tag' 83 8  
2 2CVI LEU B 76 ? UNP O73983 ? ? 'expression tag' 76 9  
2 2CVI GLU B 77 ? UNP O73983 ? ? 'expression tag' 77 10 
2 2CVI HIS B 78 ? UNP O73983 ? ? 'expression tag' 78 11 
2 2CVI HIS B 79 ? UNP O73983 ? ? 'expression tag' 79 12 
2 2CVI HIS B 80 ? UNP O73983 ? ? 'expression tag' 80 13 
2 2CVI HIS B 81 ? UNP O73983 ? ? 'expression tag' 81 14 
2 2CVI HIS B 82 ? UNP O73983 ? ? 'expression tag' 82 15 
2 2CVI HIS B 83 ? UNP O73983 ? ? 'expression tag' 83 16 
# 
_pdbx_struct_assembly.id                   1 
_pdbx_struct_assembly.details              author_and_software_defined_assembly 
_pdbx_struct_assembly.method_details       PISA 
_pdbx_struct_assembly.oligomeric_details   dimeric 
_pdbx_struct_assembly.oligomeric_count     2 
# 
loop_
_pdbx_struct_assembly_prop.biol_id 
_pdbx_struct_assembly_prop.type 
_pdbx_struct_assembly_prop.value 
_pdbx_struct_assembly_prop.details 
1 'ABSA (A^2)' 2390 ? 
1 MORE         -29  ? 
1 'SSA (A^2)'  9750 ? 
# 
_pdbx_struct_assembly_gen.assembly_id       1 
_pdbx_struct_assembly_gen.oper_expression   1 
_pdbx_struct_assembly_gen.asym_id_list      A,B,C,D,E,F,G 
# 
_pdbx_struct_oper_list.id                   1 
_pdbx_struct_oper_list.type                 'identity operation' 
_pdbx_struct_oper_list.name                 1_555 
_pdbx_struct_oper_list.symmetry_operation   x,y,z 
_pdbx_struct_oper_list.matrix[1][1]         1.0000000000 
_pdbx_struct_oper_list.matrix[1][2]         0.0000000000 
_pdbx_struct_oper_list.matrix[1][3]         0.0000000000 
_pdbx_struct_oper_list.vector[1]            0.0000000000 
_pdbx_struct_oper_list.matrix[2][1]         0.0000000000 
_pdbx_struct_oper_list.matrix[2][2]         1.0000000000 
_pdbx_struct_oper_list.matrix[2][3]         0.0000000000 
_pdbx_struct_oper_list.vector[2]            0.0000000000 
_pdbx_struct_oper_list.matrix[3][1]         0.0000000000 
_pdbx_struct_oper_list.matrix[3][2]         0.0000000000 
_pdbx_struct_oper_list.matrix[3][3]         1.0000000000 
_pdbx_struct_oper_list.vector[3]            0.0000000000 
# 
_struct_biol.id   1 
# 
loop_
_struct_conf.conf_type_id 
_struct_conf.id 
_struct_conf.pdbx_PDB_helix_id 
_struct_conf.beg_label_comp_id 
_struct_conf.beg_label_asym_id 
_struct_conf.beg_label_seq_id 
_struct_conf.pdbx_beg_PDB_ins_code 
_struct_conf.end_label_comp_id 
_struct_conf.end_label_asym_id 
_struct_conf.end_label_seq_id 
_struct_conf.pdbx_end_PDB_ins_code 
_struct_conf.beg_auth_comp_id 
_struct_conf.beg_auth_asym_id 
_struct_conf.beg_auth_seq_id 
_struct_conf.end_auth_comp_id 
_struct_conf.end_auth_asym_id 
_struct_conf.end_auth_seq_id 
_struct_conf.pdbx_PDB_helix_class 
_struct_conf.details 
_struct_conf.pdbx_PDB_helix_length 
HELX_P HELX_P1 1 LYS A 14 ? ALA A 24 ? LYS A 14 ALA A 24 1 ? 11 
HELX_P HELX_P2 2 THR A 48 ? GLU A 58 ? THR A 48 GLU A 58 1 ? 11 
HELX_P HELX_P3 3 LYS A 59 ? MET A 63 ? LYS A 59 MET A 63 5 ? 5  
HELX_P HELX_P4 4 LYS B 14 ? ALA B 24 ? LYS B 14 ALA B 24 1 ? 11 
HELX_P HELX_P5 5 THR B 48 ? LYS B 59 ? THR B 48 LYS B 59 1 ? 12 
HELX_P HELX_P6 6 ILE B 60 ? MET B 63 ? ILE B 60 MET B 63 5 ? 4  
# 
_struct_conf_type.id          HELX_P 
_struct_conf_type.criteria    ? 
_struct_conf_type.reference   ? 
# 
loop_
_struct_conn.id 
_struct_conn.conn_type_id 
_struct_conn.pdbx_leaving_atom_flag 
_struct_conn.pdbx_PDB_id 
_struct_conn.ptnr1_label_asym_id 
_struct_conn.ptnr1_label_comp_id 
_struct_conn.ptnr1_label_seq_id 
_struct_conn.ptnr1_label_atom_id 
_struct_conn.pdbx_ptnr1_label_alt_id 
_struct_conn.pdbx_ptnr1_PDB_ins_code 
_struct_conn.pdbx_ptnr1_standard_comp_id 
_struct_conn.ptnr1_symmetry 
_struct_conn.ptnr2_label_asym_id 
_struct_conn.ptnr2_label_comp_id 
_struct_conn.ptnr2_label_seq_id 
_struct_conn.ptnr2_label_atom_id 
_struct_conn.pdbx_ptnr2_label_alt_id 
_struct_conn.pdbx_ptnr2_PDB_ins_code 
_struct_conn.ptnr1_auth_asym_id 
_struct_conn.ptnr1_auth_comp_id 
_struct_conn.ptnr1_auth_seq_id 
_struct_conn.ptnr2_auth_asym_id 
_struct_conn.ptnr2_auth_comp_id 
_struct_conn.ptnr2_auth_seq_id 
_struct_conn.ptnr2_symmetry 
_struct_conn.pdbx_ptnr3_label_atom_id 
_struct_conn.pdbx_ptnr3_label_seq_id 
_struct_conn.pdbx_ptnr3_label_comp_id 
_struct_conn.pdbx_ptnr3_label_asym_id 
_struct_conn.pdbx_ptnr3_label_alt_id 
_struct_conn.pdbx_ptnr3_PDB_ins_code 
_struct_conn.details 
_struct_conn.pdbx_dist_value 
_struct_conn.pdbx_value_order 
_struct_conn.pdbx_role 
metalc1  metalc ? ? A LEU 23 O ? ? ? 1_555 C K   . K ? ? A LEU 23   A K   1091 1_555 ? ? ? ? ? ? ? 2.610 ? ? 
metalc2  metalc ? ? A MET 25 O ? ? ? 1_555 C K   . K ? ? A MET 25   A K   1091 1_555 ? ? ? ? ? ? ? 2.716 ? ? 
metalc3  metalc ? ? A VAL 28 O ? ? ? 1_555 C K   . K ? ? A VAL 28   A K   1091 1_555 ? ? ? ? ? ? ? 2.482 ? ? 
metalc4  metalc ? ? C K   .  K ? ? ? 1_555 F HOH . O ? ? A K   1091 A HOH 1133 1_555 ? ? ? ? ? ? ? 3.262 ? ? 
metalc5  metalc ? ? B LEU 23 O ? ? ? 1_555 D K   . K ? ? B LEU 23   B K   1092 1_555 ? ? ? ? ? ? ? 2.631 ? ? 
metalc6  metalc ? ? B MET 25 O ? ? ? 1_555 D K   . K ? ? B MET 25   B K   1092 1_555 ? ? ? ? ? ? ? 2.637 ? ? 
metalc7  metalc ? ? B VAL 28 O ? ? ? 1_555 D K   . K ? ? B VAL 28   B K   1092 1_555 ? ? ? ? ? ? ? 2.558 ? ? 
metalc8  metalc ? ? D K   .  K ? ? ? 1_555 G HOH . O ? ? B K   1092 B HOH 1110 1_555 ? ? ? ? ? ? ? 2.991 ? ? 
metalc9  metalc ? ? D K   .  K ? ? ? 1_555 G HOH . O ? ? B K   1092 B HOH 1115 1_555 ? ? ? ? ? ? ? 2.931 ? ? 
metalc10 metalc ? ? D K   .  K ? ? ? 1_555 G HOH . O ? ? B K   1092 B HOH 1180 1_555 ? ? ? ? ? ? ? 2.604 ? ? 
# 
_struct_conn_type.id          metalc 
_struct_conn_type.criteria    ? 
_struct_conn_type.reference   ? 
# 
loop_
_pdbx_struct_conn_angle.id 
_pdbx_struct_conn_angle.ptnr1_label_atom_id 
_pdbx_struct_conn_angle.ptnr1_label_alt_id 
_pdbx_struct_conn_angle.ptnr1_label_asym_id 
_pdbx_struct_conn_angle.ptnr1_label_comp_id 
_pdbx_struct_conn_angle.ptnr1_label_seq_id 
_pdbx_struct_conn_angle.ptnr1_auth_atom_id 
_pdbx_struct_conn_angle.ptnr1_auth_asym_id 
_pdbx_struct_conn_angle.ptnr1_auth_comp_id 
_pdbx_struct_conn_angle.ptnr1_auth_seq_id 
_pdbx_struct_conn_angle.ptnr1_PDB_ins_code 
_pdbx_struct_conn_angle.ptnr1_symmetry 
_pdbx_struct_conn_angle.ptnr2_label_atom_id 
_pdbx_struct_conn_angle.ptnr2_label_alt_id 
_pdbx_struct_conn_angle.ptnr2_label_asym_id 
_pdbx_struct_conn_angle.ptnr2_label_comp_id 
_pdbx_struct_conn_angle.ptnr2_label_seq_id 
_pdbx_struct_conn_angle.ptnr2_auth_atom_id 
_pdbx_struct_conn_angle.ptnr2_auth_asym_id 
_pdbx_struct_conn_angle.ptnr2_auth_comp_id 
_pdbx_struct_conn_angle.ptnr2_auth_seq_id 
_pdbx_struct_conn_angle.ptnr2_PDB_ins_code 
_pdbx_struct_conn_angle.ptnr2_symmetry 
_pdbx_struct_conn_angle.ptnr3_label_atom_id 
_pdbx_struct_conn_angle.ptnr3_label_alt_id 
_pdbx_struct_conn_angle.ptnr3_label_asym_id 
_pdbx_struct_conn_angle.ptnr3_label_comp_id 
_pdbx_struct_conn_angle.ptnr3_label_seq_id 
_pdbx_struct_conn_angle.ptnr3_auth_atom_id 
_pdbx_struct_conn_angle.ptnr3_auth_asym_id 
_pdbx_struct_conn_angle.ptnr3_auth_comp_id 
_pdbx_struct_conn_angle.ptnr3_auth_seq_id 
_pdbx_struct_conn_angle.ptnr3_PDB_ins_code 
_pdbx_struct_conn_angle.ptnr3_symmetry 
_pdbx_struct_conn_angle.value 
_pdbx_struct_conn_angle.value_esd 
1  O ? A LEU 23 ? A LEU 23   ? 1_555 K ? C K . ? A K 1091 ? 1_555 O ? A MET 25 ? A MET 25   ? 1_555 88.7  ? 
2  O ? A LEU 23 ? A LEU 23   ? 1_555 K ? C K . ? A K 1091 ? 1_555 O ? A VAL 28 ? A VAL 28   ? 1_555 106.5 ? 
3  O ? A MET 25 ? A MET 25   ? 1_555 K ? C K . ? A K 1091 ? 1_555 O ? A VAL 28 ? A VAL 28   ? 1_555 81.4  ? 
4  O ? A LEU 23 ? A LEU 23   ? 1_555 K ? C K . ? A K 1091 ? 1_555 O ? F HOH .  ? A HOH 1133 ? 1_555 92.2  ? 
5  O ? A MET 25 ? A MET 25   ? 1_555 K ? C K . ? A K 1091 ? 1_555 O ? F HOH .  ? A HOH 1133 ? 1_555 73.0  ? 
6  O ? A VAL 28 ? A VAL 28   ? 1_555 K ? C K . ? A K 1091 ? 1_555 O ? F HOH .  ? A HOH 1133 ? 1_555 147.9 ? 
7  O ? B LEU 23 ? B LEU 23   ? 1_555 K ? D K . ? B K 1092 ? 1_555 O ? B MET 25 ? B MET 25   ? 1_555 86.4  ? 
8  O ? B LEU 23 ? B LEU 23   ? 1_555 K ? D K . ? B K 1092 ? 1_555 O ? B VAL 28 ? B VAL 28   ? 1_555 115.4 ? 
9  O ? B MET 25 ? B MET 25   ? 1_555 K ? D K . ? B K 1092 ? 1_555 O ? B VAL 28 ? B VAL 28   ? 1_555 82.9  ? 
10 O ? B LEU 23 ? B LEU 23   ? 1_555 K ? D K . ? B K 1092 ? 1_555 O ? G HOH .  ? B HOH 1110 ? 1_555 93.1  ? 
11 O ? B MET 25 ? B MET 25   ? 1_555 K ? D K . ? B K 1092 ? 1_555 O ? G HOH .  ? B HOH 1110 ? 1_555 99.0  ? 
12 O ? B VAL 28 ? B VAL 28   ? 1_555 K ? D K . ? B K 1092 ? 1_555 O ? G HOH .  ? B HOH 1110 ? 1_555 151.4 ? 
13 O ? B LEU 23 ? B LEU 23   ? 1_555 K ? D K . ? B K 1092 ? 1_555 O ? G HOH .  ? B HOH 1115 ? 1_555 163.4 ? 
14 O ? B MET 25 ? B MET 25   ? 1_555 K ? D K . ? B K 1092 ? 1_555 O ? G HOH .  ? B HOH 1115 ? 1_555 95.6  ? 
15 O ? B VAL 28 ? B VAL 28   ? 1_555 K ? D K . ? B K 1092 ? 1_555 O ? G HOH .  ? B HOH 1115 ? 1_555 81.1  ? 
16 O ? G HOH .  ? B HOH 1110 ? 1_555 K ? D K . ? B K 1092 ? 1_555 O ? G HOH .  ? B HOH 1115 ? 1_555 70.4  ? 
17 O ? B LEU 23 ? B LEU 23   ? 1_555 K ? D K . ? B K 1092 ? 1_555 O ? G HOH .  ? B HOH 1180 ? 1_555 82.2  ? 
18 O ? B MET 25 ? B MET 25   ? 1_555 K ? D K . ? B K 1092 ? 1_555 O ? G HOH .  ? B HOH 1180 ? 1_555 155.0 ? 
19 O ? B VAL 28 ? B VAL 28   ? 1_555 K ? D K . ? B K 1092 ? 1_555 O ? G HOH .  ? B HOH 1180 ? 1_555 82.1  ? 
20 O ? G HOH .  ? B HOH 1110 ? 1_555 K ? D K . ? B K 1092 ? 1_555 O ? G HOH .  ? B HOH 1180 ? 1_555 103.7 ? 
21 O ? G HOH .  ? B HOH 1115 ? 1_555 K ? D K . ? B K 1092 ? 1_555 O ? G HOH .  ? B HOH 1180 ? 1_555 101.6 ? 
# 
_struct_sheet.id               A 
_struct_sheet.type             ? 
_struct_sheet.number_strands   8 
_struct_sheet.details          ? 
# 
loop_
_struct_sheet_order.sheet_id 
_struct_sheet_order.range_id_1 
_struct_sheet_order.range_id_2 
_struct_sheet_order.offset 
_struct_sheet_order.sense 
A 1 2 ? anti-parallel 
A 2 3 ? anti-parallel 
A 3 4 ? anti-parallel 
A 4 5 ? anti-parallel 
A 5 6 ? anti-parallel 
A 6 7 ? anti-parallel 
A 7 8 ? anti-parallel 
# 
loop_
_struct_sheet_range.sheet_id 
_struct_sheet_range.id 
_struct_sheet_range.beg_label_comp_id 
_struct_sheet_range.beg_label_asym_id 
_struct_sheet_range.beg_label_seq_id 
_struct_sheet_range.pdbx_beg_PDB_ins_code 
_struct_sheet_range.end_label_comp_id 
_struct_sheet_range.end_label_asym_id 
_struct_sheet_range.end_label_seq_id 
_struct_sheet_range.pdbx_end_PDB_ins_code 
_struct_sheet_range.beg_auth_comp_id 
_struct_sheet_range.beg_auth_asym_id 
_struct_sheet_range.beg_auth_seq_id 
_struct_sheet_range.end_auth_comp_id 
_struct_sheet_range.end_auth_asym_id 
_struct_sheet_range.end_auth_seq_id 
A 1 VAL A 28 ? VAL A 33 ? VAL A 28 VAL A 33 
A 2 LEU A 40 ? THR A 46 ? LEU A 40 THR A 46 
A 3 VAL A 2  ? THR A 10 ? VAL A 2  THR A 10 
A 4 ILE A 66 ? GLU A 77 ? ILE A 66 GLU A 77 
A 5 VAL B 28 ? TYR B 35 ? VAL B 28 TYR B 35 
A 6 LEU B 40 ? THR B 46 ? LEU B 40 THR B 46 
A 7 VAL B 2  ? THR B 10 ? VAL B 2  THR B 10 
A 8 ILE B 66 ? ILE B 75 ? ILE B 66 ILE B 75 
# 
loop_
_pdbx_struct_sheet_hbond.sheet_id 
_pdbx_struct_sheet_hbond.range_id_1 
_pdbx_struct_sheet_hbond.range_id_2 
_pdbx_struct_sheet_hbond.range_1_label_atom_id 
_pdbx_struct_sheet_hbond.range_1_label_comp_id 
_pdbx_struct_sheet_hbond.range_1_label_asym_id 
_pdbx_struct_sheet_hbond.range_1_label_seq_id 
_pdbx_struct_sheet_hbond.range_1_PDB_ins_code 
_pdbx_struct_sheet_hbond.range_1_auth_atom_id 
_pdbx_struct_sheet_hbond.range_1_auth_comp_id 
_pdbx_struct_sheet_hbond.range_1_auth_asym_id 
_pdbx_struct_sheet_hbond.range_1_auth_seq_id 
_pdbx_struct_sheet_hbond.range_2_label_atom_id 
_pdbx_struct_sheet_hbond.range_2_label_comp_id 
_pdbx_struct_sheet_hbond.range_2_label_asym_id 
_pdbx_struct_sheet_hbond.range_2_label_seq_id 
_pdbx_struct_sheet_hbond.range_2_PDB_ins_code 
_pdbx_struct_sheet_hbond.range_2_auth_atom_id 
_pdbx_struct_sheet_hbond.range_2_auth_comp_id 
_pdbx_struct_sheet_hbond.range_2_auth_asym_id 
_pdbx_struct_sheet_hbond.range_2_auth_seq_id 
A 1 2 N LYS A 29 ? N LYS A 29 O LYS A 43 ? O LYS A 43 
A 2 3 O THR A 46 ? O THR A 46 N VAL A 2  ? N VAL A 2  
A 3 4 N PHE A 5  ? N PHE A 5  O MET A 72 ? O MET A 72 
A 4 5 N ILE A 75 ? N ILE A 75 O VAL B 33 ? O VAL B 33 
A 5 6 N GLU B 30 ? N GLU B 30 O LYS B 43 ? O LYS B 43 
A 6 7 O VAL B 44 ? O VAL B 44 N ALA B 4  ? N ALA B 4  
A 7 8 N PHE B 5  ? N PHE B 5  O MET B 72 ? O MET B 72 
# 
loop_
_struct_site.id 
_struct_site.pdbx_evidence_code 
_struct_site.pdbx_auth_asym_id 
_struct_site.pdbx_auth_comp_id 
_struct_site.pdbx_auth_seq_id 
_struct_site.pdbx_auth_ins_code 
_struct_site.pdbx_num_residues 
_struct_site.details 
AC1 Software A K   1091 ? 3 'BINDING SITE FOR RESIDUE K A 1091'   
AC2 Software B K   1092 ? 6 'BINDING SITE FOR RESIDUE K B 1092'   
AC3 Software B MPD 1100 ? 7 'BINDING SITE FOR RESIDUE MPD B 1100' 
# 
loop_
_struct_site_gen.id 
_struct_site_gen.site_id 
_struct_site_gen.pdbx_num_res 
_struct_site_gen.label_comp_id 
_struct_site_gen.label_asym_id 
_struct_site_gen.label_seq_id 
_struct_site_gen.pdbx_auth_ins_code 
_struct_site_gen.auth_comp_id 
_struct_site_gen.auth_asym_id 
_struct_site_gen.auth_seq_id 
_struct_site_gen.label_atom_id 
_struct_site_gen.label_alt_id 
_struct_site_gen.symmetry 
_struct_site_gen.details 
1  AC1 3 LEU A 23 ? LEU A 23   . ? 1_555 ? 
2  AC1 3 MET A 25 ? MET A 25   . ? 1_555 ? 
3  AC1 3 VAL A 28 ? VAL A 28   . ? 1_555 ? 
4  AC2 6 LEU B 23 ? LEU B 23   . ? 1_555 ? 
5  AC2 6 MET B 25 ? MET B 25   . ? 1_555 ? 
6  AC2 6 VAL B 28 ? VAL B 28   . ? 1_555 ? 
7  AC2 6 HOH G .  ? HOH B 1110 . ? 1_555 ? 
8  AC2 6 HOH G .  ? HOH B 1115 . ? 1_555 ? 
9  AC2 6 HOH G .  ? HOH B 1180 . ? 1_555 ? 
10 AC3 7 VAL A 33 ? VAL A 33   . ? 1_555 ? 
11 AC3 7 TYR A 35 ? TYR A 35   . ? 1_555 ? 
12 AC3 7 GLU B 15 ? GLU B 15   . ? 4_455 ? 
13 AC3 7 ILE B 73 ? ILE B 73   . ? 1_555 ? 
14 AC3 7 ALA B 74 ? ALA B 74   . ? 1_555 ? 
15 AC3 7 ILE B 75 ? ILE B 75   . ? 1_555 ? 
16 AC3 7 HOH G .  ? HOH B 1183 . ? 1_555 ? 
# 
_pdbx_validate_rmsd_bond.id                        1 
_pdbx_validate_rmsd_bond.PDB_model_num             1 
_pdbx_validate_rmsd_bond.auth_atom_id_1            CA 
_pdbx_validate_rmsd_bond.auth_asym_id_1            B 
_pdbx_validate_rmsd_bond.auth_comp_id_1            HIS 
_pdbx_validate_rmsd_bond.auth_seq_id_1             83 
_pdbx_validate_rmsd_bond.PDB_ins_code_1            ? 
_pdbx_validate_rmsd_bond.label_alt_id_1            ? 
_pdbx_validate_rmsd_bond.auth_atom_id_2            CB 
_pdbx_validate_rmsd_bond.auth_asym_id_2            B 
_pdbx_validate_rmsd_bond.auth_comp_id_2            HIS 
_pdbx_validate_rmsd_bond.auth_seq_id_2             83 
_pdbx_validate_rmsd_bond.PDB_ins_code_2            ? 
_pdbx_validate_rmsd_bond.label_alt_id_2            ? 
_pdbx_validate_rmsd_bond.bond_value                1.381 
_pdbx_validate_rmsd_bond.bond_target_value         1.535 
_pdbx_validate_rmsd_bond.bond_deviation            -0.154 
_pdbx_validate_rmsd_bond.bond_standard_deviation   0.022 
_pdbx_validate_rmsd_bond.linker_flag               N 
# 
loop_
_pdbx_validate_rmsd_angle.id 
_pdbx_validate_rmsd_angle.PDB_model_num 
_pdbx_validate_rmsd_angle.auth_atom_id_1 
_pdbx_validate_rmsd_angle.auth_asym_id_1 
_pdbx_validate_rmsd_angle.auth_comp_id_1 
_pdbx_validate_rmsd_angle.auth_seq_id_1 
_pdbx_validate_rmsd_angle.PDB_ins_code_1 
_pdbx_validate_rmsd_angle.label_alt_id_1 
_pdbx_validate_rmsd_angle.auth_atom_id_2 
_pdbx_validate_rmsd_angle.auth_asym_id_2 
_pdbx_validate_rmsd_angle.auth_comp_id_2 
_pdbx_validate_rmsd_angle.auth_seq_id_2 
_pdbx_validate_rmsd_angle.PDB_ins_code_2 
_pdbx_validate_rmsd_angle.label_alt_id_2 
_pdbx_validate_rmsd_angle.auth_atom_id_3 
_pdbx_validate_rmsd_angle.auth_asym_id_3 
_pdbx_validate_rmsd_angle.auth_comp_id_3 
_pdbx_validate_rmsd_angle.auth_seq_id_3 
_pdbx_validate_rmsd_angle.PDB_ins_code_3 
_pdbx_validate_rmsd_angle.label_alt_id_3 
_pdbx_validate_rmsd_angle.angle_value 
_pdbx_validate_rmsd_angle.angle_target_value 
_pdbx_validate_rmsd_angle.angle_deviation 
_pdbx_validate_rmsd_angle.angle_standard_deviation 
_pdbx_validate_rmsd_angle.linker_flag 
1 1 CG B MET 72 ? ? SD B MET 72 ? ? CE B MET 72 ? ? 116.80 100.20 16.60 1.60 N 
2 1 CA B HIS 83 ? ? CB B HIS 83 ? ? CG B HIS 83 ? ? 126.95 113.60 13.35 1.70 N 
# 
_pdbx_validate_torsion.id              1 
_pdbx_validate_torsion.PDB_model_num   1 
_pdbx_validate_torsion.auth_comp_id    LYS 
_pdbx_validate_torsion.auth_asym_id    B 
_pdbx_validate_torsion.auth_seq_id     59 
_pdbx_validate_torsion.PDB_ins_code    ? 
_pdbx_validate_torsion.label_alt_id    ? 
_pdbx_validate_torsion.phi             -102.29 
_pdbx_validate_torsion.psi             -69.85 
# 
_pdbx_SG_project.id                    1 
_pdbx_SG_project.project_name          'NPPSFA, National Project on Protein Structural and Functional Analyses' 
_pdbx_SG_project.full_name_of_center   ? 
_pdbx_SG_project.initial_of_center     ? 
# 
loop_
_chem_comp_atom.comp_id 
_chem_comp_atom.atom_id 
_chem_comp_atom.type_symbol 
_chem_comp_atom.pdbx_aromatic_flag 
_chem_comp_atom.pdbx_stereo_config 
_chem_comp_atom.pdbx_ordinal 
ALA N    N N N 1   
ALA CA   C N S 2   
ALA C    C N N 3   
ALA O    O N N 4   
ALA CB   C N N 5   
ALA OXT  O N N 6   
ALA H    H N N 7   
ALA H2   H N N 8   
ALA HA   H N N 9   
ALA HB1  H N N 10  
ALA HB2  H N N 11  
ALA HB3  H N N 12  
ALA HXT  H N N 13  
ARG N    N N N 14  
ARG CA   C N S 15  
ARG C    C N N 16  
ARG O    O N N 17  
ARG CB   C N N 18  
ARG CG   C N N 19  
ARG CD   C N N 20  
ARG NE   N N N 21  
ARG CZ   C N N 22  
ARG NH1  N N N 23  
ARG NH2  N N N 24  
ARG OXT  O N N 25  
ARG H    H N N 26  
ARG H2   H N N 27  
ARG HA   H N N 28  
ARG HB2  H N N 29  
ARG HB3  H N N 30  
ARG HG2  H N N 31  
ARG HG3  H N N 32  
ARG HD2  H N N 33  
ARG HD3  H N N 34  
ARG HE   H N N 35  
ARG HH11 H N N 36  
ARG HH12 H N N 37  
ARG HH21 H N N 38  
ARG HH22 H N N 39  
ARG HXT  H N N 40  
ASP N    N N N 41  
ASP CA   C N S 42  
ASP C    C N N 43  
ASP O    O N N 44  
ASP CB   C N N 45  
ASP CG   C N N 46  
ASP OD1  O N N 47  
ASP OD2  O N N 48  
ASP OXT  O N N 49  
ASP H    H N N 50  
ASP H2   H N N 51  
ASP HA   H N N 52  
ASP HB2  H N N 53  
ASP HB3  H N N 54  
ASP HD2  H N N 55  
ASP HXT  H N N 56  
GLN N    N N N 57  
GLN CA   C N S 58  
GLN C    C N N 59  
GLN O    O N N 60  
GLN CB   C N N 61  
GLN CG   C N N 62  
GLN CD   C N N 63  
GLN OE1  O N N 64  
GLN NE2  N N N 65  
GLN OXT  O N N 66  
GLN H    H N N 67  
GLN H2   H N N 68  
GLN HA   H N N 69  
GLN HB2  H N N 70  
GLN HB3  H N N 71  
GLN HG2  H N N 72  
GLN HG3  H N N 73  
GLN HE21 H N N 74  
GLN HE22 H N N 75  
GLN HXT  H N N 76  
GLU N    N N N 77  
GLU CA   C N S 78  
GLU C    C N N 79  
GLU O    O N N 80  
GLU CB   C N N 81  
GLU CG   C N N 82  
GLU CD   C N N 83  
GLU OE1  O N N 84  
GLU OE2  O N N 85  
GLU OXT  O N N 86  
GLU H    H N N 87  
GLU H2   H N N 88  
GLU HA   H N N 89  
GLU HB2  H N N 90  
GLU HB3  H N N 91  
GLU HG2  H N N 92  
GLU HG3  H N N 93  
GLU HE2  H N N 94  
GLU HXT  H N N 95  
GLY N    N N N 96  
GLY CA   C N N 97  
GLY C    C N N 98  
GLY O    O N N 99  
GLY OXT  O N N 100 
GLY H    H N N 101 
GLY H2   H N N 102 
GLY HA2  H N N 103 
GLY HA3  H N N 104 
GLY HXT  H N N 105 
HIS N    N N N 106 
HIS CA   C N S 107 
HIS C    C N N 108 
HIS O    O N N 109 
HIS CB   C N N 110 
HIS CG   C Y N 111 
HIS ND1  N Y N 112 
HIS CD2  C Y N 113 
HIS CE1  C Y N 114 
HIS NE2  N Y N 115 
HIS OXT  O N N 116 
HIS H    H N N 117 
HIS H2   H N N 118 
HIS HA   H N N 119 
HIS HB2  H N N 120 
HIS HB3  H N N 121 
HIS HD1  H N N 122 
HIS HD2  H N N 123 
HIS HE1  H N N 124 
HIS HE2  H N N 125 
HIS HXT  H N N 126 
HOH O    O N N 127 
HOH H1   H N N 128 
HOH H2   H N N 129 
ILE N    N N N 130 
ILE CA   C N S 131 
ILE C    C N N 132 
ILE O    O N N 133 
ILE CB   C N S 134 
ILE CG1  C N N 135 
ILE CG2  C N N 136 
ILE CD1  C N N 137 
ILE OXT  O N N 138 
ILE H    H N N 139 
ILE H2   H N N 140 
ILE HA   H N N 141 
ILE HB   H N N 142 
ILE HG12 H N N 143 
ILE HG13 H N N 144 
ILE HG21 H N N 145 
ILE HG22 H N N 146 
ILE HG23 H N N 147 
ILE HD11 H N N 148 
ILE HD12 H N N 149 
ILE HD13 H N N 150 
ILE HXT  H N N 151 
K   K    K N N 152 
LEU N    N N N 153 
LEU CA   C N S 154 
LEU C    C N N 155 
LEU O    O N N 156 
LEU CB   C N N 157 
LEU CG   C N N 158 
LEU CD1  C N N 159 
LEU CD2  C N N 160 
LEU OXT  O N N 161 
LEU H    H N N 162 
LEU H2   H N N 163 
LEU HA   H N N 164 
LEU HB2  H N N 165 
LEU HB3  H N N 166 
LEU HG   H N N 167 
LEU HD11 H N N 168 
LEU HD12 H N N 169 
LEU HD13 H N N 170 
LEU HD21 H N N 171 
LEU HD22 H N N 172 
LEU HD23 H N N 173 
LEU HXT  H N N 174 
LYS N    N N N 175 
LYS CA   C N S 176 
LYS C    C N N 177 
LYS O    O N N 178 
LYS CB   C N N 179 
LYS CG   C N N 180 
LYS CD   C N N 181 
LYS CE   C N N 182 
LYS NZ   N N N 183 
LYS OXT  O N N 184 
LYS H    H N N 185 
LYS H2   H N N 186 
LYS HA   H N N 187 
LYS HB2  H N N 188 
LYS HB3  H N N 189 
LYS HG2  H N N 190 
LYS HG3  H N N 191 
LYS HD2  H N N 192 
LYS HD3  H N N 193 
LYS HE2  H N N 194 
LYS HE3  H N N 195 
LYS HZ1  H N N 196 
LYS HZ2  H N N 197 
LYS HZ3  H N N 198 
LYS HXT  H N N 199 
MET N    N N N 200 
MET CA   C N S 201 
MET C    C N N 202 
MET O    O N N 203 
MET CB   C N N 204 
MET CG   C N N 205 
MET SD   S N N 206 
MET CE   C N N 207 
MET OXT  O N N 208 
MET H    H N N 209 
MET H2   H N N 210 
MET HA   H N N 211 
MET HB2  H N N 212 
MET HB3  H N N 213 
MET HG2  H N N 214 
MET HG3  H N N 215 
MET HE1  H N N 216 
MET HE2  H N N 217 
MET HE3  H N N 218 
MET HXT  H N N 219 
MPD C1   C N N 220 
MPD C2   C N N 221 
MPD O2   O N N 222 
MPD CM   C N N 223 
MPD C3   C N N 224 
MPD C4   C N S 225 
MPD O4   O N N 226 
MPD C5   C N N 227 
MPD H11  H N N 228 
MPD H12  H N N 229 
MPD H13  H N N 230 
MPD HO2  H N N 231 
MPD HM1  H N N 232 
MPD HM2  H N N 233 
MPD HM3  H N N 234 
MPD H31  H N N 235 
MPD H32  H N N 236 
MPD H4   H N N 237 
MPD HO4  H N N 238 
MPD H51  H N N 239 
MPD H52  H N N 240 
MPD H53  H N N 241 
PHE N    N N N 242 
PHE CA   C N S 243 
PHE C    C N N 244 
PHE O    O N N 245 
PHE CB   C N N 246 
PHE CG   C Y N 247 
PHE CD1  C Y N 248 
PHE CD2  C Y N 249 
PHE CE1  C Y N 250 
PHE CE2  C Y N 251 
PHE CZ   C Y N 252 
PHE OXT  O N N 253 
PHE H    H N N 254 
PHE H2   H N N 255 
PHE HA   H N N 256 
PHE HB2  H N N 257 
PHE HB3  H N N 258 
PHE HD1  H N N 259 
PHE HD2  H N N 260 
PHE HE1  H N N 261 
PHE HE2  H N N 262 
PHE HZ   H N N 263 
PHE HXT  H N N 264 
PRO N    N N N 265 
PRO CA   C N S 266 
PRO C    C N N 267 
PRO O    O N N 268 
PRO CB   C N N 269 
PRO CG   C N N 270 
PRO CD   C N N 271 
PRO OXT  O N N 272 
PRO H    H N N 273 
PRO HA   H N N 274 
PRO HB2  H N N 275 
PRO HB3  H N N 276 
PRO HG2  H N N 277 
PRO HG3  H N N 278 
PRO HD2  H N N 279 
PRO HD3  H N N 280 
PRO HXT  H N N 281 
SER N    N N N 282 
SER CA   C N S 283 
SER C    C N N 284 
SER O    O N N 285 
SER CB   C N N 286 
SER OG   O N N 287 
SER OXT  O N N 288 
SER H    H N N 289 
SER H2   H N N 290 
SER HA   H N N 291 
SER HB2  H N N 292 
SER HB3  H N N 293 
SER HG   H N N 294 
SER HXT  H N N 295 
THR N    N N N 296 
THR CA   C N S 297 
THR C    C N N 298 
THR O    O N N 299 
THR CB   C N R 300 
THR OG1  O N N 301 
THR CG2  C N N 302 
THR OXT  O N N 303 
THR H    H N N 304 
THR H2   H N N 305 
THR HA   H N N 306 
THR HB   H N N 307 
THR HG1  H N N 308 
THR HG21 H N N 309 
THR HG22 H N N 310 
THR HG23 H N N 311 
THR HXT  H N N 312 
TYR N    N N N 313 
TYR CA   C N S 314 
TYR C    C N N 315 
TYR O    O N N 316 
TYR CB   C N N 317 
TYR CG   C Y N 318 
TYR CD1  C Y N 319 
TYR CD2  C Y N 320 
TYR CE1  C Y N 321 
TYR CE2  C Y N 322 
TYR CZ   C Y N 323 
TYR OH   O N N 324 
TYR OXT  O N N 325 
TYR H    H N N 326 
TYR H2   H N N 327 
TYR HA   H N N 328 
TYR HB2  H N N 329 
TYR HB3  H N N 330 
TYR HD1  H N N 331 
TYR HD2  H N N 332 
TYR HE1  H N N 333 
TYR HE2  H N N 334 
TYR HH   H N N 335 
TYR HXT  H N N 336 
VAL N    N N N 337 
VAL CA   C N S 338 
VAL C    C N N 339 
VAL O    O N N 340 
VAL CB   C N N 341 
VAL CG1  C N N 342 
VAL CG2  C N N 343 
VAL OXT  O N N 344 
VAL H    H N N 345 
VAL H2   H N N 346 
VAL HA   H N N 347 
VAL HB   H N N 348 
VAL HG11 H N N 349 
VAL HG12 H N N 350 
VAL HG13 H N N 351 
VAL HG21 H N N 352 
VAL HG22 H N N 353 
VAL HG23 H N N 354 
VAL HXT  H N N 355 
# 
loop_
_chem_comp_bond.comp_id 
_chem_comp_bond.atom_id_1 
_chem_comp_bond.atom_id_2 
_chem_comp_bond.value_order 
_chem_comp_bond.pdbx_aromatic_flag 
_chem_comp_bond.pdbx_stereo_config 
_chem_comp_bond.pdbx_ordinal 
ALA N   CA   sing N N 1   
ALA N   H    sing N N 2   
ALA N   H2   sing N N 3   
ALA CA  C    sing N N 4   
ALA CA  CB   sing N N 5   
ALA CA  HA   sing N N 6   
ALA C   O    doub N N 7   
ALA C   OXT  sing N N 8   
ALA CB  HB1  sing N N 9   
ALA CB  HB2  sing N N 10  
ALA CB  HB3  sing N N 11  
ALA OXT HXT  sing N N 12  
ARG N   CA   sing N N 13  
ARG N   H    sing N N 14  
ARG N   H2   sing N N 15  
ARG CA  C    sing N N 16  
ARG CA  CB   sing N N 17  
ARG CA  HA   sing N N 18  
ARG C   O    doub N N 19  
ARG C   OXT  sing N N 20  
ARG CB  CG   sing N N 21  
ARG CB  HB2  sing N N 22  
ARG CB  HB3  sing N N 23  
ARG CG  CD   sing N N 24  
ARG CG  HG2  sing N N 25  
ARG CG  HG3  sing N N 26  
ARG CD  NE   sing N N 27  
ARG CD  HD2  sing N N 28  
ARG CD  HD3  sing N N 29  
ARG NE  CZ   sing N N 30  
ARG NE  HE   sing N N 31  
ARG CZ  NH1  sing N N 32  
ARG CZ  NH2  doub N N 33  
ARG NH1 HH11 sing N N 34  
ARG NH1 HH12 sing N N 35  
ARG NH2 HH21 sing N N 36  
ARG NH2 HH22 sing N N 37  
ARG OXT HXT  sing N N 38  
ASP N   CA   sing N N 39  
ASP N   H    sing N N 40  
ASP N   H2   sing N N 41  
ASP CA  C    sing N N 42  
ASP CA  CB   sing N N 43  
ASP CA  HA   sing N N 44  
ASP C   O    doub N N 45  
ASP C   OXT  sing N N 46  
ASP CB  CG   sing N N 47  
ASP CB  HB2  sing N N 48  
ASP CB  HB3  sing N N 49  
ASP CG  OD1  doub N N 50  
ASP CG  OD2  sing N N 51  
ASP OD2 HD2  sing N N 52  
ASP OXT HXT  sing N N 53  
GLN N   CA   sing N N 54  
GLN N   H    sing N N 55  
GLN N   H2   sing N N 56  
GLN CA  C    sing N N 57  
GLN CA  CB   sing N N 58  
GLN CA  HA   sing N N 59  
GLN C   O    doub N N 60  
GLN C   OXT  sing N N 61  
GLN CB  CG   sing N N 62  
GLN CB  HB2  sing N N 63  
GLN CB  HB3  sing N N 64  
GLN CG  CD   sing N N 65  
GLN CG  HG2  sing N N 66  
GLN CG  HG3  sing N N 67  
GLN CD  OE1  doub N N 68  
GLN CD  NE2  sing N N 69  
GLN NE2 HE21 sing N N 70  
GLN NE2 HE22 sing N N 71  
GLN OXT HXT  sing N N 72  
GLU N   CA   sing N N 73  
GLU N   H    sing N N 74  
GLU N   H2   sing N N 75  
GLU CA  C    sing N N 76  
GLU CA  CB   sing N N 77  
GLU CA  HA   sing N N 78  
GLU C   O    doub N N 79  
GLU C   OXT  sing N N 80  
GLU CB  CG   sing N N 81  
GLU CB  HB2  sing N N 82  
GLU CB  HB3  sing N N 83  
GLU CG  CD   sing N N 84  
GLU CG  HG2  sing N N 85  
GLU CG  HG3  sing N N 86  
GLU CD  OE1  doub N N 87  
GLU CD  OE2  sing N N 88  
GLU OE2 HE2  sing N N 89  
GLU OXT HXT  sing N N 90  
GLY N   CA   sing N N 91  
GLY N   H    sing N N 92  
GLY N   H2   sing N N 93  
GLY CA  C    sing N N 94  
GLY CA  HA2  sing N N 95  
GLY CA  HA3  sing N N 96  
GLY C   O    doub N N 97  
GLY C   OXT  sing N N 98  
GLY OXT HXT  sing N N 99  
HIS N   CA   sing N N 100 
HIS N   H    sing N N 101 
HIS N   H2   sing N N 102 
HIS CA  C    sing N N 103 
HIS CA  CB   sing N N 104 
HIS CA  HA   sing N N 105 
HIS C   O    doub N N 106 
HIS C   OXT  sing N N 107 
HIS CB  CG   sing N N 108 
HIS CB  HB2  sing N N 109 
HIS CB  HB3  sing N N 110 
HIS CG  ND1  sing Y N 111 
HIS CG  CD2  doub Y N 112 
HIS ND1 CE1  doub Y N 113 
HIS ND1 HD1  sing N N 114 
HIS CD2 NE2  sing Y N 115 
HIS CD2 HD2  sing N N 116 
HIS CE1 NE2  sing Y N 117 
HIS CE1 HE1  sing N N 118 
HIS NE2 HE2  sing N N 119 
HIS OXT HXT  sing N N 120 
HOH O   H1   sing N N 121 
HOH O   H2   sing N N 122 
ILE N   CA   sing N N 123 
ILE N   H    sing N N 124 
ILE N   H2   sing N N 125 
ILE CA  C    sing N N 126 
ILE CA  CB   sing N N 127 
ILE CA  HA   sing N N 128 
ILE C   O    doub N N 129 
ILE C   OXT  sing N N 130 
ILE CB  CG1  sing N N 131 
ILE CB  CG2  sing N N 132 
ILE CB  HB   sing N N 133 
ILE CG1 CD1  sing N N 134 
ILE CG1 HG12 sing N N 135 
ILE CG1 HG13 sing N N 136 
ILE CG2 HG21 sing N N 137 
ILE CG2 HG22 sing N N 138 
ILE CG2 HG23 sing N N 139 
ILE CD1 HD11 sing N N 140 
ILE CD1 HD12 sing N N 141 
ILE CD1 HD13 sing N N 142 
ILE OXT HXT  sing N N 143 
LEU N   CA   sing N N 144 
LEU N   H    sing N N 145 
LEU N   H2   sing N N 146 
LEU CA  C    sing N N 147 
LEU CA  CB   sing N N 148 
LEU CA  HA   sing N N 149 
LEU C   O    doub N N 150 
LEU C   OXT  sing N N 151 
LEU CB  CG   sing N N 152 
LEU CB  HB2  sing N N 153 
LEU CB  HB3  sing N N 154 
LEU CG  CD1  sing N N 155 
LEU CG  CD2  sing N N 156 
LEU CG  HG   sing N N 157 
LEU CD1 HD11 sing N N 158 
LEU CD1 HD12 sing N N 159 
LEU CD1 HD13 sing N N 160 
LEU CD2 HD21 sing N N 161 
LEU CD2 HD22 sing N N 162 
LEU CD2 HD23 sing N N 163 
LEU OXT HXT  sing N N 164 
LYS N   CA   sing N N 165 
LYS N   H    sing N N 166 
LYS N   H2   sing N N 167 
LYS CA  C    sing N N 168 
LYS CA  CB   sing N N 169 
LYS CA  HA   sing N N 170 
LYS C   O    doub N N 171 
LYS C   OXT  sing N N 172 
LYS CB  CG   sing N N 173 
LYS CB  HB2  sing N N 174 
LYS CB  HB3  sing N N 175 
LYS CG  CD   sing N N 176 
LYS CG  HG2  sing N N 177 
LYS CG  HG3  sing N N 178 
LYS CD  CE   sing N N 179 
LYS CD  HD2  sing N N 180 
LYS CD  HD3  sing N N 181 
LYS CE  NZ   sing N N 182 
LYS CE  HE2  sing N N 183 
LYS CE  HE3  sing N N 184 
LYS NZ  HZ1  sing N N 185 
LYS NZ  HZ2  sing N N 186 
LYS NZ  HZ3  sing N N 187 
LYS OXT HXT  sing N N 188 
MET N   CA   sing N N 189 
MET N   H    sing N N 190 
MET N   H2   sing N N 191 
MET CA  C    sing N N 192 
MET CA  CB   sing N N 193 
MET CA  HA   sing N N 194 
MET C   O    doub N N 195 
MET C   OXT  sing N N 196 
MET CB  CG   sing N N 197 
MET CB  HB2  sing N N 198 
MET CB  HB3  sing N N 199 
MET CG  SD   sing N N 200 
MET CG  HG2  sing N N 201 
MET CG  HG3  sing N N 202 
MET SD  CE   sing N N 203 
MET CE  HE1  sing N N 204 
MET CE  HE2  sing N N 205 
MET CE  HE3  sing N N 206 
MET OXT HXT  sing N N 207 
MPD C1  C2   sing N N 208 
MPD C1  H11  sing N N 209 
MPD C1  H12  sing N N 210 
MPD C1  H13  sing N N 211 
MPD C2  O2   sing N N 212 
MPD C2  CM   sing N N 213 
MPD C2  C3   sing N N 214 
MPD O2  HO2  sing N N 215 
MPD CM  HM1  sing N N 216 
MPD CM  HM2  sing N N 217 
MPD CM  HM3  sing N N 218 
MPD C3  C4   sing N N 219 
MPD C3  H31  sing N N 220 
MPD C3  H32  sing N N 221 
MPD C4  O4   sing N N 222 
MPD C4  C5   sing N N 223 
MPD C4  H4   sing N N 224 
MPD O4  HO4  sing N N 225 
MPD C5  H51  sing N N 226 
MPD C5  H52  sing N N 227 
MPD C5  H53  sing N N 228 
PHE N   CA   sing N N 229 
PHE N   H    sing N N 230 
PHE N   H2   sing N N 231 
PHE CA  C    sing N N 232 
PHE CA  CB   sing N N 233 
PHE CA  HA   sing N N 234 
PHE C   O    doub N N 235 
PHE C   OXT  sing N N 236 
PHE CB  CG   sing N N 237 
PHE CB  HB2  sing N N 238 
PHE CB  HB3  sing N N 239 
PHE CG  CD1  doub Y N 240 
PHE CG  CD2  sing Y N 241 
PHE CD1 CE1  sing Y N 242 
PHE CD1 HD1  sing N N 243 
PHE CD2 CE2  doub Y N 244 
PHE CD2 HD2  sing N N 245 
PHE CE1 CZ   doub Y N 246 
PHE CE1 HE1  sing N N 247 
PHE CE2 CZ   sing Y N 248 
PHE CE2 HE2  sing N N 249 
PHE CZ  HZ   sing N N 250 
PHE OXT HXT  sing N N 251 
PRO N   CA   sing N N 252 
PRO N   CD   sing N N 253 
PRO N   H    sing N N 254 
PRO CA  C    sing N N 255 
PRO CA  CB   sing N N 256 
PRO CA  HA   sing N N 257 
PRO C   O    doub N N 258 
PRO C   OXT  sing N N 259 
PRO CB  CG   sing N N 260 
PRO CB  HB2  sing N N 261 
PRO CB  HB3  sing N N 262 
PRO CG  CD   sing N N 263 
PRO CG  HG2  sing N N 264 
PRO CG  HG3  sing N N 265 
PRO CD  HD2  sing N N 266 
PRO CD  HD3  sing N N 267 
PRO OXT HXT  sing N N 268 
SER N   CA   sing N N 269 
SER N   H    sing N N 270 
SER N   H2   sing N N 271 
SER CA  C    sing N N 272 
SER CA  CB   sing N N 273 
SER CA  HA   sing N N 274 
SER C   O    doub N N 275 
SER C   OXT  sing N N 276 
SER CB  OG   sing N N 277 
SER CB  HB2  sing N N 278 
SER CB  HB3  sing N N 279 
SER OG  HG   sing N N 280 
SER OXT HXT  sing N N 281 
THR N   CA   sing N N 282 
THR N   H    sing N N 283 
THR N   H2   sing N N 284 
THR CA  C    sing N N 285 
THR CA  CB   sing N N 286 
THR CA  HA   sing N N 287 
THR C   O    doub N N 288 
THR C   OXT  sing N N 289 
THR CB  OG1  sing N N 290 
THR CB  CG2  sing N N 291 
THR CB  HB   sing N N 292 
THR OG1 HG1  sing N N 293 
THR CG2 HG21 sing N N 294 
THR CG2 HG22 sing N N 295 
THR CG2 HG23 sing N N 296 
THR OXT HXT  sing N N 297 
TYR N   CA   sing N N 298 
TYR N   H    sing N N 299 
TYR N   H2   sing N N 300 
TYR CA  C    sing N N 301 
TYR CA  CB   sing N N 302 
TYR CA  HA   sing N N 303 
TYR C   O    doub N N 304 
TYR C   OXT  sing N N 305 
TYR CB  CG   sing N N 306 
TYR CB  HB2  sing N N 307 
TYR CB  HB3  sing N N 308 
TYR CG  CD1  doub Y N 309 
TYR CG  CD2  sing Y N 310 
TYR CD1 CE1  sing Y N 311 
TYR CD1 HD1  sing N N 312 
TYR CD2 CE2  doub Y N 313 
TYR CD2 HD2  sing N N 314 
TYR CE1 CZ   doub Y N 315 
TYR CE1 HE1  sing N N 316 
TYR CE2 CZ   sing Y N 317 
TYR CE2 HE2  sing N N 318 
TYR CZ  OH   sing N N 319 
TYR OH  HH   sing N N 320 
TYR OXT HXT  sing N N 321 
VAL N   CA   sing N N 322 
VAL N   H    sing N N 323 
VAL N   H2   sing N N 324 
VAL CA  C    sing N N 325 
VAL CA  CB   sing N N 326 
VAL CA  HA   sing N N 327 
VAL C   O    doub N N 328 
VAL C   OXT  sing N N 329 
VAL CB  CG1  sing N N 330 
VAL CB  CG2  sing N N 331 
VAL CB  HB   sing N N 332 
VAL CG1 HG11 sing N N 333 
VAL CG1 HG12 sing N N 334 
VAL CG1 HG13 sing N N 335 
VAL CG2 HG21 sing N N 336 
VAL CG2 HG22 sing N N 337 
VAL CG2 HG23 sing N N 338 
VAL OXT HXT  sing N N 339 
# 
_atom_sites.entry_id                    2CVI 
_atom_sites.fract_transf_matrix[1][1]   -0.01609759 
_atom_sites.fract_transf_matrix[1][2]   0.00462326 
_atom_sites.fract_transf_matrix[1][3]   0.00816404 
_atom_sites.fract_transf_matrix[2][1]   -0.00770608 
_atom_sites.fract_transf_matrix[2][2]   0.01663071 
_atom_sites.fract_transf_matrix[2][3]   -0.00335033 
_atom_sites.fract_transf_matrix[3][1]   -0.00663740 
_atom_sites.fract_transf_matrix[3][2]   -0.00512713 
_atom_sites.fract_transf_matrix[3][3]   -0.01018394 
_atom_sites.fract_transf_vector[1]      -0.484776 
_atom_sites.fract_transf_vector[2]      0.065321 
_atom_sites.fract_transf_vector[3]      -0.023726 
# 
loop_
_atom_type.symbol 
C 
K 
N 
O 
S 
# 
loop_
_atom_site.group_PDB 
_atom_site.id 
_atom_site.type_symbol 
_atom_site.label_atom_id 
_atom_site.label_alt_id 
_atom_site.label_comp_id 
_atom_site.label_asym_id 
_atom_site.label_entity_id 
_atom_site.label_seq_id 
_atom_site.pdbx_PDB_ins_code 
_atom_site.Cartn_x 
_atom_site.Cartn_y 
_atom_site.Cartn_z 
_atom_site.occupancy 
_atom_site.B_iso_or_equiv 
_atom_site.pdbx_formal_charge 
_atom_site.auth_seq_id 
_atom_site.auth_comp_id 
_atom_site.auth_asym_id 
_atom_site.auth_atom_id 
_atom_site.pdbx_PDB_model_num 
ATOM   1    N N   . MET A 1 1  ? -8.233  17.559  -1.032  1.00 27.40 ? 1    MET A N   1 
ATOM   2    C CA  . MET A 1 1  ? -7.061  16.882  -1.664  1.00 25.15 ? 1    MET A CA  1 
ATOM   3    C C   . MET A 1 1  ? -7.435  15.398  -1.788  1.00 24.60 ? 1    MET A C   1 
ATOM   4    O O   . MET A 1 1  ? -8.154  14.875  -0.932  1.00 25.39 ? 1    MET A O   1 
ATOM   5    C CB  . MET A 1 1  ? -5.836  17.054  -0.763  1.00 28.12 ? 1    MET A CB  1 
ATOM   6    C CG  . MET A 1 1  ? -4.581  16.309  -1.187  1.00 28.56 ? 1    MET A CG  1 
ATOM   7    S SD  . MET A 1 1  ? -3.276  16.539  0.082   1.00 35.33 ? 1    MET A SD  1 
ATOM   8    C CE  . MET A 1 1  ? -3.662  15.193  1.138   1.00 32.77 ? 1    MET A CE  1 
ATOM   9    N N   . VAL A 1 2  ? -6.983  14.751  -2.863  1.00 19.97 ? 2    VAL A N   1 
ATOM   10   C CA  . VAL A 1 2  ? -7.245  13.325  -3.080  1.00 19.09 ? 2    VAL A CA  1 
ATOM   11   C C   . VAL A 1 2  ? -5.977  12.556  -2.726  1.00 17.51 ? 2    VAL A C   1 
ATOM   12   O O   . VAL A 1 2  ? -4.875  12.962  -3.106  1.00 17.74 ? 2    VAL A O   1 
ATOM   13   C CB  . VAL A 1 2  ? -7.590  13.054  -4.556  1.00 17.91 ? 2    VAL A CB  1 
ATOM   14   C CG1 . VAL A 1 2  ? -7.753  11.548  -4.796  1.00 21.86 ? 2    VAL A CG1 1 
ATOM   15   C CG2 . VAL A 1 2  ? -8.891  13.729  -4.913  1.00 20.01 ? 2    VAL A CG2 1 
ATOM   16   N N   . THR A 1 3  ? -6.134  11.438  -2.015  1.00 17.45 ? 3    THR A N   1 
ATOM   17   C CA  . THR A 1 3  ? -5.032  10.595  -1.596  1.00 16.06 ? 3    THR A CA  1 
ATOM   18   C C   . THR A 1 3  ? -5.254  9.228   -2.240  1.00 14.65 ? 3    THR A C   1 
ATOM   19   O O   . THR A 1 3  ? -6.355  8.693   -2.197  1.00 15.01 ? 3    THR A O   1 
ATOM   20   C CB  . THR A 1 3  ? -5.036  10.431  -0.072  1.00 18.66 ? 3    THR A CB  1 
ATOM   21   O OG1 . THR A 1 3  ? -4.833  11.727  0.507   1.00 20.12 ? 3    THR A OG1 1 
ATOM   22   C CG2 . THR A 1 3  ? -3.924  9.500   0.381   1.00 18.00 ? 3    THR A CG2 1 
ATOM   23   N N   . ALA A 1 4  ? -4.205  8.675   -2.831  1.00 14.85 ? 4    ALA A N   1 
ATOM   24   C CA  . ALA A 1 4  ? -4.355  7.372   -3.479  1.00 13.96 ? 4    ALA A CA  1 
ATOM   25   C C   . ALA A 1 4  ? -3.068  6.573   -3.446  1.00 14.24 ? 4    ALA A C   1 
ATOM   26   O O   . ALA A 1 4  ? -1.993  7.124   -3.287  1.00 14.28 ? 4    ALA A O   1 
ATOM   27   C CB  . ALA A 1 4  ? -4.804  7.571   -4.961  1.00 13.08 ? 4    ALA A CB  1 
ATOM   28   N N   . PHE A 1 5  ? -3.197  5.257   -3.552  1.00 12.77 ? 5    PHE A N   1 
ATOM   29   C CA  . PHE A 1 5  ? -2.036  4.389   -3.647  1.00 12.87 ? 5    PHE A CA  1 
ATOM   30   C C   . PHE A 1 5  ? -2.078  3.781   -5.037  1.00 15.22 ? 5    PHE A C   1 
ATOM   31   O O   . PHE A 1 5  ? -3.114  3.246   -5.452  1.00 16.72 ? 5    PHE A O   1 
ATOM   32   C CB  . PHE A 1 5  ? -2.107  3.262   -2.620  1.00 12.88 ? 5    PHE A CB  1 
ATOM   33   C CG  . PHE A 1 5  ? -1.730  3.694   -1.251  1.00 13.33 ? 5    PHE A CG  1 
ATOM   34   C CD1 . PHE A 1 5  ? -0.403  3.606   -0.824  1.00 13.97 ? 5    PHE A CD1 1 
ATOM   35   C CD2 . PHE A 1 5  ? -2.683  4.253   -0.411  1.00 15.71 ? 5    PHE A CD2 1 
ATOM   36   C CE1 . PHE A 1 5  ? -0.019  4.078   0.401   1.00 14.20 ? 5    PHE A CE1 1 
ATOM   37   C CE2 . PHE A 1 5  ? -2.339  4.740   0.844   1.00 16.05 ? 5    PHE A CE2 1 
ATOM   38   C CZ  . PHE A 1 5  ? -0.989  4.660   1.264   1.00 16.01 ? 5    PHE A CZ  1 
ATOM   39   N N   . ILE A 1 6  ? -0.976  3.904   -5.766  1.00 14.43 ? 6    ILE A N   1 
ATOM   40   C CA  . ILE A 1 6  ? -0.909  3.328   -7.110  1.00 14.35 ? 6    ILE A CA  1 
ATOM   41   C C   . ILE A 1 6  ? -0.010  2.084   -7.019  1.00 13.58 ? 6    ILE A C   1 
ATOM   42   O O   . ILE A 1 6  ? 1.165   2.213   -6.627  1.00 14.54 ? 6    ILE A O   1 
ATOM   43   C CB  . ILE A 1 6  ? -0.301  4.316   -8.124  1.00 14.07 ? 6    ILE A CB  1 
ATOM   44   C CG1 . ILE A 1 6  ? -1.073  5.643   -8.179  1.00 15.09 ? 6    ILE A CG1 1 
ATOM   45   C CG2 . ILE A 1 6  ? -0.371  3.646   -9.542  1.00 14.74 ? 6    ILE A CG2 1 
ATOM   46   C CD1 . ILE A 1 6  ? -0.373  6.703   -9.042  1.00 17.34 ? 6    ILE A CD1 1 
ATOM   47   N N   . LEU A 1 7  ? -0.546  0.909   -7.338  1.00 12.78 ? 7    LEU A N   1 
ATOM   48   C CA  . LEU A 1 7  ? 0.204   -0.351  -7.293  1.00 13.78 ? 7    LEU A CA  1 
ATOM   49   C C   . LEU A 1 7  ? 0.704   -0.585  -8.703  1.00 13.76 ? 7    LEU A C   1 
ATOM   50   O O   . LEU A 1 7  ? -0.082  -0.520  -9.648  1.00 14.55 ? 7    LEU A O   1 
ATOM   51   C CB  . LEU A 1 7  ? -0.700  -1.508  -6.822  1.00 17.77 ? 7    LEU A CB  1 
ATOM   52   C CG  . LEU A 1 7  ? -1.221  -1.614  -5.372  1.00 23.17 ? 7    LEU A CG  1 
ATOM   53   C CD1 . LEU A 1 7  ? -0.100  -1.959  -4.433  1.00 24.74 ? 7    LEU A CD1 1 
ATOM   54   C CD2 . LEU A 1 7  ? -1.978  -0.366  -4.953  1.00 24.48 ? 7    LEU A CD2 1 
ATOM   55   N N   . MET A 1 8  ? 1.996   -0.862  -8.850  1.00 12.66 ? 8    MET A N   1 
ATOM   56   C CA  . MET A 1 8  ? 2.606   -0.982  -10.164 1.00 13.08 ? 8    MET A CA  1 
ATOM   57   C C   . MET A 1 8  ? 3.342   -2.263  -10.453 1.00 13.67 ? 8    MET A C   1 
ATOM   58   O O   . MET A 1 8  ? 3.988   -2.835  -9.568  1.00 13.58 ? 8    MET A O   1 
ATOM   59   C CB  . MET A 1 8  ? 3.604   0.157   -10.371 1.00 13.61 ? 8    MET A CB  1 
ATOM   60   C CG  . MET A 1 8  ? 3.049   1.570   -10.012 1.00 13.77 ? 8    MET A CG  1 
ATOM   61   S SD  . MET A 1 8  ? 4.317   2.796   -10.391 1.00 17.45 ? 8    MET A SD  1 
ATOM   62   C CE  . MET A 1 8  ? 3.383   4.352   -10.022 1.00 16.29 ? 8    MET A CE  1 
ATOM   63   N N   . VAL A 1 9  ? 3.241   -2.696  -11.719 1.00 14.32 ? 9    VAL A N   1 
ATOM   64   C CA  . VAL A 1 9  ? 3.982   -3.853  -12.248 1.00 16.22 ? 9    VAL A CA  1 
ATOM   65   C C   . VAL A 1 9  ? 5.050   -3.184  -13.096 1.00 16.95 ? 9    VAL A C   1 
ATOM   66   O O   . VAL A 1 9  ? 4.776   -2.300  -13.905 1.00 16.43 ? 9    VAL A O   1 
ATOM   67   C CB  . VAL A 1 9  ? 3.108   -4.756  -13.131 1.00 16.34 ? 9    VAL A CB  1 
ATOM   68   C CG1 . VAL A 1 9  ? 3.992   -5.832  -13.802 1.00 18.20 ? 9    VAL A CG1 1 
ATOM   69   C CG2 . VAL A 1 9  ? 2.016   -5.370  -12.327 1.00 15.81 ? 9    VAL A CG2 1 
ATOM   70   N N   . THR A 1 10 ? 6.308   -3.532  -12.897 1.00 16.32 ? 10   THR A N   1 
ATOM   71   C CA  . THR A 1 10 ? 7.350   -2.920  -13.688 1.00 16.49 ? 10   THR A CA  1 
ATOM   72   C C   . THR A 1 10 ? 8.222   -3.986  -14.325 1.00 17.02 ? 10   THR A C   1 
ATOM   73   O O   . THR A 1 10 ? 8.228   -5.131  -13.876 1.00 17.13 ? 10   THR A O   1 
ATOM   74   C CB  . THR A 1 10 ? 8.288   -2.030  -12.842 1.00 19.68 ? 10   THR A CB  1 
ATOM   75   O OG1 . THR A 1 10 ? 9.033   -2.853  -11.938 1.00 22.31 ? 10   THR A OG1 1 
ATOM   76   C CG2 . THR A 1 10 ? 7.525   -1.020  -12.017 1.00 19.45 ? 10   THR A CG2 1 
ATOM   77   N N   . ALA A 1 11 ? 8.930   -3.593  -15.367 1.00 17.51 ? 11   ALA A N   1 
ATOM   78   C CA  . ALA A 1 11 ? 9.897   -4.484  -16.009 1.00 18.65 ? 11   ALA A CA  1 
ATOM   79   C C   . ALA A 1 11 ? 10.963  -4.747  -14.930 1.00 19.82 ? 11   ALA A C   1 
ATOM   80   O O   . ALA A 1 11 ? 11.280  -3.877  -14.125 1.00 17.80 ? 11   ALA A O   1 
ATOM   81   C CB  . ALA A 1 11 ? 10.526  -3.771  -17.185 1.00 18.72 ? 11   ALA A CB  1 
ATOM   82   N N   . ALA A 1 12 ? 11.537  -5.945  -14.926 1.00 19.47 ? 12   ALA A N   1 
ATOM   83   C CA  . ALA A 1 12 ? 12.532  -6.259  -13.884 1.00 20.69 ? 12   ALA A CA  1 
ATOM   84   C C   . ALA A 1 12 ? 13.825  -5.426  -13.991 1.00 23.50 ? 12   ALA A C   1 
ATOM   85   O O   . ALA A 1 12 ? 14.293  -5.154  -15.085 1.00 25.09 ? 12   ALA A O   1 
ATOM   86   C CB  . ALA A 1 12 ? 12.835  -7.789  -13.913 1.00 21.17 ? 12   ALA A CB  1 
ATOM   87   N N   . GLY A 1 13 ? 14.348  -5.010  -12.830 1.00 24.70 ? 13   GLY A N   1 
ATOM   88   C CA  . GLY A 1 13 ? 15.560  -4.210  -12.765 1.00 27.97 ? 13   GLY A CA  1 
ATOM   89   C C   . GLY A 1 13 ? 15.375  -2.696  -12.871 1.00 29.40 ? 13   GLY A C   1 
ATOM   90   O O   . GLY A 1 13 ? 16.329  -1.925  -12.707 1.00 29.85 ? 13   GLY A O   1 
ATOM   91   N N   . LYS A 1 14 ? 14.149  -2.262  -13.142 1.00 29.23 ? 14   LYS A N   1 
ATOM   92   C CA  . LYS A 1 14 ? 13.865  -0.836  -13.272 1.00 30.61 ? 14   LYS A CA  1 
ATOM   93   C C   . LYS A 1 14 ? 13.169  -0.189  -12.065 1.00 30.05 ? 14   LYS A C   1 
ATOM   94   O O   . LYS A 1 14 ? 12.882  1.011   -12.073 1.00 28.79 ? 14   LYS A O   1 
ATOM   95   C CB  . LYS A 1 14 ? 13.028  -0.623  -14.540 1.00 32.08 ? 14   LYS A CB  1 
ATOM   96   C CG  . LYS A 1 14 ? 13.745  -1.150  -15.776 1.00 34.49 ? 14   LYS A CG  1 
ATOM   97   C CD  . LYS A 1 14 ? 12.795  -1.375  -16.922 1.00 37.80 ? 14   LYS A CD  1 
ATOM   98   C CE  . LYS A 1 14 ? 13.488  -2.041  -18.107 1.00 39.88 ? 14   LYS A CE  1 
ATOM   99   N NZ  . LYS A 1 14 ? 12.610  -2.070  -19.327 1.00 41.33 ? 14   LYS A NZ  1 
ATOM   100  N N   . GLU A 1 15 ? 12.909  -0.979  -11.030 1.00 29.97 ? 15   GLU A N   1 
ATOM   101  C CA  . GLU A 1 15 ? 12.224  -0.505  -9.822  1.00 31.09 ? 15   GLU A CA  1 
ATOM   102  C C   . GLU A 1 15 ? 12.769  0.762   -9.175  1.00 30.63 ? 15   GLU A C   1 
ATOM   103  O O   . GLU A 1 15 ? 12.019  1.731   -8.951  1.00 29.96 ? 15   GLU A O   1 
ATOM   104  C CB  . GLU A 1 15 ? 12.205  -1.612  -8.754  1.00 32.36 ? 15   GLU A CB  1 
ATOM   105  C CG  . GLU A 1 15 ? 11.534  -2.931  -9.159  1.00 33.39 ? 15   GLU A CG  1 
ATOM   106  C CD  . GLU A 1 15 ? 12.459  -3.862  -9.912  1.00 35.24 ? 15   GLU A CD  1 
ATOM   107  O OE1 . GLU A 1 15 ? 13.657  -3.899  -9.584  1.00 37.38 ? 15   GLU A OE1 1 
ATOM   108  O OE2 . GLU A 1 15 ? 11.986  -4.587  -10.815 1.00 37.74 ? 15   GLU A OE2 1 
ATOM   109  N N   . ARG A 1 16 ? 14.058  0.747   -8.852  1.00 30.32 ? 16   ARG A N   1 
ATOM   110  C CA  . ARG A 1 16 ? 14.701  1.877   -8.199  1.00 31.61 ? 16   ARG A CA  1 
ATOM   111  C C   . ARG A 1 16 ? 14.830  3.092   -9.110  1.00 31.54 ? 16   ARG A C   1 
ATOM   112  O O   . ARG A 1 16 ? 14.674  4.225   -8.631  1.00 29.69 ? 16   ARG A O   1 
ATOM   113  C CB  . ARG A 1 16 ? 16.089  1.472   -7.662  1.00 33.40 ? 16   ARG A CB  1 
ATOM   114  C CG  . ARG A 1 16 ? 16.089  0.506   -6.465  1.00 36.49 ? 16   ARG A CG  1 
ATOM   115  C CD  . ARG A 1 16 ? 17.518  0.370   -5.912  1.00 39.26 ? 16   ARG A CD  1 
ATOM   116  N NE  . ARG A 1 16 ? 17.593  -0.278  -4.601  1.00 40.59 ? 16   ARG A NE  1 
ATOM   117  C CZ  . ARG A 1 16 ? 18.715  -0.415  -3.892  1.00 41.23 ? 16   ARG A CZ  1 
ATOM   118  N NH1 . ARG A 1 16 ? 19.865  0.051   -4.361  1.00 42.76 ? 16   ARG A NH1 1 
ATOM   119  N NH2 . ARG A 1 16 ? 18.690  -1.021  -2.709  1.00 40.82 ? 16   ARG A NH2 1 
ATOM   120  N N   . GLU A 1 17 ? 15.134  2.858   -10.396 1.00 31.11 ? 17   GLU A N   1 
ATOM   121  C CA  . GLU A 1 17 ? 15.263  3.926   -11.403 1.00 31.47 ? 17   GLU A CA  1 
ATOM   122  C C   . GLU A 1 17 ? 13.948  4.670   -11.484 1.00 29.89 ? 17   GLU A C   1 
ATOM   123  O O   . GLU A 1 17 ? 13.912  5.907   -11.476 1.00 28.48 ? 17   GLU A O   1 
ATOM   124  C CB  . GLU A 1 17 ? 15.564  3.352   -12.801 1.00 34.44 ? 17   GLU A CB  1 
ATOM   125  C CG  . GLU A 1 17 ? 15.277  4.351   -13.949 1.00 36.58 ? 17   GLU A CG  1 
ATOM   126  C CD  . GLU A 1 17 ? 15.473  3.770   -15.357 1.00 38.52 ? 17   GLU A CD  1 
ATOM   127  O OE1 . GLU A 1 17 ? 14.942  4.354   -16.324 1.00 39.69 ? 17   GLU A OE1 1 
ATOM   128  O OE2 . GLU A 1 17 ? 16.161  2.746   -15.507 1.00 40.48 ? 17   GLU A OE2 1 
ATOM   129  N N   . VAL A 1 18 ? 12.873  3.894   -11.592 1.00 27.46 ? 18   VAL A N   1 
ATOM   130  C CA  . VAL A 1 18 ? 11.512  4.411   -11.658 1.00 27.91 ? 18   VAL A CA  1 
ATOM   131  C C   . VAL A 1 18 ? 11.154  5.041   -10.313 1.00 23.44 ? 18   VAL A C   1 
ATOM   132  O O   . VAL A 1 18 ? 10.541  6.087   -10.270 1.00 23.94 ? 18   VAL A O   1 
ATOM   133  C CB  . VAL A 1 18 ? 10.467  3.257   -11.974 1.00 28.33 ? 18   VAL A CB  1 
ATOM   134  C CG1 . VAL A 1 18 ? 9.033   3.713   -11.638 1.00 30.78 ? 18   VAL A CG1 1 
ATOM   135  C CG2 . VAL A 1 18 ? 10.552  2.878   -13.454 1.00 30.84 ? 18   VAL A CG2 1 
ATOM   136  N N   . MET A 1 19 ? 11.518  4.365   -9.225  1.00 25.63 ? 19   MET A N   1 
ATOM   137  C CA  . MET A 1 19 ? 11.221  4.841   -7.869  1.00 25.09 ? 19   MET A CA  1 
ATOM   138  C C   . MET A 1 19 ? 11.837  6.236   -7.696  1.00 23.91 ? 19   MET A C   1 
ATOM   139  O O   . MET A 1 19 ? 11.199  7.151   -7.196  1.00 23.77 ? 19   MET A O   1 
ATOM   140  C CB  . MET A 1 19 ? 11.803  3.848   -6.840  1.00 26.59 ? 19   MET A CB  1 
ATOM   141  C CG  . MET A 1 19 ? 10.814  3.159   -5.846  1.00 28.22 ? 19   MET A CG  1 
ATOM   142  S SD  . MET A 1 19 ? 11.294  3.506   -4.091  1.00 30.75 ? 19   MET A SD  1 
ATOM   143  C CE  . MET A 1 19 ? 13.045  3.246   -4.105  1.00 28.27 ? 19   MET A CE  1 
ATOM   144  N N   . GLU A 1 20 ? 13.068  6.422   -8.146  1.00 23.63 ? 20   GLU A N   1 
ATOM   145  C CA  . GLU A 1 20 ? 13.655  7.741   -7.990  1.00 23.82 ? 20   GLU A CA  1 
ATOM   146  C C   . GLU A 1 20 ? 13.023  8.777   -8.895  1.00 22.43 ? 20   GLU A C   1 
ATOM   147  O O   . GLU A 1 20 ? 12.858  9.937   -8.496  1.00 21.96 ? 20   GLU A O   1 
ATOM   148  C CB  . GLU A 1 20 ? 15.158  7.682   -8.159  1.00 25.73 ? 20   GLU A CB  1 
ATOM   149  C CG  . GLU A 1 20 ? 15.793  6.956   -6.966  1.00 31.16 ? 20   GLU A CG  1 
ATOM   150  C CD  . GLU A 1 20 ? 15.194  7.396   -5.613  1.00 33.86 ? 20   GLU A CD  1 
ATOM   151  O OE1 . GLU A 1 20 ? 14.464  6.580   -4.990  1.00 35.42 ? 20   GLU A OE1 1 
ATOM   152  O OE2 . GLU A 1 20 ? 15.447  8.556   -5.177  1.00 35.20 ? 20   GLU A OE2 1 
ATOM   153  N N   . LYS A 1 21 ? 12.641  8.388   -10.111 1.00 21.25 ? 21   LYS A N   1 
ATOM   154  C CA  . LYS A 1 21 ? 11.969  9.349   -10.968 1.00 21.06 ? 21   LYS A CA  1 
ATOM   155  C C   . LYS A 1 21 ? 10.608  9.672   -10.382 1.00 20.06 ? 21   LYS A C   1 
ATOM   156  O O   . LYS A 1 21 ? 10.146  10.809  -10.468 1.00 21.32 ? 21   LYS A O   1 
ATOM   157  C CB  . LYS A 1 21 ? 11.761  8.816   -12.382 1.00 22.59 ? 21   LYS A CB  1 
ATOM   158  C CG  . LYS A 1 21 ? 13.019  8.808   -13.244 1.00 25.15 ? 21   LYS A CG  1 
ATOM   159  C CD  . LYS A 1 21 ? 12.646  8.291   -14.656 1.00 28.42 ? 21   LYS A CD  1 
ATOM   160  C CE  . LYS A 1 21 ? 13.816  8.392   -15.635 1.00 30.69 ? 21   LYS A CE  1 
ATOM   161  N NZ  . LYS A 1 21 ? 14.933  7.436   -15.420 1.00 34.28 ? 21   LYS A NZ  1 
ATOM   162  N N   . LEU A 1 22 ? 9.959   8.664   -9.795  1.00 19.78 ? 22   LEU A N   1 
ATOM   163  C CA  . LEU A 1 22 ? 8.648   8.887   -9.196  1.00 20.49 ? 22   LEU A CA  1 
ATOM   164  C C   . LEU A 1 22 ? 8.736   9.790   -7.987  1.00 20.21 ? 22   LEU A C   1 
ATOM   165  O O   . LEU A 1 22 ? 7.991   10.730  -7.869  1.00 18.63 ? 22   LEU A O   1 
ATOM   166  C CB  . LEU A 1 22 ? 7.977   7.554   -8.793  1.00 20.68 ? 22   LEU A CB  1 
ATOM   167  C CG  . LEU A 1 22 ? 7.490   6.665   -9.936  1.00 23.33 ? 22   LEU A CG  1 
ATOM   168  C CD1 . LEU A 1 22 ? 7.134   5.307   -9.381  1.00 25.28 ? 22   LEU A CD1 1 
ATOM   169  C CD2 . LEU A 1 22 ? 6.302   7.312   -10.617 1.00 23.74 ? 22   LEU A CD2 1 
ATOM   170  N N   . LEU A 1 23 ? 9.668   9.491   -7.080  1.00 19.65 ? 23   LEU A N   1 
ATOM   171  C CA  . LEU A 1 23 ? 9.796   10.287  -5.876  1.00 20.52 ? 23   LEU A CA  1 
ATOM   172  C C   . LEU A 1 23 ? 10.102  11.751  -6.159  1.00 20.66 ? 23   LEU A C   1 
ATOM   173  O O   . LEU A 1 23 ? 9.778   12.625  -5.357  1.00 22.46 ? 23   LEU A O   1 
ATOM   174  C CB  . LEU A 1 23 ? 10.882  9.691   -4.978  1.00 21.68 ? 23   LEU A CB  1 
ATOM   175  C CG  . LEU A 1 23 ? 10.295  8.619   -4.066  1.00 24.08 ? 23   LEU A CG  1 
ATOM   176  C CD1 . LEU A 1 23 ? 11.444  7.857   -3.378  1.00 25.33 ? 23   LEU A CD1 1 
ATOM   177  C CD2 . LEU A 1 23 ? 9.306   9.269   -3.061  1.00 20.57 ? 23   LEU A CD2 1 
ATOM   178  N N   . ALA A 1 24 ? 10.721  12.025  -7.310  1.00 20.45 ? 24   ALA A N   1 
ATOM   179  C CA  . ALA A 1 24 ? 11.059  13.407  -7.655  1.00 19.95 ? 24   ALA A CA  1 
ATOM   180  C C   . ALA A 1 24 ? 9.833   14.189  -8.096  1.00 21.39 ? 24   ALA A C   1 
ATOM   181  O O   . ALA A 1 24 ? 9.850   15.410  -8.170  1.00 20.77 ? 24   ALA A O   1 
ATOM   182  C CB  . ALA A 1 24 ? 12.125  13.429  -8.742  1.00 18.24 ? 24   ALA A CB  1 
ATOM   183  N N   . MET A 1 25 ? 8.745   13.466  -8.374  1.00 21.88 ? 25   MET A N   1 
ATOM   184  C CA  . MET A 1 25 ? 7.531   14.154  -8.827  1.00 22.81 ? 25   MET A CA  1 
ATOM   185  C C   . MET A 1 25 ? 6.781   14.744  -7.654  1.00 22.78 ? 25   MET A C   1 
ATOM   186  O O   . MET A 1 25 ? 6.599   14.107  -6.612  1.00 21.18 ? 25   MET A O   1 
ATOM   187  C CB  . MET A 1 25 ? 6.614   13.197  -9.597  1.00 22.02 ? 25   MET A CB  1 
ATOM   188  C CG  . MET A 1 25 ? 7.221   12.642  -10.852 1.00 24.94 ? 25   MET A CG  1 
ATOM   189  S SD  . MET A 1 25 ? 6.236   11.359  -11.619 1.00 26.17 ? 25   MET A SD  1 
ATOM   190  C CE  . MET A 1 25 ? 7.307   10.947  -13.035 1.00 27.75 ? 25   MET A CE  1 
ATOM   191  N N   . PRO A 1 26 ? 6.295   15.978  -7.807  1.00 23.87 ? 26   PRO A N   1 
ATOM   192  C CA  . PRO A 1 26 ? 5.583   16.586  -6.692  1.00 22.96 ? 26   PRO A CA  1 
ATOM   193  C C   . PRO A 1 26 ? 4.356   15.840  -6.138  1.00 22.33 ? 26   PRO A C   1 
ATOM   194  O O   . PRO A 1 26 ? 4.085   15.885  -4.951  1.00 23.56 ? 26   PRO A O   1 
ATOM   195  C CB  . PRO A 1 26 ? 5.290   18.006  -7.213  1.00 23.80 ? 26   PRO A CB  1 
ATOM   196  C CG  . PRO A 1 26 ? 5.185   17.826  -8.649  1.00 25.04 ? 26   PRO A CG  1 
ATOM   197  C CD  . PRO A 1 26 ? 6.290   16.853  -8.996  1.00 24.95 ? 26   PRO A CD  1 
ATOM   198  N N   . GLU A 1 27 ? 3.653   15.129  -7.002  1.00 20.75 ? 27   GLU A N   1 
ATOM   199  C CA  . GLU A 1 27 ? 2.486   14.392  -6.561  1.00 20.58 ? 27   GLU A CA  1 
ATOM   200  C C   . GLU A 1 27 ? 2.836   13.181  -5.689  1.00 19.46 ? 27   GLU A C   1 
ATOM   201  O O   . GLU A 1 27 ? 2.008   12.733  -4.900  1.00 16.60 ? 27   GLU A O   1 
ATOM   202  C CB  . GLU A 1 27 ? 1.718   13.854  -7.761  1.00 22.67 ? 27   GLU A CB  1 
ATOM   203  C CG  . GLU A 1 27 ? 1.098   14.917  -8.644  1.00 27.18 ? 27   GLU A CG  1 
ATOM   204  C CD  . GLU A 1 27 ? 2.049   15.482  -9.682  1.00 27.35 ? 27   GLU A CD  1 
ATOM   205  O OE1 . GLU A 1 27 ? 3.250   15.069  -9.753  1.00 26.26 ? 27   GLU A OE1 1 
ATOM   206  O OE2 . GLU A 1 27 ? 1.558   16.352  -10.438 1.00 28.00 ? 27   GLU A OE2 1 
ATOM   207  N N   . VAL A 1 28 ? 4.035   12.632  -5.896  1.00 16.80 ? 28   VAL A N   1 
ATOM   208  C CA  . VAL A 1 28 ? 4.455   11.425  -5.214  1.00 16.38 ? 28   VAL A CA  1 
ATOM   209  C C   . VAL A 1 28 ? 5.020   11.716  -3.843  1.00 16.05 ? 28   VAL A C   1 
ATOM   210  O O   . VAL A 1 28 ? 6.043   12.418  -3.723  1.00 17.23 ? 28   VAL A O   1 
ATOM   211  C CB  . VAL A 1 28 ? 5.467   10.634  -6.056  1.00 16.10 ? 28   VAL A CB  1 
ATOM   212  C CG1 . VAL A 1 28 ? 5.969   9.423   -5.267  1.00 15.64 ? 28   VAL A CG1 1 
ATOM   213  C CG2 . VAL A 1 28 ? 4.804   10.192  -7.353  1.00 18.36 ? 28   VAL A CG2 1 
ATOM   214  N N   . LYS A 1 29 ? 4.360   11.159  -2.829  1.00 14.95 ? 29   LYS A N   1 
ATOM   215  C CA  . LYS A 1 29 ? 4.762   11.410  -1.454  1.00 16.02 ? 29   LYS A CA  1 
ATOM   216  C C   . LYS A 1 29 ? 5.582   10.323  -0.818  1.00 17.12 ? 29   LYS A C   1 
ATOM   217  O O   . LYS A 1 29 ? 6.419   10.604  0.059   1.00 18.61 ? 29   LYS A O   1 
ATOM   218  C CB  . LYS A 1 29 ? 3.537   11.691  -0.585  1.00 17.77 ? 29   LYS A CB  1 
ATOM   219  C CG  . LYS A 1 29 ? 2.641   12.811  -1.141  1.00 18.95 ? 29   LYS A CG  1 
ATOM   220  C CD  . LYS A 1 29 ? 3.436   14.088  -1.510  1.00 19.38 ? 29   LYS A CD  1 
ATOM   221  C CE  . LYS A 1 29 ? 2.598   15.203  -2.212  1.00 22.98 ? 29   LYS A CE  1 
ATOM   222  N NZ  . LYS A 1 29 ? 1.685   15.917  -1.321  1.00 24.65 ? 29   LYS A NZ  1 
ATOM   223  N N   . GLU A 1 30 ? 5.355   9.080   -1.239  1.00 16.23 ? 30   GLU A N   1 
ATOM   224  C CA  . GLU A 1 30 ? 6.089   7.938   -0.704  1.00 16.25 ? 30   GLU A CA  1 
ATOM   225  C C   . GLU A 1 30 ? 6.124   6.900   -1.806  1.00 16.31 ? 30   GLU A C   1 
ATOM   226  O O   . GLU A 1 30 ? 5.215   6.843   -2.629  1.00 16.45 ? 30   GLU A O   1 
ATOM   227  C CB  . GLU A 1 30 ? 5.354   7.268   0.468   1.00 18.01 ? 30   GLU A CB  1 
ATOM   228  C CG  . GLU A 1 30 ? 5.022   8.195   1.589   1.00 19.68 ? 30   GLU A CG  1 
ATOM   229  C CD  . GLU A 1 30 ? 4.137   7.549   2.625   1.00 22.57 ? 30   GLU A CD  1 
ATOM   230  O OE1 . GLU A 1 30 ? 4.009   6.305   2.635   1.00 24.94 ? 30   GLU A OE1 1 
ATOM   231  O OE2 . GLU A 1 30 ? 3.576   8.300   3.446   1.00 24.75 ? 30   GLU A OE2 1 
ATOM   232  N N   . ALA A 1 31 ? 7.174   6.089   -1.814  1.00 16.46 ? 31   ALA A N   1 
ATOM   233  C CA  . ALA A 1 31 ? 7.318   5.016   -2.790  1.00 17.12 ? 31   ALA A CA  1 
ATOM   234  C C   . ALA A 1 31 ? 8.062   3.859   -2.114  1.00 16.60 ? 31   ALA A C   1 
ATOM   235  O O   . ALA A 1 31 ? 8.978   4.053   -1.278  1.00 18.11 ? 31   ALA A O   1 
ATOM   236  C CB  . ALA A 1 31 ? 8.105   5.474   -4.011  1.00 17.42 ? 31   ALA A CB  1 
ATOM   237  N N   . TYR A 1 32 ? 7.643   2.638   -2.452  1.00 16.00 ? 32   TYR A N   1 
ATOM   238  C CA  . TYR A 1 32 ? 8.259   1.446   -1.901  1.00 15.76 ? 32   TYR A CA  1 
ATOM   239  C C   . TYR A 1 32 ? 8.415   0.376   -2.943  1.00 15.62 ? 32   TYR A C   1 
ATOM   240  O O   . TYR A 1 32 ? 7.468   0.054   -3.656  1.00 16.10 ? 32   TYR A O   1 
ATOM   241  C CB  . TYR A 1 32 ? 7.384   0.834   -0.819  1.00 17.05 ? 32   TYR A CB  1 
ATOM   242  C CG  . TYR A 1 32 ? 7.013   1.774   0.283   1.00 17.69 ? 32   TYR A CG  1 
ATOM   243  C CD1 . TYR A 1 32 ? 7.675   1.743   1.501   1.00 22.69 ? 32   TYR A CD1 1 
ATOM   244  C CD2 . TYR A 1 32 ? 5.959   2.665   0.114   1.00 17.87 ? 32   TYR A CD2 1 
ATOM   245  C CE1 . TYR A 1 32 ? 7.265   2.611   2.553   1.00 22.34 ? 32   TYR A CE1 1 
ATOM   246  C CE2 . TYR A 1 32 ? 5.552   3.513   1.134   1.00 21.02 ? 32   TYR A CE2 1 
ATOM   247  C CZ  . TYR A 1 32 ? 6.210   3.478   2.338   1.00 21.56 ? 32   TYR A CZ  1 
ATOM   248  O OH  . TYR A 1 32 ? 5.766   4.364   3.302   1.00 23.92 ? 32   TYR A OH  1 
ATOM   249  N N   . VAL A 1 33 ? 9.619   -0.159  -3.031  1.00 15.17 ? 33   VAL A N   1 
ATOM   250  C CA  . VAL A 1 33 ? 9.861   -1.356  -3.860  1.00 14.97 ? 33   VAL A CA  1 
ATOM   251  C C   . VAL A 1 33 ? 9.339   -2.487  -2.972  1.00 15.80 ? 33   VAL A C   1 
ATOM   252  O O   . VAL A 1 33 ? 9.654   -2.581  -1.772  1.00 15.74 ? 33   VAL A O   1 
ATOM   253  C CB  . VAL A 1 33 ? 11.354  -1.560  -4.118  1.00 15.95 ? 33   VAL A CB  1 
ATOM   254  C CG1 . VAL A 1 33 ? 11.578  -2.881  -4.848  1.00 18.48 ? 33   VAL A CG1 1 
ATOM   255  C CG2 . VAL A 1 33 ? 11.874  -0.397  -4.937  1.00 16.95 ? 33   VAL A CG2 1 
ATOM   256  N N   . VAL A 1 34 ? 8.545   -3.380  -3.557  1.00 13.69 ? 34   VAL A N   1 
ATOM   257  C CA  . VAL A 1 34 ? 7.949   -4.469  -2.794  1.00 13.32 ? 34   VAL A CA  1 
ATOM   258  C C   . VAL A 1 34 ? 7.948   -5.771  -3.568  1.00 12.94 ? 34   VAL A C   1 
ATOM   259  O O   . VAL A 1 34 ? 8.124   -5.809  -4.821  1.00 14.25 ? 34   VAL A O   1 
ATOM   260  C CB  . VAL A 1 34 ? 6.437   -4.212  -2.425  1.00 13.12 ? 34   VAL A CB  1 
ATOM   261  C CG1 . VAL A 1 34 ? 6.333   -3.085  -1.375  1.00 15.86 ? 34   VAL A CG1 1 
ATOM   262  C CG2 . VAL A 1 34 ? 5.638   -3.808  -3.692  1.00 14.97 ? 34   VAL A CG2 1 
ATOM   263  N N   . TYR A 1 35 ? 7.771   -6.849  -2.805  1.00 14.57 ? 35   TYR A N   1 
ATOM   264  C CA  . TYR A 1 35 ? 7.625   -8.190  -3.379  1.00 14.58 ? 35   TYR A CA  1 
ATOM   265  C C   . TYR A 1 35 ? 6.205   -8.682  -3.116  1.00 15.75 ? 35   TYR A C   1 
ATOM   266  O O   . TYR A 1 35 ? 5.689   -8.574  -2.000  1.00 15.81 ? 35   TYR A O   1 
ATOM   267  C CB  . TYR A 1 35 ? 8.600   -9.185  -2.759  1.00 15.54 ? 35   TYR A CB  1 
ATOM   268  C CG  . TYR A 1 35 ? 9.999   -9.145  -3.292  1.00 15.44 ? 35   TYR A CG  1 
ATOM   269  C CD1 . TYR A 1 35 ? 10.940  -10.021 -2.789  1.00 16.66 ? 35   TYR A CD1 1 
ATOM   270  C CD2 . TYR A 1 35 ? 10.383  -8.265  -4.309  1.00 13.92 ? 35   TYR A CD2 1 
ATOM   271  C CE1 . TYR A 1 35 ? 12.241  -10.043 -3.273  1.00 16.31 ? 35   TYR A CE1 1 
ATOM   272  C CE2 . TYR A 1 35 ? 11.683  -8.263  -4.800  1.00 15.41 ? 35   TYR A CE2 1 
ATOM   273  C CZ  . TYR A 1 35 ? 12.605  -9.150  -4.278  1.00 17.15 ? 35   TYR A CZ  1 
ATOM   274  O OH  . TYR A 1 35 ? 13.931  -9.146  -4.698  1.00 17.63 ? 35   TYR A OH  1 
ATOM   275  N N   . GLY A 1 36 ? 5.585   -9.239  -4.148  1.00 15.16 ? 36   GLY A N   1 
ATOM   276  C CA  . GLY A 1 36 ? 4.226   -9.711  -4.031  1.00 16.80 ? 36   GLY A CA  1 
ATOM   277  C C   . GLY A 1 36 ? 3.589   -9.601  -5.412  1.00 16.87 ? 36   GLY A C   1 
ATOM   278  O O   . GLY A 1 36 ? 4.287   -9.699  -6.410  1.00 18.32 ? 36   GLY A O   1 
ATOM   279  N N   . GLU A 1 37 ? 2.286   -9.369  -5.461  1.00 16.74 ? 37   GLU A N   1 
ATOM   280  C CA  . GLU A 1 37 ? 1.533   -9.225  -6.713  1.00 18.21 ? 37   GLU A CA  1 
ATOM   281  C C   . GLU A 1 37 ? 2.023   -8.014  -7.530  1.00 18.21 ? 37   GLU A C   1 
ATOM   282  O O   . GLU A 1 37 ? 1.991   -7.993  -8.770  1.00 17.76 ? 37   GLU A O   1 
ATOM   283  C CB  . GLU A 1 37 ? 0.052   -9.077  -6.365  1.00 20.68 ? 37   GLU A CB  1 
ATOM   284  C CG  . GLU A 1 37 ? -0.852  -8.865  -7.544  1.00 25.58 ? 37   GLU A CG  1 
ATOM   285  C CD  . GLU A 1 37 ? -2.306  -8.880  -7.153  1.00 27.16 ? 37   GLU A CD  1 
ATOM   286  O OE1 . GLU A 1 37 ? -2.619  -9.226  -5.992  1.00 27.50 ? 37   GLU A OE1 1 
ATOM   287  O OE2 . GLU A 1 37 ? -3.154  -8.546  -8.013  1.00 31.42 ? 37   GLU A OE2 1 
ATOM   288  N N   . TYR A 1 38 ? 2.452   -6.966  -6.831  1.00 15.59 ? 38   TYR A N   1 
ATOM   289  C CA  . TYR A 1 38 ? 2.973   -5.777  -7.476  1.00 15.93 ? 38   TYR A CA  1 
ATOM   290  C C   . TYR A 1 38 ? 4.431   -5.567  -7.088  1.00 15.13 ? 38   TYR A C   1 
ATOM   291  O O   . TYR A 1 38 ? 4.910   -6.132  -6.087  1.00 17.53 ? 38   TYR A O   1 
ATOM   292  C CB  . TYR A 1 38 ? 2.134   -4.570  -7.063  1.00 16.51 ? 38   TYR A CB  1 
ATOM   293  C CG  . TYR A 1 38 ? 0.703   -4.654  -7.566  1.00 16.19 ? 38   TYR A CG  1 
ATOM   294  C CD1 . TYR A 1 38 ? 0.379   -4.257  -8.866  1.00 18.00 ? 38   TYR A CD1 1 
ATOM   295  C CD2 . TYR A 1 38 ? -0.302  -5.157  -6.754  1.00 17.95 ? 38   TYR A CD2 1 
ATOM   296  C CE1 . TYR A 1 38 ? -0.936  -4.370  -9.356  1.00 19.82 ? 38   TYR A CE1 1 
ATOM   297  C CE2 . TYR A 1 38 ? -1.627  -5.273  -7.229  1.00 18.49 ? 38   TYR A CE2 1 
ATOM   298  C CZ  . TYR A 1 38 ? -1.919  -4.875  -8.517  1.00 19.45 ? 38   TYR A CZ  1 
ATOM   299  O OH  . TYR A 1 38 ? -3.214  -4.965  -8.962  1.00 21.29 ? 38   TYR A OH  1 
ATOM   300  N N   . ASP A 1 39 ? 5.131   -4.772  -7.891  1.00 13.89 ? 39   ASP A N   1 
ATOM   301  C CA  . ASP A 1 39 ? 6.542   -4.458  -7.702  1.00 12.73 ? 39   ASP A CA  1 
ATOM   302  C C   . ASP A 1 39 ? 6.845   -3.167  -7.001  1.00 14.81 ? 39   ASP A C   1 
ATOM   303  O O   . ASP A 1 39 ? 7.930   -3.000  -6.421  1.00 14.71 ? 39   ASP A O   1 
ATOM   304  C CB  . ASP A 1 39 ? 7.237   -4.417  -9.072  1.00 14.81 ? 39   ASP A CB  1 
ATOM   305  C CG  . ASP A 1 39 ? 7.085   -5.718  -9.824  1.00 16.43 ? 39   ASP A CG  1 
ATOM   306  O OD1 . ASP A 1 39 ? 7.545   -6.759  -9.290  1.00 15.78 ? 39   ASP A OD1 1 
ATOM   307  O OD2 . ASP A 1 39 ? 6.533   -5.703  -10.940 1.00 15.64 ? 39   ASP A OD2 1 
ATOM   308  N N   . LEU A 1 40 ? 5.922   -2.217  -7.140  1.00 14.26 ? 40   LEU A N   1 
ATOM   309  C CA  . LEU A 1 40 ? 6.125   -0.906  -6.545  1.00 16.29 ? 40   LEU A CA  1 
ATOM   310  C C   . LEU A 1 40 ? 4.804   -0.368  -6.046  1.00 16.29 ? 40   LEU A C   1 
ATOM   311  O O   . LEU A 1 40 ? 3.771   -0.591  -6.663  1.00 17.39 ? 40   LEU A O   1 
ATOM   312  C CB  . LEU A 1 40 ? 6.716   0.068   -7.604  1.00 20.22 ? 40   LEU A CB  1 
ATOM   313  C CG  . LEU A 1 40 ? 7.188   1.493   -7.275  1.00 23.58 ? 40   LEU A CG  1 
ATOM   314  C CD1 . LEU A 1 40 ? 8.233   1.457   -6.162  1.00 24.95 ? 40   LEU A CD1 1 
ATOM   315  C CD2 . LEU A 1 40 ? 7.771   2.140   -8.545  1.00 24.88 ? 40   LEU A CD2 1 
ATOM   316  N N   . ILE A 1 41 ? 4.829   0.305   -4.897  1.00 14.89 ? 41   ILE A N   1 
ATOM   317  C CA  . ILE A 1 41 ? 3.626   0.940   -4.358  1.00 15.34 ? 41   ILE A CA  1 
ATOM   318  C C   . ILE A 1 41 ? 3.984   2.402   -4.132  1.00 15.86 ? 41   ILE A C   1 
ATOM   319  O O   . ILE A 1 41 ? 4.988   2.718   -3.507  1.00 15.15 ? 41   ILE A O   1 
ATOM   320  C CB  . ILE A 1 41 ? 3.200   0.383   -3.025  1.00 17.22 ? 41   ILE A CB  1 
ATOM   321  C CG1 . ILE A 1 41 ? 2.761   -1.053  -3.182  1.00 20.71 ? 41   ILE A CG1 1 
ATOM   322  C CG2 . ILE A 1 41 ? 1.988   1.245   -2.472  1.00 18.49 ? 41   ILE A CG2 1 
ATOM   323  C CD1 . ILE A 1 41 ? 2.316   -1.661  -1.889  1.00 21.99 ? 41   ILE A CD1 1 
ATOM   324  N N   . VAL A 1 42 ? 3.143   3.293   -4.631  1.00 14.09 ? 42   VAL A N   1 
ATOM   325  C CA  . VAL A 1 42 ? 3.402   4.716   -4.499  1.00 15.68 ? 42   VAL A CA  1 
ATOM   326  C C   . VAL A 1 42 ? 2.179   5.413   -3.908  1.00 14.95 ? 42   VAL A C   1 
ATOM   327  O O   . VAL A 1 42 ? 1.033   5.081   -4.246  1.00 15.68 ? 42   VAL A O   1 
ATOM   328  C CB  . VAL A 1 42 ? 3.762   5.305   -5.879  1.00 19.30 ? 42   VAL A CB  1 
ATOM   329  C CG1 . VAL A 1 42 ? 4.785   4.363   -6.570  1.00 21.34 ? 42   VAL A CG1 1 
ATOM   330  C CG2 . VAL A 1 42 ? 2.538   5.501   -6.739  1.00 24.43 ? 42   VAL A CG2 1 
ATOM   331  N N   . LYS A 1 43 ? 2.406   6.319   -2.960  1.00 12.86 ? 43   LYS A N   1 
ATOM   332  C CA  . LYS A 1 43 ? 1.311   7.077   -2.344  1.00 14.24 ? 43   LYS A CA  1 
ATOM   333  C C   . LYS A 1 43 ? 1.367   8.442   -3.009  1.00 15.53 ? 43   LYS A C   1 
ATOM   334  O O   . LYS A 1 43 ? 2.405   9.106   -3.007  1.00 15.66 ? 43   LYS A O   1 
ATOM   335  C CB  . LYS A 1 43 ? 1.464   7.263   -0.804  1.00 14.67 ? 43   LYS A CB  1 
ATOM   336  C CG  . LYS A 1 43 ? 0.192   7.870   -0.144  1.00 17.60 ? 43   LYS A CG  1 
ATOM   337  C CD  . LYS A 1 43 ? 0.350   8.156   1.373   1.00 17.02 ? 43   LYS A CD  1 
ATOM   338  C CE  . LYS A 1 43 ? -0.973  8.572   2.005   1.00 19.07 ? 43   LYS A CE  1 
ATOM   339  N NZ  . LYS A 1 43 ? -0.704  9.152   3.365   1.00 21.00 ? 43   LYS A NZ  1 
ATOM   340  N N   . VAL A 1 44 ? 0.244   8.854   -3.590  1.00 14.58 ? 44   VAL A N   1 
ATOM   341  C CA  . VAL A 1 44 ? 0.151   10.166  -4.227  1.00 15.34 ? 44   VAL A CA  1 
ATOM   342  C C   . VAL A 1 44 ? -0.980  10.992  -3.627  1.00 16.70 ? 44   VAL A C   1 
ATOM   343  O O   . VAL A 1 44 ? -1.949  10.471  -3.065  1.00 15.92 ? 44   VAL A O   1 
ATOM   344  C CB  . VAL A 1 44 ? -0.143  10.058  -5.733  1.00 16.31 ? 44   VAL A CB  1 
ATOM   345  C CG1 . VAL A 1 44 ? 0.988   9.378   -6.449  1.00 17.52 ? 44   VAL A CG1 1 
ATOM   346  C CG2 . VAL A 1 44 ? -1.418  9.301   -5.956  1.00 16.55 ? 44   VAL A CG2 1 
ATOM   347  N N   . GLU A 1 45 ? -0.788  12.307  -3.689  1.00 16.03 ? 45   GLU A N   1 
ATOM   348  C CA  . GLU A 1 45 ? -1.804  13.274  -3.277  1.00 16.69 ? 45   GLU A CA  1 
ATOM   349  C C   . GLU A 1 45 ? -1.925  14.278  -4.440  1.00 17.35 ? 45   GLU A C   1 
ATOM   350  O O   . GLU A 1 45 ? -0.922  14.784  -4.961  1.00 18.62 ? 45   GLU A O   1 
ATOM   351  C CB  . GLU A 1 45 ? -1.401  13.986  -1.956  1.00 18.66 ? 45   GLU A CB  1 
ATOM   352  C CG  . GLU A 1 45 ? -1.367  13.043  -0.758  1.00 19.83 ? 45   GLU A CG  1 
ATOM   353  C CD  . GLU A 1 45 ? -0.817  13.680  0.525   1.00 24.41 ? 45   GLU A CD  1 
ATOM   354  O OE1 . GLU A 1 45 ? -0.119  14.707  0.430   1.00 25.27 ? 45   GLU A OE1 1 
ATOM   355  O OE2 . GLU A 1 45 ? -1.081  13.134  1.610   1.00 25.80 ? 45   GLU A OE2 1 
ATOM   356  N N   . THR A 1 46 ? -3.161  14.545  -4.844  1.00 16.43 ? 46   THR A N   1 
ATOM   357  C CA  . THR A 1 46 ? -3.457  15.480  -5.934  1.00 16.77 ? 46   THR A CA  1 
ATOM   358  C C   . THR A 1 46 ? -4.611  16.388  -5.519  1.00 16.86 ? 46   THR A C   1 
ATOM   359  O O   . THR A 1 46 ? -5.363  16.062  -4.603  1.00 17.72 ? 46   THR A O   1 
ATOM   360  C CB  . THR A 1 46 ? -3.821  14.738  -7.251  1.00 17.41 ? 46   THR A CB  1 
ATOM   361  O OG1 . THR A 1 46 ? -4.988  13.932  -7.057  1.00 18.51 ? 46   THR A OG1 1 
ATOM   362  C CG2 . THR A 1 46 ? -2.628  13.871  -7.731  1.00 18.17 ? 46   THR A CG2 1 
ATOM   363  N N   . ASP A 1 47 ? -4.765  17.520  -6.204  1.00 18.42 ? 47   ASP A N   1 
ATOM   364  C CA  . ASP A 1 47 ? -5.835  18.442  -5.850  1.00 20.69 ? 47   ASP A CA  1 
ATOM   365  C C   . ASP A 1 47 ? -7.223  17.868  -6.101  1.00 20.20 ? 47   ASP A C   1 
ATOM   366  O O   . ASP A 1 47 ? -8.154  18.027  -5.300  1.00 23.03 ? 47   ASP A O   1 
ATOM   367  C CB  . ASP A 1 47 ? -5.667  19.726  -6.663  1.00 24.18 ? 47   ASP A CB  1 
ATOM   368  C CG  . ASP A 1 47 ? -4.435  20.508  -6.270  1.00 29.46 ? 47   ASP A CG  1 
ATOM   369  O OD1 . ASP A 1 47 ? -3.841  20.209  -5.209  1.00 32.55 ? 47   ASP A OD1 1 
ATOM   370  O OD2 . ASP A 1 47 ? -4.070  21.441  -7.024  1.00 32.36 ? 47   ASP A OD2 1 
ATOM   371  N N   . THR A 1 48 ? -7.359  17.219  -7.242  1.00 17.36 ? 48   THR A N   1 
ATOM   372  C CA  . THR A 1 48 ? -8.616  16.672  -7.700  1.00 17.33 ? 48   THR A CA  1 
ATOM   373  C C   . THR A 1 48 ? -8.435  15.284  -8.282  1.00 17.80 ? 48   THR A C   1 
ATOM   374  O O   . THR A 1 48 ? -7.298  14.831  -8.544  1.00 16.69 ? 48   THR A O   1 
ATOM   375  C CB  . THR A 1 48 ? -9.196  17.546  -8.857  1.00 17.60 ? 48   THR A CB  1 
ATOM   376  O OG1 . THR A 1 48 ? -8.331  17.440  -10.016 1.00 18.46 ? 48   THR A OG1 1 
ATOM   377  C CG2 . THR A 1 48 ? -9.239  19.041  -8.431  1.00 19.45 ? 48   THR A CG2 1 
ATOM   378  N N   . LEU A 1 49 ? -9.552  14.601  -8.485  1.00 16.31 ? 49   LEU A N   1 
ATOM   379  C CA  . LEU A 1 49 ? -9.536  13.297  -9.145  1.00 17.62 ? 49   LEU A CA  1 
ATOM   380  C C   . LEU A 1 49 ? -9.085  13.430  -10.590 1.00 17.51 ? 49   LEU A C   1 
ATOM   381  O O   . LEU A 1 49 ? -8.402  12.550  -11.133 1.00 17.77 ? 49   LEU A O   1 
ATOM   382  C CB  . LEU A 1 49 ? -10.912 12.619  -9.103  1.00 19.95 ? 49   LEU A CB  1 
ATOM   383  C CG  . LEU A 1 49 ? -11.211 11.814  -7.863  1.00 20.80 ? 49   LEU A CG  1 
ATOM   384  C CD1 . LEU A 1 49 ? -12.514 11.050  -8.132  1.00 19.12 ? 49   LEU A CD1 1 
ATOM   385  C CD2 . LEU A 1 49 ? -10.071 10.788  -7.556  1.00 22.11 ? 49   LEU A CD2 1 
ATOM   386  N N   . LYS A 1 50 ? -9.464  14.521  -11.248 1.00 16.08 ? 50   LYS A N   1 
ATOM   387  C CA  . LYS A 1 50 ? -9.052  14.724  -12.615 1.00 17.65 ? 50   LYS A CA  1 
ATOM   388  C C   . LYS A 1 50 ? -7.522  14.772  -12.667 1.00 16.55 ? 50   LYS A C   1 
ATOM   389  O O   . LYS A 1 50 ? -6.903  14.209  -13.572 1.00 16.82 ? 50   LYS A O   1 
ATOM   390  C CB  . LYS A 1 50 ? -9.669  16.029  -13.141 1.00 18.14 ? 50   LYS A CB  1 
ATOM   391  C CG  . LYS A 1 50 ? -9.178  16.401  -14.510 1.00 21.49 ? 50   LYS A CG  1 
ATOM   392  C CD  . LYS A 1 50 ? -10.003 17.517  -15.094 1.00 23.52 ? 50   LYS A CD  1 
ATOM   393  C CE  . LYS A 1 50 ? -9.353  18.053  -16.356 1.00 28.07 ? 50   LYS A CE  1 
ATOM   394  N NZ  . LYS A 1 50 ? -10.252 18.998  -17.065 1.00 32.89 ? 50   LYS A NZ  1 
ATOM   395  N N   . ASP A 1 51 ? -6.913  15.430  -11.684 1.00 17.39 ? 51   ASP A N   1 
ATOM   396  C CA  . ASP A 1 51 ? -5.453  15.491  -11.644 1.00 17.02 ? 51   ASP A CA  1 
ATOM   397  C C   . ASP A 1 51 ? -4.855  14.094  -11.442 1.00 16.08 ? 51   ASP A C   1 
ATOM   398  O O   . ASP A 1 51 ? -3.837  13.750  -12.047 1.00 16.21 ? 51   ASP A O   1 
ATOM   399  C CB  . ASP A 1 51 ? -4.972  16.423  -10.520 1.00 18.57 ? 51   ASP A CB  1 
ATOM   400  C CG  . ASP A 1 51 ? -5.257  17.894  -10.811 1.00 21.81 ? 51   ASP A CG  1 
ATOM   401  O OD1 . ASP A 1 51 ? -5.105  18.298  -11.977 1.00 24.91 ? 51   ASP A OD1 1 
ATOM   402  O OD2 . ASP A 1 51 ? -5.608  18.624  -9.867  1.00 27.05 ? 51   ASP A OD2 1 
ATOM   403  N N   . LEU A 1 52 ? -5.463  13.307  -10.571 1.00 15.48 ? 52   LEU A N   1 
ATOM   404  C CA  . LEU A 1 52 ? -4.969  11.947  -10.354 1.00 13.71 ? 52   LEU A CA  1 
ATOM   405  C C   . LEU A 1 52 ? -5.096  11.123  -11.641 1.00 15.03 ? 52   LEU A C   1 
ATOM   406  O O   . LEU A 1 52 ? -4.193  10.355  -11.961 1.00 15.06 ? 52   LEU A O   1 
ATOM   407  C CB  . LEU A 1 52 ? -5.743  11.306  -9.208  1.00 14.07 ? 52   LEU A CB  1 
ATOM   408  C CG  . LEU A 1 52 ? -5.447  9.817   -8.981  1.00 12.94 ? 52   LEU A CG  1 
ATOM   409  C CD1 . LEU A 1 52 ? -3.955  9.638   -8.638  1.00 15.41 ? 52   LEU A CD1 1 
ATOM   410  C CD2 . LEU A 1 52 ? -6.393  9.263   -7.896  1.00 14.86 ? 52   LEU A CD2 1 
ATOM   411  N N   . ASP A 1 53 ? -6.219  11.252  -12.343 1.00 14.64 ? 53   ASP A N   1 
ATOM   412  C CA  . ASP A 1 53 ? -6.445  10.518  -13.573 1.00 15.09 ? 53   ASP A CA  1 
ATOM   413  C C   . ASP A 1 53 ? -5.377  10.855  -14.599 1.00 15.68 ? 53   ASP A C   1 
ATOM   414  O O   . ASP A 1 53 ? -4.827  9.966   -15.260 1.00 17.18 ? 53   ASP A O   1 
ATOM   415  C CB  . ASP A 1 53 ? -7.843  10.853  -14.110 1.00 16.78 ? 53   ASP A CB  1 
ATOM   416  C CG  . ASP A 1 53 ? -8.338  9.831   -15.089 1.00 20.99 ? 53   ASP A CG  1 
ATOM   417  O OD1 . ASP A 1 53 ? -8.023  8.632   -14.926 1.00 24.36 ? 53   ASP A OD1 1 
ATOM   418  O OD2 . ASP A 1 53 ? -9.051  10.230  -16.023 1.00 23.94 ? 53   ASP A OD2 1 
ATOM   419  N N   . GLN A 1 54 ? -5.062  12.141  -14.731 1.00 16.20 ? 54   GLN A N   1 
ATOM   420  C CA  . GLN A 1 54 ? -4.043  12.550  -15.672 1.00 18.32 ? 54   GLN A CA  1 
ATOM   421  C C   . GLN A 1 54 ? -2.682  12.035  -15.261 1.00 16.98 ? 54   GLN A C   1 
ATOM   422  O O   . GLN A 1 54 ? -1.887  11.650  -16.119 1.00 18.30 ? 54   GLN A O   1 
ATOM   423  C CB  . GLN A 1 54 ? -4.054  14.069  -15.833 1.00 20.05 ? 54   GLN A CB  1 
ATOM   424  C CG  . GLN A 1 54 ? -5.352  14.495  -16.472 1.00 26.99 ? 54   GLN A CG  1 
ATOM   425  C CD  . GLN A 1 54 ? -5.444  15.982  -16.716 1.00 29.73 ? 54   GLN A CD  1 
ATOM   426  O OE1 . GLN A 1 54 ? -4.501  16.731  -16.455 1.00 33.23 ? 54   GLN A OE1 1 
ATOM   427  N NE2 . GLN A 1 54 ? -6.588  16.419  -17.231 1.00 30.44 ? 54   GLN A NE2 1 
ATOM   428  N N   . PHE A 1 55 ? -2.393  11.999  -13.969 1.00 15.29 ? 55   PHE A N   1 
ATOM   429  C CA  . PHE A 1 55 ? -1.112  11.460  -13.527 1.00 17.08 ? 55   PHE A CA  1 
ATOM   430  C C   . PHE A 1 55 ? -0.992  9.992   -13.931 1.00 16.34 ? 55   PHE A C   1 
ATOM   431  O O   . PHE A 1 55 ? 0.053   9.566   -14.440 1.00 15.62 ? 55   PHE A O   1 
ATOM   432  C CB  . PHE A 1 55 ? -1.020  11.591  -12.008 1.00 16.93 ? 55   PHE A CB  1 
ATOM   433  C CG  . PHE A 1 55 ? 0.282   11.125  -11.435 1.00 17.54 ? 55   PHE A CG  1 
ATOM   434  C CD1 . PHE A 1 55 ? 1.353   12.007  -11.347 1.00 20.31 ? 55   PHE A CD1 1 
ATOM   435  C CD2 . PHE A 1 55 ? 0.456   9.805   -11.010 1.00 17.81 ? 55   PHE A CD2 1 
ATOM   436  C CE1 . PHE A 1 55 ? 2.583   11.582  -10.837 1.00 19.56 ? 55   PHE A CE1 1 
ATOM   437  C CE2 . PHE A 1 55 ? 1.701   9.360   -10.494 1.00 17.07 ? 55   PHE A CE2 1 
ATOM   438  C CZ  . PHE A 1 55 ? 2.755   10.263  -10.411 1.00 18.18 ? 55   PHE A CZ  1 
ATOM   439  N N   . ILE A 1 56 ? -2.045  9.216   -13.678 1.00 15.49 ? 56   ILE A N   1 
ATOM   440  C CA  . ILE A 1 56 ? -2.048  7.793   -13.979 1.00 15.30 ? 56   ILE A CA  1 
ATOM   441  C C   . ILE A 1 56 ? -1.993  7.481   -15.467 1.00 16.41 ? 56   ILE A C   1 
ATOM   442  O O   . ILE A 1 56 ? -1.253  6.592   -15.873 1.00 15.91 ? 56   ILE A O   1 
ATOM   443  C CB  . ILE A 1 56 ? -3.336  7.143   -13.390 1.00 15.49 ? 56   ILE A CB  1 
ATOM   444  C CG1 . ILE A 1 56 ? -3.243  7.127   -11.859 1.00 17.34 ? 56   ILE A CG1 1 
ATOM   445  C CG2 . ILE A 1 56 ? -3.547  5.722   -13.953 1.00 18.52 ? 56   ILE A CG2 1 
ATOM   446  C CD1 . ILE A 1 56 ? -4.512  6.673   -11.177 1.00 20.90 ? 56   ILE A CD1 1 
ATOM   447  N N   . THR A 1 57 ? -2.754  8.194   -16.289 1.00 18.23 ? 57   THR A N   1 
ATOM   448  C CA  . THR A 1 57 ? -2.745  7.814   -17.701 1.00 18.39 ? 57   THR A CA  1 
ATOM   449  C C   . THR A 1 57 ? -1.733  8.570   -18.563 1.00 18.70 ? 57   THR A C   1 
ATOM   450  O O   . THR A 1 57 ? -1.230  8.017   -19.567 1.00 20.66 ? 57   THR A O   1 
ATOM   451  C CB  . THR A 1 57 ? -4.157  7.911   -18.285 1.00 20.48 ? 57   THR A CB  1 
ATOM   452  O OG1 . THR A 1 57 ? -4.494  9.287   -18.377 1.00 21.74 ? 57   THR A OG1 1 
ATOM   453  C CG2 . THR A 1 57 ? -5.201  7.186   -17.384 1.00 21.66 ? 57   THR A CG2 1 
ATOM   454  N N   . GLU A 1 58 ? -1.366  9.779   -18.162 1.00 17.60 ? 58   GLU A N   1 
ATOM   455  C CA  . GLU A 1 58 ? -0.359  10.524  -18.913 1.00 18.05 ? 58   GLU A CA  1 
ATOM   456  C C   . GLU A 1 58 ? 1.048   10.484  -18.335 1.00 19.26 ? 58   GLU A C   1 
ATOM   457  O O   . GLU A 1 58 ? 1.977   10.066  -19.019 1.00 18.48 ? 58   GLU A O   1 
ATOM   458  C CB  . GLU A 1 58 ? -0.740  11.986  -19.067 1.00 20.37 ? 58   GLU A CB  1 
ATOM   459  C CG  . GLU A 1 58 ? -2.142  12.210  -19.614 1.00 21.29 ? 58   GLU A CG  1 
ATOM   460  C CD  . GLU A 1 58 ? -2.467  13.698  -19.753 1.00 24.35 ? 58   GLU A CD  1 
ATOM   461  O OE1 . GLU A 1 58 ? -3.647  14.095  -19.655 1.00 23.21 ? 58   GLU A OE1 1 
ATOM   462  O OE2 . GLU A 1 58 ? -1.535  14.488  -19.977 1.00 26.52 ? 58   GLU A OE2 1 
ATOM   463  N N   . LYS A 1 59 ? 1.205   10.927  -17.091 1.00 18.83 ? 59   LYS A N   1 
ATOM   464  C CA  . LYS A 1 59 ? 2.547   10.968  -16.507 1.00 18.47 ? 59   LYS A CA  1 
ATOM   465  C C   . LYS A 1 59 ? 3.207   9.604   -16.416 1.00 18.40 ? 59   LYS A C   1 
ATOM   466  O O   . LYS A 1 59 ? 4.380   9.469   -16.732 1.00 18.96 ? 59   LYS A O   1 
ATOM   467  C CB  . LYS A 1 59 ? 2.505   11.624  -15.131 1.00 21.50 ? 59   LYS A CB  1 
ATOM   468  C CG  . LYS A 1 59 ? 3.868   12.109  -14.655 1.00 25.07 ? 59   LYS A CG  1 
ATOM   469  C CD  . LYS A 1 59 ? 3.701   13.428  -13.905 1.00 27.98 ? 59   LYS A CD  1 
ATOM   470  C CE  . LYS A 1 59 ? 5.009   14.110  -13.583 1.00 30.99 ? 59   LYS A CE  1 
ATOM   471  N NZ  . LYS A 1 59 ? 4.774   15.274  -12.648 1.00 31.89 ? 59   LYS A NZ  1 
ATOM   472  N N   . ILE A 1 60 ? 2.469   8.587   -15.983 1.00 16.93 ? 60   ILE A N   1 
ATOM   473  C CA  . ILE A 1 60 ? 3.055   7.258   -15.875 1.00 17.77 ? 60   ILE A CA  1 
ATOM   474  C C   . ILE A 1 60 ? 3.485   6.714   -17.237 1.00 18.24 ? 60   ILE A C   1 
ATOM   475  O O   . ILE A 1 60 ? 4.467   5.971   -17.315 1.00 17.90 ? 60   ILE A O   1 
ATOM   476  C CB  . ILE A 1 60 ? 2.095   6.269   -15.183 1.00 17.56 ? 60   ILE A CB  1 
ATOM   477  C CG1 . ILE A 1 60 ? 1.919   6.694   -13.721 1.00 18.10 ? 60   ILE A CG1 1 
ATOM   478  C CG2 . ILE A 1 60 ? 2.649   4.830   -15.262 1.00 16.38 ? 60   ILE A CG2 1 
ATOM   479  C CD1 . ILE A 1 60 ? 3.207   6.877   -12.942 1.00 20.30 ? 60   ILE A CD1 1 
ATOM   480  N N   . ARG A 1 61 ? 2.790   7.099   -18.314 1.00 16.23 ? 61   ARG A N   1 
ATOM   481  C CA  . ARG A 1 61 ? 3.203   6.639   -19.635 1.00 17.03 ? 61   ARG A CA  1 
ATOM   482  C C   . ARG A 1 61 ? 4.535   7.218   -20.124 1.00 17.38 ? 61   ARG A C   1 
ATOM   483  O O   . ARG A 1 61 ? 5.053   6.786   -21.160 1.00 18.91 ? 61   ARG A O   1 
ATOM   484  C CB  . ARG A 1 61 ? 2.068   6.890   -20.658 1.00 17.50 ? 61   ARG A CB  1 
ATOM   485  C CG  . ARG A 1 61 ? 1.064   5.761   -20.645 1.00 19.26 ? 61   ARG A CG  1 
ATOM   486  C CD  . ARG A 1 61 ? 0.072   5.894   -21.812 1.00 18.82 ? 61   ARG A CD  1 
ATOM   487  N NE  . ARG A 1 61 ? -0.749  4.710   -21.983 1.00 19.50 ? 61   ARG A NE  1 
ATOM   488  C CZ  . ARG A 1 61 ? -1.926  4.528   -21.376 1.00 16.91 ? 61   ARG A CZ  1 
ATOM   489  N NH1 . ARG A 1 61 ? -2.388  5.483   -20.559 1.00 18.22 ? 61   ARG A NH1 1 
ATOM   490  N NH2 . ARG A 1 61 ? -2.646  3.422   -21.616 1.00 17.88 ? 61   ARG A NH2 1 
ATOM   491  N N   . LYS A 1 62 ? 5.097   8.183   -19.393 1.00 17.59 ? 62   LYS A N   1 
ATOM   492  C CA  . LYS A 1 62 ? 6.417   8.730   -19.762 1.00 19.49 ? 62   LYS A CA  1 
ATOM   493  C C   . LYS A 1 62 ? 7.488   7.729   -19.347 1.00 21.73 ? 62   LYS A C   1 
ATOM   494  O O   . LYS A 1 62 ? 8.644   7.853   -19.760 1.00 23.59 ? 62   LYS A O   1 
ATOM   495  C CB  . LYS A 1 62 ? 6.686   10.084  -19.062 1.00 22.36 ? 62   LYS A CB  1 
ATOM   496  C CG  . LYS A 1 62 ? 5.706   11.191  -19.470 1.00 23.83 ? 62   LYS A CG  1 
ATOM   497  C CD  . LYS A 1 62 ? 5.986   12.532  -18.783 1.00 27.28 ? 62   LYS A CD  1 
ATOM   498  C CE  . LYS A 1 62 ? 7.326   13.077  -19.216 1.00 31.24 ? 62   LYS A CE  1 
ATOM   499  N NZ  . LYS A 1 62 ? 7.484   12.959  -20.691 1.00 33.97 ? 62   LYS A NZ  1 
ATOM   500  N N   . MET A 1 63 ? 7.107   6.736   -18.535 1.00 20.70 ? 63   MET A N   1 
ATOM   501  C CA  . MET A 1 63 ? 8.034   5.706   -18.065 1.00 20.79 ? 63   MET A CA  1 
ATOM   502  C C   . MET A 1 63 ? 7.539   4.353   -18.547 1.00 21.94 ? 63   MET A C   1 
ATOM   503  O O   . MET A 1 63 ? 6.818   3.651   -17.842 1.00 20.55 ? 63   MET A O   1 
ATOM   504  C CB  . MET A 1 63 ? 8.117   5.731   -16.530 1.00 21.99 ? 63   MET A CB  1 
ATOM   505  C CG  . MET A 1 63 ? 8.720   7.027   -16.020 1.00 22.76 ? 63   MET A CG  1 
ATOM   506  S SD  . MET A 1 63 ? 8.473   7.286   -14.247 1.00 23.92 ? 63   MET A SD  1 
ATOM   507  C CE  . MET A 1 63 ? 6.748   7.726   -14.312 1.00 24.48 ? 63   MET A CE  1 
ATOM   508  N N   . PRO A 1 64 ? 7.933   3.942   -19.762 1.00 21.89 ? 64   PRO A N   1 
ATOM   509  C CA  . PRO A 1 64 ? 7.456   2.644   -20.249 1.00 22.47 ? 64   PRO A CA  1 
ATOM   510  C C   . PRO A 1 64 ? 7.895   1.422   -19.444 1.00 20.97 ? 64   PRO A C   1 
ATOM   511  O O   . PRO A 1 64 ? 7.422   0.311   -19.666 1.00 21.03 ? 64   PRO A O   1 
ATOM   512  C CB  . PRO A 1 64 ? 7.917   2.627   -21.710 1.00 22.91 ? 64   PRO A CB  1 
ATOM   513  C CG  . PRO A 1 64 ? 9.155   3.497   -21.703 1.00 24.64 ? 64   PRO A CG  1 
ATOM   514  C CD  . PRO A 1 64 ? 8.779   4.632   -20.753 1.00 22.90 ? 64   PRO A CD  1 
ATOM   515  N N   . GLU A 1 65 ? 8.776   1.662   -18.477 1.00 20.56 ? 65   GLU A N   1 
ATOM   516  C CA  . GLU A 1 65 ? 9.210   0.586   -17.597 1.00 20.39 ? 65   GLU A CA  1 
ATOM   517  C C   . GLU A 1 65 ? 8.021   0.156   -16.716 1.00 19.66 ? 65   GLU A C   1 
ATOM   518  O O   . GLU A 1 65 ? 7.981   -0.954  -16.174 1.00 19.16 ? 65   GLU A O   1 
ATOM   519  C CB  . GLU A 1 65 ? 10.348  1.065   -16.683 1.00 22.19 ? 65   GLU A CB  1 
ATOM   520  C CG  . GLU A 1 65 ? 11.660  1.419   -17.380 1.00 25.60 ? 65   GLU A CG  1 
ATOM   521  C CD  . GLU A 1 65 ? 11.680  2.789   -18.011 1.00 28.71 ? 65   GLU A CD  1 
ATOM   522  O OE1 . GLU A 1 65 ? 10.727  3.562   -17.828 1.00 26.62 ? 65   GLU A OE1 1 
ATOM   523  O OE2 . GLU A 1 65 ? 12.677  3.107   -18.698 1.00 31.80 ? 65   GLU A OE2 1 
ATOM   524  N N   . ILE A 1 66 ? 7.055   1.054   -16.551 1.00 18.07 ? 66   ILE A N   1 
ATOM   525  C CA  . ILE A 1 66 ? 5.870   0.740   -15.754 1.00 17.97 ? 66   ILE A CA  1 
ATOM   526  C C   . ILE A 1 66 ? 4.845   0.100   -16.706 1.00 17.98 ? 66   ILE A C   1 
ATOM   527  O O   . ILE A 1 66 ? 4.292   0.771   -17.590 1.00 20.36 ? 66   ILE A O   1 
ATOM   528  C CB  . ILE A 1 66 ? 5.290   2.001   -15.096 1.00 16.74 ? 66   ILE A CB  1 
ATOM   529  C CG1 . ILE A 1 66 ? 6.332   2.642   -14.166 1.00 19.18 ? 66   ILE A CG1 1 
ATOM   530  C CG2 . ILE A 1 66 ? 4.048   1.618   -14.310 1.00 17.12 ? 66   ILE A CG2 1 
ATOM   531  C CD1 . ILE A 1 66 ? 5.960   4.006   -13.608 1.00 20.68 ? 66   ILE A CD1 1 
ATOM   532  N N   . GLN A 1 67 ? 4.594   -1.182  -16.529 1.00 16.27 ? 67   GLN A N   1 
ATOM   533  C CA  . GLN A 1 67 ? 3.713   -1.961  -17.422 1.00 16.93 ? 67   GLN A CA  1 
ATOM   534  C C   . GLN A 1 67 ? 2.245   -2.024  -17.059 1.00 18.61 ? 67   GLN A C   1 
ATOM   535  O O   . GLN A 1 67 ? 1.379   -2.201  -17.948 1.00 19.59 ? 67   GLN A O   1 
ATOM   536  C CB  . GLN A 1 67 ? 4.283   -3.404  -17.555 1.00 16.55 ? 67   GLN A CB  1 
ATOM   537  C CG  . GLN A 1 67 ? 5.703   -3.445  -18.025 1.00 17.16 ? 67   GLN A CG  1 
ATOM   538  C CD  . GLN A 1 67 ? 6.293   -4.839  -17.982 1.00 17.37 ? 67   GLN A CD  1 
ATOM   539  O OE1 . GLN A 1 67 ? 5.825   -5.700  -17.237 1.00 18.46 ? 67   GLN A OE1 1 
ATOM   540  N NE2 . GLN A 1 67 ? 7.335   -5.064  -18.766 1.00 20.97 ? 67   GLN A NE2 1 
ATOM   541  N N   . MET A 1 68 ? 1.931   -1.887  -15.765 1.00 17.65 ? 68   MET A N   1 
ATOM   542  C CA  . MET A 1 68 ? 0.555   -1.972  -15.334 1.00 18.92 ? 68   MET A CA  1 
ATOM   543  C C   . MET A 1 68 ? 0.399   -1.231  -14.022 1.00 18.03 ? 68   MET A C   1 
ATOM   544  O O   . MET A 1 68 ? 1.311   -1.224  -13.202 1.00 18.86 ? 68   MET A O   1 
ATOM   545  C CB  . MET A 1 68 ? 0.135   -3.448  -15.147 1.00 23.08 ? 68   MET A CB  1 
ATOM   546  C CG  . MET A 1 68 ? -1.355  -3.683  -14.879 1.00 31.64 ? 68   MET A CG  1 
ATOM   547  S SD  . MET A 1 68 ? -1.803  -3.651  -13.124 1.00 40.50 ? 68   MET A SD  1 
ATOM   548  C CE  . MET A 1 68 ? -1.765  -5.445  -12.698 1.00 39.93 ? 68   MET A CE  1 
ATOM   549  N N   . THR A 1 69 ? -0.705  -0.515  -13.888 1.00 15.60 ? 69   THR A N   1 
ATOM   550  C CA  . THR A 1 69 ? -1.016  0.119   -12.614 1.00 14.91 ? 69   THR A CA  1 
ATOM   551  C C   . THR A 1 69 ? -2.463  -0.155  -12.247 1.00 16.16 ? 69   THR A C   1 
ATOM   552  O O   . THR A 1 69 ? -3.334  -0.324  -13.133 1.00 15.29 ? 69   THR A O   1 
ATOM   553  C CB  . THR A 1 69 ? -0.818  1.662   -12.600 1.00 14.59 ? 69   THR A CB  1 
ATOM   554  O OG1 . THR A 1 69 ? -1.803  2.312   -13.435 1.00 14.60 ? 69   THR A OG1 1 
ATOM   555  C CG2 . THR A 1 69 ? 0.597   2.054   -13.064 1.00 16.57 ? 69   THR A CG2 1 
ATOM   556  N N   . SER A 1 70 ? -2.695  -0.240  -10.935 1.00 15.11 ? 70   SER A N   1 
ATOM   557  C CA  . SER A 1 70 ? -4.040  -0.386  -10.350 1.00 14.66 ? 70   SER A CA  1 
ATOM   558  C C   . SER A 1 70 ? -4.045  0.633   -9.210  1.00 15.54 ? 70   SER A C   1 
ATOM   559  O O   . SER A 1 70 ? -3.222  0.537   -8.291  1.00 15.73 ? 70   SER A O   1 
ATOM   560  C CB  . SER A 1 70 ? -4.305  -1.787  -9.799  1.00 16.70 ? 70   SER A CB  1 
ATOM   561  O OG  . SER A 1 70 ? -5.641  -1.893  -9.313  1.00 18.93 ? 70   SER A OG  1 
ATOM   562  N N   . THR A 1 71 ? -4.975  1.576   -9.239  1.00 15.23 ? 71   THR A N   1 
ATOM   563  C CA  . THR A 1 71 ? -4.993  2.645   -8.229  1.00 15.78 ? 71   THR A CA  1 
ATOM   564  C C   . THR A 1 71 ? -6.140  2.508   -7.229  1.00 16.76 ? 71   THR A C   1 
ATOM   565  O O   . THR A 1 71 ? -7.281  2.211   -7.614  1.00 18.62 ? 71   THR A O   1 
ATOM   566  C CB  . THR A 1 71 ? -5.061  3.979   -8.938  1.00 16.04 ? 71   THR A CB  1 
ATOM   567  O OG1 . THR A 1 71 ? -3.922  4.110   -9.802  1.00 16.63 ? 71   THR A OG1 1 
ATOM   568  C CG2 . THR A 1 71 ? -5.048  5.161   -7.941  1.00 16.84 ? 71   THR A CG2 1 
ATOM   569  N N   . MET A 1 72 ? -5.822  2.690   -5.947  1.00 17.06 ? 72   MET A N   1 
ATOM   570  C CA  . MET A 1 72 ? -6.820  2.579   -4.854  1.00 16.85 ? 72   MET A CA  1 
ATOM   571  C C   . MET A 1 72 ? -7.030  4.002   -4.303  1.00 16.26 ? 72   MET A C   1 
ATOM   572  O O   . MET A 1 72 ? -6.088  4.556   -3.744  1.00 15.73 ? 72   MET A O   1 
ATOM   573  C CB  . MET A 1 72 ? -6.257  1.707   -3.722  1.00 19.63 ? 72   MET A CB  1 
ATOM   574  C CG  . MET A 1 72 ? -5.684  0.341   -4.118  1.00 21.06 ? 72   MET A CG  1 
ATOM   575  S SD  . MET A 1 72 ? -6.945  -0.807  -4.654  1.00 23.38 ? 72   MET A SD  1 
ATOM   576  C CE  . MET A 1 72 ? -5.904  -1.858  -5.745  1.00 22.88 ? 72   MET A CE  1 
ATOM   577  N N   . ILE A 1 73 ? -8.217  4.614   -4.493  1.00 14.51 ? 73   ILE A N   1 
ATOM   578  C CA  . ILE A 1 73 ? -8.488  5.985   -3.968  1.00 14.56 ? 73   ILE A CA  1 
ATOM   579  C C   . ILE A 1 73 ? -8.931  5.911   -2.512  1.00 12.58 ? 73   ILE A C   1 
ATOM   580  O O   . ILE A 1 73 ? -9.887  5.219   -2.184  1.00 13.92 ? 73   ILE A O   1 
ATOM   581  C CB  . ILE A 1 73 ? -9.613  6.693   -4.775  1.00 16.41 ? 73   ILE A CB  1 
ATOM   582  C CG1 . ILE A 1 73 ? -9.215  6.843   -6.239  1.00 18.33 ? 73   ILE A CG1 1 
ATOM   583  C CG2 . ILE A 1 73 ? -9.903  8.057   -4.181  1.00 17.17 ? 73   ILE A CG2 1 
ATOM   584  C CD1 . ILE A 1 73 ? -10.388 7.190   -7.166  1.00 20.89 ? 73   ILE A CD1 1 
ATOM   585  N N   . ALA A 1 74 ? -8.246  6.627   -1.630  1.00 12.64 ? 74   ALA A N   1 
ATOM   586  C CA  . ALA A 1 74 ? -8.638  6.602   -0.213  1.00 13.67 ? 74   ALA A CA  1 
ATOM   587  C C   . ALA A 1 74 ? -9.958  7.360   -0.006  1.00 13.62 ? 74   ALA A C   1 
ATOM   588  O O   . ALA A 1 74 ? -10.089 8.513   -0.447  1.00 15.71 ? 74   ALA A O   1 
ATOM   589  C CB  . ALA A 1 74 ? -7.525  7.232   0.620   1.00 14.86 ? 74   ALA A CB  1 
ATOM   590  N N   . ILE A 1 75 ? -10.917 6.686   0.630   1.00 12.32 ? 75   ILE A N   1 
ATOM   591  C CA  . ILE A 1 75 ? -12.191 7.319   0.957   1.00 13.57 ? 75   ILE A CA  1 
ATOM   592  C C   . ILE A 1 75 ? -12.374 7.408   2.476   1.00 14.38 ? 75   ILE A C   1 
ATOM   593  O O   . ILE A 1 75 ? -13.289 8.067   2.937   1.00 15.82 ? 75   ILE A O   1 
ATOM   594  C CB  . ILE A 1 75 ? -13.382 6.626   0.269   1.00 13.08 ? 75   ILE A CB  1 
ATOM   595  C CG1 . ILE A 1 75 ? -13.394 5.114   0.526   1.00 13.73 ? 75   ILE A CG1 1 
ATOM   596  C CG2 . ILE A 1 75 ? -13.287 6.891   -1.234  1.00 15.46 ? 75   ILE A CG2 1 
ATOM   597  C CD1 . ILE A 1 75 ? -14.699 4.443   0.007   1.00 19.54 ? 75   ILE A CD1 1 
ATOM   598  N N   . LEU A 1 76 ? -11.510 6.738   3.246   1.00 14.07 ? 76   LEU A N   1 
ATOM   599  C CA  . LEU A 1 76 ? -11.523 6.839   4.706   1.00 13.99 ? 76   LEU A CA  1 
ATOM   600  C C   . LEU A 1 76 ? -10.126 6.346   5.130   1.00 14.36 ? 76   LEU A C   1 
ATOM   601  O O   . LEU A 1 76 ? -9.543  5.447   4.517   1.00 14.79 ? 76   LEU A O   1 
ATOM   602  C CB  . LEU A 1 76 ? -12.593 5.924   5.318   1.00 15.97 ? 76   LEU A CB  1 
ATOM   603  C CG  . LEU A 1 76 ? -12.942 6.307   6.782   1.00 14.46 ? 76   LEU A CG  1 
ATOM   604  C CD1 . LEU A 1 76 ? -13.818 7.549   6.805   1.00 16.16 ? 76   LEU A CD1 1 
ATOM   605  C CD2 . LEU A 1 76 ? -13.632 5.153   7.483   1.00 16.38 ? 76   LEU A CD2 1 
ATOM   606  N N   . GLU A 1 77 ? -9.571  6.922   6.194   1.00 13.38 ? 77   GLU A N   1 
ATOM   607  C CA  . GLU A 1 77 ? -8.274  6.448   6.669   1.00 13.98 ? 77   GLU A CA  1 
ATOM   608  C C   . GLU A 1 77 ? -8.048  6.717   8.145   1.00 14.20 ? 77   GLU A C   1 
ATOM   609  O O   . GLU A 1 77 ? -8.983  7.103   8.850   1.00 14.94 ? 77   GLU A O   1 
ATOM   610  C CB  . GLU A 1 77 ? -7.106  6.932   5.775   1.00 14.83 ? 77   GLU A CB  1 
ATOM   611  C CG  . GLU A 1 77 ? -7.108  8.373   5.354   1.00 15.61 ? 77   GLU A CG  1 
ATOM   612  C CD  . GLU A 1 77 ? -6.652  9.259   6.450   1.00 15.69 ? 77   GLU A CD  1 
ATOM   613  O OE1 . GLU A 1 77 ? -5.473  9.637   6.443   1.00 17.65 ? 77   GLU A OE1 1 
ATOM   614  O OE2 . GLU A 1 77 ? -7.492  9.547   7.323   1.00 15.57 ? 77   GLU A OE2 1 
ATOM   615  N N   . HIS A 1 78 ? -6.810  6.549   8.598   1.00 14.32 ? 78   HIS A N   1 
ATOM   616  C CA  . HIS A 1 78 ? -6.530  6.595   10.023  1.00 14.80 ? 78   HIS A CA  1 
ATOM   617  C C   . HIS A 1 78 ? -6.701  7.897   10.734  1.00 16.59 ? 78   HIS A C   1 
ATOM   618  O O   . HIS A 1 78 ? -6.646  7.939   11.959  1.00 18.98 ? 78   HIS A O   1 
ATOM   619  C CB  . HIS A 1 78 ? -5.160  5.958   10.298  1.00 15.89 ? 78   HIS A CB  1 
ATOM   620  C CG  . HIS A 1 78 ? -4.078  6.519   9.461   1.00 15.91 ? 78   HIS A CG  1 
ATOM   621  N ND1 . HIS A 1 78 ? -3.911  6.147   8.149   1.00 15.62 ? 78   HIS A ND1 1 
ATOM   622  C CD2 . HIS A 1 78 ? -3.141  7.468   9.710   1.00 16.71 ? 78   HIS A CD2 1 
ATOM   623  C CE1 . HIS A 1 78 ? -2.915  6.836   7.622   1.00 17.08 ? 78   HIS A CE1 1 
ATOM   624  N NE2 . HIS A 1 78 ? -2.431  7.646   8.553   1.00 16.78 ? 78   HIS A NE2 1 
ATOM   625  N N   . HIS A 1 79 ? -6.931  8.959   9.988   1.00 14.10 ? 79   HIS A N   1 
ATOM   626  C CA  . HIS A 1 79 ? -7.210  10.229  10.621  1.00 14.45 ? 79   HIS A CA  1 
ATOM   627  C C   . HIS A 1 79 ? -8.682  10.380  10.906  1.00 14.88 ? 79   HIS A C   1 
ATOM   628  O O   . HIS A 1 79 ? -9.092  11.384  11.490  1.00 15.50 ? 79   HIS A O   1 
ATOM   629  C CB  . HIS A 1 79 ? -6.715  11.381  9.759   1.00 14.46 ? 79   HIS A CB  1 
ATOM   630  C CG  . HIS A 1 79 ? -5.232  11.462  9.680   1.00 12.40 ? 79   HIS A CG  1 
ATOM   631  N ND1 . HIS A 1 79 ? -4.520  10.942  8.616   1.00 15.93 ? 79   HIS A ND1 1 
ATOM   632  C CD2 . HIS A 1 79 ? -4.313  11.938  10.562  1.00 15.28 ? 79   HIS A CD2 1 
ATOM   633  C CE1 . HIS A 1 79 ? -3.223  11.102  8.849   1.00 16.77 ? 79   HIS A CE1 1 
ATOM   634  N NE2 . HIS A 1 79 ? -3.071  11.705  10.018  1.00 18.64 ? 79   HIS A NE2 1 
ATOM   635  N N   . HIS A 1 80 ? -9.514  9.437   10.471  1.00 14.83 ? 80   HIS A N   1 
ATOM   636  C CA  . HIS A 1 80 ? -10.948 9.546   10.764  1.00 16.34 ? 80   HIS A CA  1 
ATOM   637  C C   . HIS A 1 80 ? -11.130 9.483   12.288  1.00 16.87 ? 80   HIS A C   1 
ATOM   638  O O   . HIS A 1 80 ? -10.738 8.520   12.948  1.00 18.19 ? 80   HIS A O   1 
ATOM   639  C CB  . HIS A 1 80 ? -11.691 8.410   10.059  1.00 15.07 ? 80   HIS A CB  1 
ATOM   640  C CG  . HIS A 1 80 ? -13.177 8.447   10.242  1.00 14.66 ? 80   HIS A CG  1 
ATOM   641  N ND1 . HIS A 1 80 ? -13.979 9.438   9.715   1.00 16.83 ? 80   HIS A ND1 1 
ATOM   642  C CD2 . HIS A 1 80 ? -14.004 7.577   10.866  1.00 14.71 ? 80   HIS A CD2 1 
ATOM   643  C CE1 . HIS A 1 80 ? -15.242 9.168   10.002  1.00 15.29 ? 80   HIS A CE1 1 
ATOM   644  N NE2 . HIS A 1 80 ? -15.286 8.044   10.696  1.00 17.01 ? 80   HIS A NE2 1 
ATOM   645  N N   . HIS A 1 81 ? -11.720 10.554  12.789  1.00 17.73 ? 81   HIS A N   1 
ATOM   646  C CA  . HIS A 1 81 ? -11.959 10.827  14.208  1.00 16.95 ? 81   HIS A CA  1 
ATOM   647  C C   . HIS A 1 81 ? -10.662 10.969  14.999  1.00 16.98 ? 81   HIS A C   1 
ATOM   648  O O   . HIS A 1 81 ? -10.674 11.065  16.223  1.00 18.22 ? 81   HIS A O   1 
ATOM   649  C CB  . HIS A 1 81 ? -12.844 9.760   14.862  1.00 17.22 ? 81   HIS A CB  1 
ATOM   650  C CG  . HIS A 1 81 ? -14.201 9.598   14.218  1.00 15.62 ? 81   HIS A CG  1 
ATOM   651  N ND1 . HIS A 1 81 ? -14.860 10.618  13.555  1.00 19.42 ? 81   HIS A ND1 1 
ATOM   652  C CD2 . HIS A 1 81 ? -15.035 8.531   14.192  1.00 18.85 ? 81   HIS A CD2 1 
ATOM   653  C CE1 . HIS A 1 81 ? -16.046 10.175  13.153  1.00 19.42 ? 81   HIS A CE1 1 
ATOM   654  N NE2 . HIS A 1 81 ? -16.172 8.911   13.529  1.00 18.00 ? 81   HIS A NE2 1 
ATOM   655  N N   . HIS A 1 82 ? -9.536  10.916  14.293  1.00 16.60 ? 82   HIS A N   1 
ATOM   656  C CA  . HIS A 1 82 ? -8.213  11.015  14.931  1.00 15.22 ? 82   HIS A CA  1 
ATOM   657  C C   . HIS A 1 82 ? -7.330  11.977  14.184  1.00 14.72 ? 82   HIS A C   1 
ATOM   658  O O   . HIS A 1 82 ? -6.368  11.585  13.495  1.00 15.95 ? 82   HIS A O   1 
ATOM   659  C CB  . HIS A 1 82 ? -7.566  9.624   15.048  1.00 14.13 ? 82   HIS A CB  1 
ATOM   660  C CG  . HIS A 1 82 ? -8.246  8.761   16.057  1.00 16.24 ? 82   HIS A CG  1 
ATOM   661  N ND1 . HIS A 1 82 ? -7.963  8.839   17.412  1.00 16.79 ? 82   HIS A ND1 1 
ATOM   662  C CD2 . HIS A 1 82 ? -9.256  7.867   15.931  1.00 18.30 ? 82   HIS A CD2 1 
ATOM   663  C CE1 . HIS A 1 82 ? -8.766  8.016   18.067  1.00 18.22 ? 82   HIS A CE1 1 
ATOM   664  N NE2 . HIS A 1 82 ? -9.554  7.413   17.190  1.00 20.97 ? 82   HIS A NE2 1 
ATOM   665  N N   . HIS A 1 83 ? -7.657  13.255  14.311  1.00 16.62 ? 83   HIS A N   1 
ATOM   666  C CA  . HIS A 1 83 ? -6.867  14.269  13.632  1.00 16.20 ? 83   HIS A CA  1 
ATOM   667  C C   . HIS A 1 83 ? -6.574  15.445  14.547  1.00 17.14 ? 83   HIS A C   1 
ATOM   668  O O   . HIS A 1 83 ? -6.439  15.160  15.752  1.00 16.60 ? 83   HIS A O   1 
ATOM   669  C CB  . HIS A 1 83 ? -7.580  14.737  12.340  1.00 18.26 ? 83   HIS A CB  1 
ATOM   670  C CG  . HIS A 1 83 ? -8.915  15.342  12.593  1.00 19.99 ? 83   HIS A CG  1 
ATOM   671  N ND1 . HIS A 1 83 ? -9.101  16.680  12.874  1.00 20.62 ? 83   HIS A ND1 1 
ATOM   672  C CD2 . HIS A 1 83 ? -10.148 14.784  12.564  1.00 21.93 ? 83   HIS A CD2 1 
ATOM   673  C CE1 . HIS A 1 83 ? -10.396 16.920  13.006  1.00 22.69 ? 83   HIS A CE1 1 
ATOM   674  N NE2 . HIS A 1 83 ? -11.051 15.785  12.822  1.00 24.77 ? 83   HIS A NE2 1 
ATOM   675  O OXT . HIS A 1 83 ? -6.462  16.575  14.049  1.00 17.41 ? 83   HIS A OXT 1 
ATOM   676  N N   . MET B 1 1  ? 13.765  -4.140  9.475   1.00 25.12 ? 1    MET B N   1 
ATOM   677  C CA  . MET B 1 1  ? 12.301  -3.980  9.666   1.00 24.49 ? 1    MET B CA  1 
ATOM   678  C C   . MET B 1 1  ? 11.599  -4.498  8.421   1.00 23.57 ? 1    MET B C   1 
ATOM   679  O O   . MET B 1 1  ? 12.150  -4.454  7.326   1.00 23.55 ? 1    MET B O   1 
ATOM   680  C CB  . MET B 1 1  ? 11.961  -2.495  9.864   1.00 27.18 ? 1    MET B CB  1 
ATOM   681  C CG  . MET B 1 1  ? 10.449  -2.192  9.782   1.00 30.41 ? 1    MET B CG  1 
ATOM   682  S SD  . MET B 1 1  ? 10.075  -0.424  9.788   1.00 36.01 ? 1    MET B SD  1 
ATOM   683  C CE  . MET B 1 1  ? 10.552  0.063   8.124   1.00 34.52 ? 1    MET B CE  1 
ATOM   684  N N   . VAL B 1 2  ? 10.413  -5.040  8.623   1.00 19.16 ? 2    VAL B N   1 
ATOM   685  C CA  . VAL B 1 2  ? 9.602   -5.500  7.531   1.00 19.82 ? 2    VAL B CA  1 
ATOM   686  C C   . VAL B 1 2  ? 8.337   -4.637  7.488   1.00 19.10 ? 2    VAL B C   1 
ATOM   687  O O   . VAL B 1 2  ? 7.671   -4.470  8.511   1.00 18.40 ? 2    VAL B O   1 
ATOM   688  C CB  . VAL B 1 2  ? 9.172   -6.973  7.724   1.00 19.50 ? 2    VAL B CB  1 
ATOM   689  C CG1 . VAL B 1 2  ? 8.395   -7.429  6.497   1.00 20.48 ? 2    VAL B CG1 1 
ATOM   690  C CG2 . VAL B 1 2  ? 10.398  -7.848  7.946   1.00 21.27 ? 2    VAL B CG2 1 
ATOM   691  N N   . THR B 1 3  ? 8.012   -4.101  6.312   1.00 17.16 ? 3    THR B N   1 
ATOM   692  C CA  . THR B 1 3  ? 6.785   -3.345  6.079   1.00 18.36 ? 3    THR B CA  1 
ATOM   693  C C   . THR B 1 3  ? 5.898   -4.193  5.162   1.00 18.39 ? 3    THR B C   1 
ATOM   694  O O   . THR B 1 3  ? 6.370   -4.779  4.171   1.00 19.37 ? 3    THR B O   1 
ATOM   695  C CB  . THR B 1 3  ? 7.053   -2.014  5.352   1.00 18.75 ? 3    THR B CB  1 
ATOM   696  O OG1 . THR B 1 3  ? 7.926   -1.202  6.152   1.00 21.19 ? 3    THR B OG1 1 
ATOM   697  C CG2 . THR B 1 3  ? 5.741   -1.244  5.106   1.00 19.12 ? 3    THR B CG2 1 
ATOM   698  N N   . ALA B 1 4  ? 4.634   -4.324  5.490   1.00 18.29 ? 4    ALA B N   1 
ATOM   699  C CA  . ALA B 1 4  ? 3.743   -5.053  4.620   1.00 17.51 ? 4    ALA B CA  1 
ATOM   700  C C   . ALA B 1 4  ? 2.573   -4.160  4.245   1.00 17.16 ? 4    ALA B C   1 
ATOM   701  O O   . ALA B 1 4  ? 2.000   -3.503  5.100   1.00 18.50 ? 4    ALA B O   1 
ATOM   702  C CB  . ALA B 1 4  ? 3.197   -6.306  5.301   1.00 19.06 ? 4    ALA B CB  1 
ATOM   703  N N   . PHE B 1 5  ? 2.255   -4.089  2.963   1.00 15.26 ? 5    PHE B N   1 
ATOM   704  C CA  . PHE B 1 5  ? 1.062   -3.401  2.551   1.00 14.35 ? 5    PHE B CA  1 
ATOM   705  C C   . PHE B 1 5  ? 0.108   -4.501  2.164   1.00 14.79 ? 5    PHE B C   1 
ATOM   706  O O   . PHE B 1 5  ? 0.369   -5.264  1.208   1.00 17.17 ? 5    PHE B O   1 
ATOM   707  C CB  . PHE B 1 5  ? 1.325   -2.489  1.362   1.00 14.88 ? 5    PHE B CB  1 
ATOM   708  C CG  . PHE B 1 5  ? 1.955   -1.184  1.733   1.00 15.87 ? 5    PHE B CG  1 
ATOM   709  C CD1 . PHE B 1 5  ? 1.136   -0.085  2.064   1.00 17.12 ? 5    PHE B CD1 1 
ATOM   710  C CD2 . PHE B 1 5  ? 3.328   -1.026  1.741   1.00 18.29 ? 5    PHE B CD2 1 
ATOM   711  C CE1 . PHE B 1 5  ? 1.678   1.134   2.387   1.00 18.06 ? 5    PHE B CE1 1 
ATOM   712  C CE2 . PHE B 1 5  ? 3.879   0.234   2.076   1.00 17.48 ? 5    PHE B CE2 1 
ATOM   713  C CZ  . PHE B 1 5  ? 3.018   1.290   2.390   1.00 17.30 ? 5    PHE B CZ  1 
ATOM   714  N N   . ILE B 1 6  ? -0.997  -4.607  2.884   1.00 14.04 ? 6    ILE B N   1 
ATOM   715  C CA  . ILE B 1 6  ? -1.943  -5.658  2.615   1.00 14.56 ? 6    ILE B CA  1 
ATOM   716  C C   . ILE B 1 6  ? -3.239  -5.091  2.039   1.00 16.21 ? 6    ILE B C   1 
ATOM   717  O O   . ILE B 1 6  ? -3.931  -4.291  2.697   1.00 15.08 ? 6    ILE B O   1 
ATOM   718  C CB  . ILE B 1 6  ? -2.272  -6.422  3.916   1.00 17.22 ? 6    ILE B CB  1 
ATOM   719  C CG1 . ILE B 1 6  ? -0.983  -6.819  4.634   1.00 17.62 ? 6    ILE B CG1 1 
ATOM   720  C CG2 . ILE B 1 6  ? -3.104  -7.632  3.613   1.00 16.45 ? 6    ILE B CG2 1 
ATOM   721  C CD1 . ILE B 1 6  ? -1.241  -7.594  5.915   1.00 20.45 ? 6    ILE B CD1 1 
ATOM   722  N N   . LEU B 1 7  ? -3.579  -5.516  0.824   1.00 16.04 ? 7    LEU B N   1 
ATOM   723  C CA  . LEU B 1 7  ? -4.809  -5.106  0.158   1.00 16.26 ? 7    LEU B CA  1 
ATOM   724  C C   . LEU B 1 7  ? -5.832  -6.100  0.679   1.00 15.93 ? 7    LEU B C   1 
ATOM   725  O O   . LEU B 1 7  ? -5.513  -7.277  0.809   1.00 16.81 ? 7    LEU B O   1 
ATOM   726  C CB  . LEU B 1 7  ? -4.655  -5.275  -1.349  1.00 17.66 ? 7    LEU B CB  1 
ATOM   727  C CG  . LEU B 1 7  ? -3.820  -4.246  -2.104  1.00 20.80 ? 7    LEU B CG  1 
ATOM   728  C CD1 . LEU B 1 7  ? -2.534  -3.933  -1.383  1.00 26.25 ? 7    LEU B CD1 1 
ATOM   729  C CD2 . LEU B 1 7  ? -3.529  -4.794  -3.524  1.00 21.73 ? 7    LEU B CD2 1 
ATOM   730  N N   . MET B 1 8  ? -7.050  -5.649  0.952   1.00 15.84 ? 8    MET B N   1 
ATOM   731  C CA  . MET B 1 8  ? -8.055  -6.546  1.523   1.00 15.72 ? 8    MET B CA  1 
ATOM   732  C C   . MET B 1 8  ? -9.434  -6.326  0.963   1.00 16.16 ? 8    MET B C   1 
ATOM   733  O O   . MET B 1 8  ? -9.792  -5.210  0.646   1.00 16.28 ? 8    MET B O   1 
ATOM   734  C CB  . MET B 1 8  ? -8.211  -6.310  3.041   1.00 19.12 ? 8    MET B CB  1 
ATOM   735  C CG  . MET B 1 8  ? -6.998  -6.562  3.847   1.00 18.25 ? 8    MET B CG  1 
ATOM   736  S SD  . MET B 1 8  ? -7.334  -6.076  5.595   1.00 19.37 ? 8    MET B SD  1 
ATOM   737  C CE  . MET B 1 8  ? -5.739  -6.536  6.287   1.00 22.20 ? 8    MET B CE  1 
ATOM   738  N N   . VAL B 1 9  ? -10.200 -7.420  0.863   1.00 16.70 ? 9    VAL B N   1 
ATOM   739  C CA  . VAL B 1 9  ? -11.622 -7.354  0.515   1.00 17.31 ? 9    VAL B CA  1 
ATOM   740  C C   . VAL B 1 9  ? -12.332 -7.764  1.813   1.00 17.81 ? 9    VAL B C   1 
ATOM   741  O O   . VAL B 1 9  ? -11.919 -8.728  2.491   1.00 18.19 ? 9    VAL B O   1 
ATOM   742  C CB  . VAL B 1 9  ? -11.997 -8.324  -0.601  1.00 17.66 ? 9    VAL B CB  1 
ATOM   743  C CG1 . VAL B 1 9  ? -13.521 -8.467  -0.672  1.00 21.07 ? 9    VAL B CG1 1 
ATOM   744  C CG2 . VAL B 1 9  ? -11.462 -7.799  -1.891  1.00 19.12 ? 9    VAL B CG2 1 
ATOM   745  N N   . THR B 1 10 ? -13.349 -7.003  2.217   1.00 19.07 ? 10   THR B N   1 
ATOM   746  C CA  . THR B 1 10 ? -14.070 -7.342  3.441   1.00 19.53 ? 10   THR B CA  1 
ATOM   747  C C   . THR B 1 10 ? -15.512 -7.689  3.147   1.00 21.79 ? 10   THR B C   1 
ATOM   748  O O   . THR B 1 10 ? -15.997 -7.543  2.027   1.00 22.72 ? 10   THR B O   1 
ATOM   749  C CB  . THR B 1 10 ? -14.106 -6.166  4.502   1.00 18.67 ? 10   THR B CB  1 
ATOM   750  O OG1 . THR B 1 10 ? -14.953 -5.092  4.032   1.00 21.19 ? 10   THR B OG1 1 
ATOM   751  C CG2 . THR B 1 10 ? -12.703 -5.648  4.781   1.00 20.13 ? 10   THR B CG2 1 
ATOM   752  N N   . ALA B 1 11 ? -16.191 -8.152  4.185   1.00 21.68 ? 11   ALA B N   1 
ATOM   753  C CA  . ALA B 1 11 ? -17.605 -8.434  4.043   1.00 23.71 ? 11   ALA B CA  1 
ATOM   754  C C   . ALA B 1 11 ? -18.252 -7.062  3.843   1.00 23.60 ? 11   ALA B C   1 
ATOM   755  O O   . ALA B 1 11 ? -17.741 -6.026  4.310   1.00 23.91 ? 11   ALA B O   1 
ATOM   756  C CB  . ALA B 1 11 ? -18.132 -9.085  5.300   1.00 23.45 ? 11   ALA B CB  1 
ATOM   757  N N   . ALA B 1 12 ? -19.387 -7.058  3.155   1.00 24.34 ? 12   ALA B N   1 
ATOM   758  C CA  . ALA B 1 12 ? -20.132 -5.841  2.873   1.00 24.29 ? 12   ALA B CA  1 
ATOM   759  C C   . ALA B 1 12 ? -20.443 -5.082  4.148   1.00 22.55 ? 12   ALA B C   1 
ATOM   760  O O   . ALA B 1 12 ? -20.935 -5.652  5.124   1.00 23.16 ? 12   ALA B O   1 
ATOM   761  C CB  . ALA B 1 12 ? -21.460 -6.187  2.179   1.00 25.27 ? 12   ALA B CB  1 
ATOM   762  N N   . GLY B 1 13 ? -20.143 -3.789  4.123   1.00 21.90 ? 13   GLY B N   1 
ATOM   763  C CA  . GLY B 1 13 ? -20.417 -2.917  5.243   1.00 22.63 ? 13   GLY B CA  1 
ATOM   764  C C   . GLY B 1 13 ? -19.482 -2.986  6.431   1.00 21.63 ? 13   GLY B C   1 
ATOM   765  O O   . GLY B 1 13 ? -19.660 -2.247  7.397   1.00 24.30 ? 13   GLY B O   1 
ATOM   766  N N   . LYS B 1 14 ? -18.480 -3.855  6.346   1.00 20.82 ? 14   LYS B N   1 
ATOM   767  C CA  . LYS B 1 14 ? -17.539 -4.017  7.450   1.00 20.72 ? 14   LYS B CA  1 
ATOM   768  C C   . LYS B 1 14 ? -16.208 -3.298  7.216   1.00 19.27 ? 14   LYS B C   1 
ATOM   769  O O   . LYS B 1 14 ? -15.263 -3.492  7.986   1.00 17.60 ? 14   LYS B O   1 
ATOM   770  C CB  . LYS B 1 14 ? -17.237 -5.508  7.666   1.00 23.68 ? 14   LYS B CB  1 
ATOM   771  C CG  . LYS B 1 14 ? -18.454 -6.422  7.784   1.00 26.89 ? 14   LYS B CG  1 
ATOM   772  C CD  . LYS B 1 14 ? -18.752 -6.828  9.194   1.00 27.88 ? 14   LYS B CD  1 
ATOM   773  C CE  . LYS B 1 14 ? -20.147 -7.472  9.257   1.00 29.11 ? 14   LYS B CE  1 
ATOM   774  N NZ  . LYS B 1 14 ? -20.396 -8.122  10.557  1.00 32.53 ? 14   LYS B NZ  1 
ATOM   775  N N   . GLU B 1 15 ? -16.107 -2.479  6.170   1.00 17.27 ? 15   GLU B N   1 
ATOM   776  C CA  . GLU B 1 15 ? -14.818 -1.804  5.889   1.00 16.52 ? 15   GLU B CA  1 
ATOM   777  C C   . GLU B 1 15 ? -14.284 -0.941  7.016   1.00 16.59 ? 15   GLU B C   1 
ATOM   778  O O   . GLU B 1 15 ? -13.136 -1.084  7.412   1.00 14.64 ? 15   GLU B O   1 
ATOM   779  C CB  . GLU B 1 15 ? -14.905 -0.938  4.616   1.00 16.75 ? 15   GLU B CB  1 
ATOM   780  C CG  . GLU B 1 15 ? -15.274 -1.691  3.326   1.00 18.99 ? 15   GLU B CG  1 
ATOM   781  C CD  . GLU B 1 15 ? -16.768 -1.850  3.122   1.00 20.60 ? 15   GLU B CD  1 
ATOM   782  O OE1 . GLU B 1 15 ? -17.557 -1.626  4.067   1.00 19.99 ? 15   GLU B OE1 1 
ATOM   783  O OE2 . GLU B 1 15 ? -17.154 -2.207  1.976   1.00 24.30 ? 15   GLU B OE2 1 
ATOM   784  N N   . ARG B 1 16 ? -15.102 -0.057  7.564   1.00 15.11 ? 16   ARG B N   1 
ATOM   785  C CA  . ARG B 1 16 ? -14.604 0.800   8.639   1.00 16.34 ? 16   ARG B CA  1 
ATOM   786  C C   . ARG B 1 16 ? -14.339 -0.022  9.887   1.00 15.77 ? 16   ARG B C   1 
ATOM   787  O O   . ARG B 1 16 ? -13.389 0.267   10.608  1.00 16.31 ? 16   ARG B O   1 
ATOM   788  C CB  . ARG B 1 16 ? -15.598 1.932   8.954   1.00 16.33 ? 16   ARG B CB  1 
ATOM   789  C CG  . ARG B 1 16 ? -15.143 2.828   10.098  1.00 17.83 ? 16   ARG B CG  1 
ATOM   790  C CD  . ARG B 1 16 ? -16.173 3.923   10.438  1.00 20.44 ? 16   ARG B CD  1 
ATOM   791  N NE  . ARG B 1 16 ? -15.842 4.503   11.766  1.00 23.82 ? 16   ARG B NE  1 
ATOM   792  C CZ  . ARG B 1 16 ? -16.805 4.724   12.660  1.00 20.26 ? 16   ARG B CZ  1 
ATOM   793  N NH1 . ARG B 1 16 ? -18.049 4.418   12.366  1.00 20.48 ? 16   ARG B NH1 1 
ATOM   794  N NH2 . ARG B 1 16 ? -16.489 5.258   13.831  1.00 25.02 ? 16   ARG B NH2 1 
ATOM   795  N N   . GLU B 1 17 ? -15.176 -1.026  10.150  1.00 15.30 ? 17   GLU B N   1 
ATOM   796  C CA  . GLU B 1 17 ? -15.009 -1.885  11.326  1.00 16.11 ? 17   GLU B CA  1 
ATOM   797  C C   . GLU B 1 17 ? -13.632 -2.556  11.267  1.00 15.12 ? 17   GLU B C   1 
ATOM   798  O O   . GLU B 1 17 ? -12.893 -2.581  12.255  1.00 15.98 ? 17   GLU B O   1 
ATOM   799  C CB  . GLU B 1 17 ? -16.100 -2.955  11.366  1.00 16.91 ? 17   GLU B CB  1 
ATOM   800  C CG  . GLU B 1 17 ? -15.988 -3.892  12.540  1.00 20.07 ? 17   GLU B CG  1 
ATOM   801  C CD  . GLU B 1 17 ? -17.032 -4.981  12.512  1.00 23.81 ? 17   GLU B CD  1 
ATOM   802  O OE1 . GLU B 1 17 ? -18.188 -4.716  12.134  1.00 24.32 ? 17   GLU B OE1 1 
ATOM   803  O OE2 . GLU B 1 17 ? -16.690 -6.114  12.888  1.00 24.22 ? 17   GLU B OE2 1 
ATOM   804  N N   . VAL B 1 18 ? -13.317 -3.114  10.103  1.00 16.21 ? 18   VAL B N   1 
ATOM   805  C CA  . VAL B 1 18 ? -12.027 -3.744  9.925   1.00 14.88 ? 18   VAL B CA  1 
ATOM   806  C C   . VAL B 1 18 ? -10.891 -2.734  10.044  1.00 14.78 ? 18   VAL B C   1 
ATOM   807  O O   . VAL B 1 18 ? -9.870  -2.996  10.708  1.00 14.20 ? 18   VAL B O   1 
ATOM   808  C CB  . VAL B 1 18 ? -11.975 -4.490  8.568   1.00 14.74 ? 18   VAL B CB  1 
ATOM   809  C CG1 . VAL B 1 18 ? -10.515 -4.920  8.223   1.00 14.87 ? 18   VAL B CG1 1 
ATOM   810  C CG2 . VAL B 1 18 ? -12.873 -5.704  8.628   1.00 15.43 ? 18   VAL B CG2 1 
ATOM   811  N N   . MET B 1 19 ? -11.056 -1.568  9.417   1.00 14.32 ? 19   MET B N   1 
ATOM   812  C CA  . MET B 1 19 ? -10.040 -0.517  9.485   1.00 13.90 ? 19   MET B CA  1 
ATOM   813  C C   . MET B 1 19 ? -9.712  -0.181  10.944  1.00 14.42 ? 19   MET B C   1 
ATOM   814  O O   . MET B 1 19 ? -8.535  -0.122  11.297  1.00 13.84 ? 19   MET B O   1 
ATOM   815  C CB  . MET B 1 19 ? -10.534 0.767   8.783   1.00 12.97 ? 19   MET B CB  1 
ATOM   816  C CG  . MET B 1 19 ? -9.397  1.760   8.625   1.00 13.92 ? 19   MET B CG  1 
ATOM   817  S SD  . MET B 1 19 ? -9.952  3.413   8.058   1.00 16.18 ? 19   MET B SD  1 
ATOM   818  C CE  . MET B 1 19 ? -10.713 4.037   9.508   1.00 14.86 ? 19   MET B CE  1 
ATOM   819  N N   . GLU B 1 20 ? -10.735 0.063   11.774  1.00 14.65 ? 20   GLU B N   1 
ATOM   820  C CA  . GLU B 1 20 ? -10.473 0.437   13.159  1.00 16.36 ? 20   GLU B CA  1 
ATOM   821  C C   . GLU B 1 20 ? -9.985  -0.690  14.038  1.00 17.16 ? 20   GLU B C   1 
ATOM   822  O O   . GLU B 1 20 ? -9.174  -0.443  14.928  1.00 17.41 ? 20   GLU B O   1 
ATOM   823  C CB  . GLU B 1 20 ? -11.696 1.117   13.782  1.00 19.10 ? 20   GLU B CB  1 
ATOM   824  C CG  . GLU B 1 20 ? -11.930 2.508   13.194  1.00 22.59 ? 20   GLU B CG  1 
ATOM   825  C CD  . GLU B 1 20 ? -10.847 3.539   13.583  1.00 25.93 ? 20   GLU B CD  1 
ATOM   826  O OE1 . GLU B 1 20 ? -10.860 4.631   12.981  1.00 31.78 ? 20   GLU B OE1 1 
ATOM   827  O OE2 . GLU B 1 20 ? -10.018 3.281   14.492  1.00 29.97 ? 20   GLU B OE2 1 
ATOM   828  N N   . LYS B 1 21 ? -10.471 -1.912  13.828  1.00 16.05 ? 21   LYS B N   1 
ATOM   829  C CA  . LYS B 1 21 ? -9.960  -3.059  14.586  1.00 15.63 ? 21   LYS B CA  1 
ATOM   830  C C   . LYS B 1 21 ? -8.494  -3.237  14.269  1.00 15.92 ? 21   LYS B C   1 
ATOM   831  O O   . LYS B 1 21 ? -7.692  -3.558  15.165  1.00 16.89 ? 21   LYS B O   1 
ATOM   832  C CB  . LYS B 1 21 ? -10.680 -4.343  14.212  1.00 15.67 ? 21   LYS B CB  1 
ATOM   833  C CG  . LYS B 1 21 ? -12.001 -4.507  14.919  1.00 18.92 ? 21   LYS B CG  1 
ATOM   834  C CD  . LYS B 1 21 ? -12.833 -5.640  14.286  1.00 21.44 ? 21   LYS B CD  1 
ATOM   835  C CE  . LYS B 1 21 ? -13.979 -6.087  15.196  1.00 23.01 ? 21   LYS B CE  1 
ATOM   836  N NZ  . LYS B 1 21 ? -14.785 -7.176  14.525  1.00 25.63 ? 21   LYS B NZ  1 
ATOM   837  N N   . LEU B 1 22 ? -8.107  -3.040  13.008  1.00 12.49 ? 22   LEU B N   1 
ATOM   838  C CA  . LEU B 1 22 ? -6.686  -3.169  12.684  1.00 13.91 ? 22   LEU B CA  1 
ATOM   839  C C   . LEU B 1 22 ? -5.858  -2.025  13.262  1.00 14.51 ? 22   LEU B C   1 
ATOM   840  O O   . LEU B 1 22 ? -4.777  -2.253  13.799  1.00 13.82 ? 22   LEU B O   1 
ATOM   841  C CB  . LEU B 1 22 ? -6.477  -3.287  11.155  1.00 14.08 ? 22   LEU B CB  1 
ATOM   842  C CG  . LEU B 1 22 ? -7.065  -4.567  10.559  1.00 15.57 ? 22   LEU B CG  1 
ATOM   843  C CD1 . LEU B 1 22 ? -7.052  -4.409  9.023   1.00 17.54 ? 22   LEU B CD1 1 
ATOM   844  C CD2 . LEU B 1 22 ? -6.270  -5.804  10.976  1.00 17.21 ? 22   LEU B CD2 1 
ATOM   845  N N   . LEU B 1 23 ? -6.366  -0.793  13.183  1.00 13.71 ? 23   LEU B N   1 
ATOM   846  C CA  . LEU B 1 23 ? -5.619  0.343   13.714  1.00 14.01 ? 23   LEU B CA  1 
ATOM   847  C C   . LEU B 1 23 ? -5.421  0.262   15.218  1.00 15.57 ? 23   LEU B C   1 
ATOM   848  O O   . LEU B 1 23 ? -4.482  0.880   15.747  1.00 15.08 ? 23   LEU B O   1 
ATOM   849  C CB  . LEU B 1 23 ? -6.300  1.665   13.298  1.00 13.32 ? 23   LEU B CB  1 
ATOM   850  C CG  . LEU B 1 23 ? -6.077  1.994   11.819  1.00 14.68 ? 23   LEU B CG  1 
ATOM   851  C CD1 . LEU B 1 23 ? -7.100  3.077   11.406  1.00 15.27 ? 23   LEU B CD1 1 
ATOM   852  C CD2 . LEU B 1 23 ? -4.629  2.491   11.569  1.00 13.19 ? 23   LEU B CD2 1 
ATOM   853  N N   . ALA B 1 24 ? -6.286  -0.477  15.908  1.00 14.83 ? 24   ALA B N   1 
ATOM   854  C CA  . ALA B 1 24 ? -6.074  -0.642  17.364  1.00 15.99 ? 24   ALA B CA  1 
ATOM   855  C C   . ALA B 1 24 ? -4.864  -1.523  17.659  1.00 15.89 ? 24   ALA B C   1 
ATOM   856  O O   . ALA B 1 24 ? -4.377  -1.538  18.816  1.00 17.94 ? 24   ALA B O   1 
ATOM   857  C CB  . ALA B 1 24 ? -7.290  -1.240  18.013  1.00 15.45 ? 24   ALA B CB  1 
ATOM   858  N N   . MET B 1 25 ? -4.350  -2.234  16.649  1.00 15.39 ? 25   MET B N   1 
ATOM   859  C CA  . MET B 1 25 ? -3.190  -3.117  16.828  1.00 16.20 ? 25   MET B CA  1 
ATOM   860  C C   . MET B 1 25 ? -1.896  -2.304  16.659  1.00 15.81 ? 25   MET B C   1 
ATOM   861  O O   . MET B 1 25 ? -1.751  -1.476  15.761  1.00 15.66 ? 25   MET B O   1 
ATOM   862  C CB  . MET B 1 25 ? -3.270  -4.262  15.825  1.00 17.17 ? 25   MET B CB  1 
ATOM   863  C CG  . MET B 1 25 ? -4.583  -5.012  15.907  1.00 18.51 ? 25   MET B CG  1 
ATOM   864  S SD  . MET B 1 25 ? -4.635  -6.276  14.637  1.00 20.99 ? 25   MET B SD  1 
ATOM   865  C CE  . MET B 1 25 ? -6.306  -6.864  14.821  1.00 21.93 ? 25   MET B CE  1 
ATOM   866  N N   . PRO B 1 26 ? -0.915  -2.535  17.539  1.00 15.65 ? 26   PRO B N   1 
ATOM   867  C CA  . PRO B 1 26 ? 0.314   -1.766  17.428  1.00 16.57 ? 26   PRO B CA  1 
ATOM   868  C C   . PRO B 1 26 ? 1.110   -1.938  16.164  1.00 15.31 ? 26   PRO B C   1 
ATOM   869  O O   . PRO B 1 26 ? 1.760   -1.015  15.739  1.00 16.31 ? 26   PRO B O   1 
ATOM   870  C CB  . PRO B 1 26 ? 1.106   -2.127  18.697  1.00 18.14 ? 26   PRO B CB  1 
ATOM   871  C CG  . PRO B 1 26 ? 0.508   -3.365  19.165  1.00 18.82 ? 26   PRO B CG  1 
ATOM   872  C CD  . PRO B 1 26 ? -0.929  -3.413  18.718  1.00 16.42 ? 26   PRO B CD  1 
ATOM   873  N N   . GLU B 1 27 ? 0.966   -3.102  15.535  1.00 15.99 ? 27   GLU B N   1 
ATOM   874  C CA  . GLU B 1 27 ? 1.728   -3.355  14.333  1.00 14.54 ? 27   GLU B CA  1 
ATOM   875  C C   . GLU B 1 27 ? 1.188   -2.600  13.112  1.00 15.14 ? 27   GLU B C   1 
ATOM   876  O O   . GLU B 1 27 ? 1.902   -2.396  12.133  1.00 15.15 ? 27   GLU B O   1 
ATOM   877  C CB  . GLU B 1 27 ? 1.697   -4.844  14.003  1.00 16.93 ? 27   GLU B CB  1 
ATOM   878  C CG  . GLU B 1 27 ? 2.271   -5.747  15.099  1.00 19.07 ? 27   GLU B CG  1 
ATOM   879  C CD  . GLU B 1 27 ? 1.268   -6.227  16.123  1.00 19.68 ? 27   GLU B CD  1 
ATOM   880  O OE1 . GLU B 1 27 ? 0.167   -5.670  16.283  1.00 18.25 ? 27   GLU B OE1 1 
ATOM   881  O OE2 . GLU B 1 27 ? 1.604   -7.214  16.828  1.00 23.52 ? 27   GLU B OE2 1 
ATOM   882  N N   . VAL B 1 28 ? -0.062  -2.178  13.185  1.00 15.16 ? 28   VAL B N   1 
ATOM   883  C CA  . VAL B 1 28 ? -0.714  -1.478  12.078  1.00 14.47 ? 28   VAL B CA  1 
ATOM   884  C C   . VAL B 1 28 ? -0.467  0.003   12.221  1.00 13.60 ? 28   VAL B C   1 
ATOM   885  O O   . VAL B 1 28 ? -0.939  0.636   13.171  1.00 16.89 ? 28   VAL B O   1 
ATOM   886  C CB  . VAL B 1 28 ? -2.208  -1.837  12.046  1.00 14.39 ? 28   VAL B CB  1 
ATOM   887  C CG1 . VAL B 1 28 ? -2.893  -1.090  10.908  1.00 13.78 ? 28   VAL B CG1 1 
ATOM   888  C CG2 . VAL B 1 28 ? -2.364  -3.362  11.822  1.00 15.55 ? 28   VAL B CG2 1 
ATOM   889  N N   . LYS B 1 29 ? 0.274   0.549   11.271  1.00 12.70 ? 29   LYS B N   1 
ATOM   890  C CA  . LYS B 1 29 ? 0.648   1.959   11.339  1.00 14.12 ? 29   LYS B CA  1 
ATOM   891  C C   . LYS B 1 29 ? -0.301  2.880   10.585  1.00 14.78 ? 29   LYS B C   1 
ATOM   892  O O   . LYS B 1 29 ? -0.483  4.045   10.980  1.00 16.50 ? 29   LYS B O   1 
ATOM   893  C CB  . LYS B 1 29 ? 2.086   2.151   10.816  1.00 14.83 ? 29   LYS B CB  1 
ATOM   894  C CG  . LYS B 1 29 ? 3.147   1.256   11.452  1.00 18.28 ? 29   LYS B CG  1 
ATOM   895  C CD  . LYS B 1 29 ? 3.072   1.182   12.996  1.00 18.23 ? 29   LYS B CD  1 
ATOM   896  C CE  . LYS B 1 29 ? 4.065   0.179   13.505  1.00 20.82 ? 29   LYS B CE  1 
ATOM   897  N NZ  . LYS B 1 29 ? 4.212   0.187   15.000  1.00 23.68 ? 29   LYS B NZ  1 
ATOM   898  N N   . GLU B 1 30 ? -0.873  2.392   9.477   1.00 14.20 ? 30   GLU B N   1 
ATOM   899  C CA  . GLU B 1 30 ? -1.800  3.198   8.657   1.00 13.53 ? 30   GLU B CA  1 
ATOM   900  C C   . GLU B 1 30 ? -2.826  2.264   8.069   1.00 13.41 ? 30   GLU B C   1 
ATOM   901  O O   . GLU B 1 30 ? -2.568  1.076   7.945   1.00 14.37 ? 30   GLU B O   1 
ATOM   902  C CB  . GLU B 1 30 ? -1.084  3.901   7.493   1.00 13.87 ? 30   GLU B CB  1 
ATOM   903  C CG  . GLU B 1 30 ? 0.073   4.766   7.933   1.00 14.64 ? 30   GLU B CG  1 
ATOM   904  C CD  . GLU B 1 30 ? 0.849   5.361   6.771   1.00 16.99 ? 30   GLU B CD  1 
ATOM   905  O OE1 . GLU B 1 30 ? 1.912   5.973   7.031   1.00 20.01 ? 30   GLU B OE1 1 
ATOM   906  O OE2 . GLU B 1 30 ? 0.426   5.203   5.601   1.00 18.91 ? 30   GLU B OE2 1 
ATOM   907  N N   . ALA B 1 31 ? -4.001  2.776   7.732   1.00 13.14 ? 31   ALA B N   1 
ATOM   908  C CA  . ALA B 1 31 ? -5.015  1.910   7.110   1.00 12.69 ? 31   ALA B CA  1 
ATOM   909  C C   . ALA B 1 31 ? -5.970  2.809   6.360   1.00 13.40 ? 31   ALA B C   1 
ATOM   910  O O   . ALA B 1 31 ? -6.242  3.923   6.807   1.00 14.24 ? 31   ALA B O   1 
ATOM   911  C CB  . ALA B 1 31 ? -5.747  1.055   8.150   1.00 14.10 ? 31   ALA B CB  1 
ATOM   912  N N   . TYR B 1 32 ? -6.413  2.343   5.189   1.00 13.31 ? 32   TYR B N   1 
ATOM   913  C CA  . TYR B 1 32 ? -7.255  3.139   4.310   1.00 14.28 ? 32   TYR B CA  1 
ATOM   914  C C   . TYR B 1 32 ? -8.363  2.311   3.722   1.00 14.79 ? 32   TYR B C   1 
ATOM   915  O O   . TYR B 1 32 ? -8.091  1.220   3.225   1.00 15.10 ? 32   TYR B O   1 
ATOM   916  C CB  . TYR B 1 32 ? -6.428  3.639   3.101   1.00 13.75 ? 32   TYR B CB  1 
ATOM   917  C CG  . TYR B 1 32 ? -5.148  4.365   3.455   1.00 13.08 ? 32   TYR B CG  1 
ATOM   918  C CD1 . TYR B 1 32 ? -5.067  5.755   3.371   1.00 12.94 ? 32   TYR B CD1 1 
ATOM   919  C CD2 . TYR B 1 32 ? -4.011  3.659   3.874   1.00 14.49 ? 32   TYR B CD2 1 
ATOM   920  C CE1 . TYR B 1 32 ? -3.880  6.456   3.719   1.00 12.72 ? 32   TYR B CE1 1 
ATOM   921  C CE2 . TYR B 1 32 ? -2.806  4.367   4.220   1.00 12.65 ? 32   TYR B CE2 1 
ATOM   922  C CZ  . TYR B 1 32 ? -2.774  5.739   4.140   1.00 13.46 ? 32   TYR B CZ  1 
ATOM   923  O OH  . TYR B 1 32 ? -1.640  6.470   4.472   1.00 16.30 ? 32   TYR B OH  1 
ATOM   924  N N   . VAL B 1 33 ? -9.602  2.813   3.794   1.00 13.93 ? 33   VAL B N   1 
ATOM   925  C CA  . VAL B 1 33 ? -10.715 2.173   3.082   1.00 12.91 ? 33   VAL B CA  1 
ATOM   926  C C   . VAL B 1 33 ? -10.538 2.846   1.716   1.00 12.90 ? 33   VAL B C   1 
ATOM   927  O O   . VAL B 1 33 ? -10.363 4.071   1.605   1.00 13.59 ? 33   VAL B O   1 
ATOM   928  C CB  . VAL B 1 33 ? -12.080 2.517   3.700   1.00 13.24 ? 33   VAL B CB  1 
ATOM   929  C CG1 . VAL B 1 33 ? -13.199 1.889   2.834   1.00 14.76 ? 33   VAL B CG1 1 
ATOM   930  C CG2 . VAL B 1 33 ? -12.134 1.954   5.130   1.00 13.55 ? 33   VAL B CG2 1 
ATOM   931  N N   . VAL B 1 34 ? -10.612 2.050   0.655   1.00 13.71 ? 34   VAL B N   1 
ATOM   932  C CA  . VAL B 1 34 ? -10.353 2.592   -0.673  1.00 13.93 ? 34   VAL B CA  1 
ATOM   933  C C   . VAL B 1 34 ? -11.420 2.200   -1.656  1.00 14.31 ? 34   VAL B C   1 
ATOM   934  O O   . VAL B 1 34 ? -12.190 1.285   -1.396  1.00 15.44 ? 34   VAL B O   1 
ATOM   935  C CB  . VAL B 1 34 ? -8.968  2.090   -1.228  1.00 13.83 ? 34   VAL B CB  1 
ATOM   936  C CG1 . VAL B 1 34 ? -7.842  2.568   -0.337  1.00 15.69 ? 34   VAL B CG1 1 
ATOM   937  C CG2 . VAL B 1 34 ? -8.913  0.552   -1.255  1.00 17.01 ? 34   VAL B CG2 1 
ATOM   938  N N   . TYR B 1 35 ? -11.448 2.958   -2.748  1.00 15.23 ? 35   TYR B N   1 
ATOM   939  C CA  . TYR B 1 35 ? -12.351 2.710   -3.871  1.00 14.69 ? 35   TYR B CA  1 
ATOM   940  C C   . TYR B 1 35 ? -11.401 2.225   -4.956  1.00 14.08 ? 35   TYR B C   1 
ATOM   941  O O   . TYR B 1 35 ? -10.520 2.973   -5.421  1.00 15.20 ? 35   TYR B O   1 
ATOM   942  C CB  . TYR B 1 35 ? -13.028 4.014   -4.287  1.00 14.95 ? 35   TYR B CB  1 
ATOM   943  C CG  . TYR B 1 35 ? -14.080 3.815   -5.331  1.00 16.71 ? 35   TYR B CG  1 
ATOM   944  C CD1 . TYR B 1 35 ? -15.367 3.420   -4.987  1.00 18.97 ? 35   TYR B CD1 1 
ATOM   945  C CD2 . TYR B 1 35 ? -13.771 4.037   -6.661  1.00 18.15 ? 35   TYR B CD2 1 
ATOM   946  C CE1 . TYR B 1 35 ? -16.332 3.254   -5.979  1.00 21.20 ? 35   TYR B CE1 1 
ATOM   947  C CE2 . TYR B 1 35 ? -14.742 3.877   -7.660  1.00 20.95 ? 35   TYR B CE2 1 
ATOM   948  C CZ  . TYR B 1 35 ? -15.995 3.489   -7.300  1.00 20.52 ? 35   TYR B CZ  1 
ATOM   949  O OH  . TYR B 1 35 ? -16.928 3.369   -8.312  1.00 23.69 ? 35   TYR B OH  1 
ATOM   950  N N   . GLY B 1 36 ? -11.623 0.994   -5.379  1.00 14.24 ? 36   GLY B N   1 
ATOM   951  C CA  . GLY B 1 36 ? -10.753 0.371   -6.373  1.00 15.85 ? 36   GLY B CA  1 
ATOM   952  C C   . GLY B 1 36 ? -11.032 -1.129  -6.363  1.00 15.66 ? 36   GLY B C   1 
ATOM   953  O O   . GLY B 1 36 ? -12.117 -1.575  -5.943  1.00 18.68 ? 36   GLY B O   1 
ATOM   954  N N   . GLU B 1 37 ? -10.045 -1.906  -6.795  1.00 18.00 ? 37   GLU B N   1 
ATOM   955  C CA  . GLU B 1 37 ? -10.236 -3.345  -6.858  1.00 20.20 ? 37   GLU B CA  1 
ATOM   956  C C   . GLU B 1 37 ? -10.323 -4.014  -5.512  1.00 20.55 ? 37   GLU B C   1 
ATOM   957  O O   . GLU B 1 37 ? -10.912 -5.086  -5.389  1.00 22.49 ? 37   GLU B O   1 
ATOM   958  C CB  . GLU B 1 37 ? -9.161  -3.989  -7.725  1.00 24.44 ? 37   GLU B CB  1 
ATOM   959  C CG  . GLU B 1 37 ? -9.483  -3.839  -9.239  1.00 26.63 ? 37   GLU B CG  1 
ATOM   960  C CD  . GLU B 1 37 ? -10.946 -4.235  -9.593  1.00 32.02 ? 37   GLU B CD  1 
ATOM   961  O OE1 . GLU B 1 37 ? -11.857 -3.382  -9.519  1.00 33.41 ? 37   GLU B OE1 1 
ATOM   962  O OE2 . GLU B 1 37 ? -11.212 -5.408  -9.917  1.00 34.66 ? 37   GLU B OE2 1 
ATOM   963  N N   . TYR B 1 38 ? -9.739  -3.393  -4.489  1.00 17.29 ? 38   TYR B N   1 
ATOM   964  C CA  . TYR B 1 38 ? -9.822  -3.923  -3.135  1.00 17.30 ? 38   TYR B CA  1 
ATOM   965  C C   . TYR B 1 38 ? -10.583 -2.912  -2.270  1.00 16.45 ? 38   TYR B C   1 
ATOM   966  O O   . TYR B 1 38 ? -10.852 -1.785  -2.727  1.00 18.86 ? 38   TYR B O   1 
ATOM   967  C CB  . TYR B 1 38 ? -8.401  -4.191  -2.573  1.00 17.17 ? 38   TYR B CB  1 
ATOM   968  C CG  . TYR B 1 38 ? -7.790  -5.483  -3.072  1.00 19.00 ? 38   TYR B CG  1 
ATOM   969  C CD1 . TYR B 1 38 ? -7.968  -6.661  -2.359  1.00 18.73 ? 38   TYR B CD1 1 
ATOM   970  C CD2 . TYR B 1 38 ? -7.033  -5.520  -4.258  1.00 20.04 ? 38   TYR B CD2 1 
ATOM   971  C CE1 . TYR B 1 38 ? -7.417  -7.843  -2.789  1.00 19.82 ? 38   TYR B CE1 1 
ATOM   972  C CE2 . TYR B 1 38 ? -6.479  -6.712  -4.698  1.00 19.42 ? 38   TYR B CE2 1 
ATOM   973  C CZ  . TYR B 1 38 ? -6.682  -7.857  -3.957  1.00 19.89 ? 38   TYR B CZ  1 
ATOM   974  O OH  . TYR B 1 38 ? -6.174  -9.069  -4.371  1.00 22.79 ? 38   TYR B OH  1 
ATOM   975  N N   . ASP B 1 39 ? -10.902 -3.317  -1.034  1.00 16.98 ? 39   ASP B N   1 
ATOM   976  C CA  . ASP B 1 39 ? -11.647 -2.483  -0.089  1.00 16.69 ? 39   ASP B CA  1 
ATOM   977  C C   . ASP B 1 39 ? -10.765 -1.702  0.881   1.00 15.57 ? 39   ASP B C   1 
ATOM   978  O O   . ASP B 1 39 ? -11.168 -0.639  1.339   1.00 14.84 ? 39   ASP B O   1 
ATOM   979  C CB  . ASP B 1 39 ? -12.624 -3.322  0.753   1.00 18.52 ? 39   ASP B CB  1 
ATOM   980  C CG  . ASP B 1 39 ? -13.682 -4.004  -0.075  1.00 21.24 ? 39   ASP B CG  1 
ATOM   981  O OD1 . ASP B 1 39 ? -14.190 -3.391  -1.041  1.00 24.06 ? 39   ASP B OD1 1 
ATOM   982  O OD2 . ASP B 1 39 ? -14.044 -5.138  0.285   1.00 22.14 ? 39   ASP B OD2 1 
ATOM   983  N N   . LEU B 1 40 ? -9.605  -2.257  1.227   1.00 15.25 ? 40   LEU B N   1 
ATOM   984  C CA  . LEU B 1 40 ? -8.677  -1.557  2.130   1.00 15.37 ? 40   LEU B CA  1 
ATOM   985  C C   . LEU B 1 40 ? -7.256  -1.815  1.708   1.00 15.92 ? 40   LEU B C   1 
ATOM   986  O O   . LEU B 1 40 ? -6.952  -2.794  1.048   1.00 15.64 ? 40   LEU B O   1 
ATOM   987  C CB  . LEU B 1 40 ? -8.736  -2.066  3.587   1.00 17.80 ? 40   LEU B CB  1 
ATOM   988  C CG  . LEU B 1 40 ? -9.880  -1.611  4.464   1.00 20.05 ? 40   LEU B CG  1 
ATOM   989  C CD1 . LEU B 1 40 ? -11.027 -2.583  4.335   1.00 22.68 ? 40   LEU B CD1 1 
ATOM   990  C CD2 . LEU B 1 40 ? -9.369  -1.511  5.915   1.00 20.41 ? 40   LEU B CD2 1 
ATOM   991  N N   . ILE B 1 41 ? -6.385  -0.919  2.126   1.00 16.26 ? 41   ILE B N   1 
ATOM   992  C CA  . ILE B 1 41 ? -4.947  -1.117  2.001   1.00 16.14 ? 41   ILE B CA  1 
ATOM   993  C C   . ILE B 1 41 ? -4.451  -0.792  3.409   1.00 16.62 ? 41   ILE B C   1 
ATOM   994  O O   . ILE B 1 41 ? -4.808  0.246   3.999   1.00 14.30 ? 41   ILE B O   1 
ATOM   995  C CB  . ILE B 1 41 ? -4.261  -0.278  0.897   1.00 17.66 ? 41   ILE B CB  1 
ATOM   996  C CG1 . ILE B 1 41 ? -2.769  -0.648  0.869   1.00 18.63 ? 41   ILE B CG1 1 
ATOM   997  C CG2 . ILE B 1 41 ? -4.376  1.190   1.138   1.00 19.22 ? 41   ILE B CG2 1 
ATOM   998  C CD1 . ILE B 1 41 ? -1.995  -0.176  -0.387  1.00 21.27 ? 41   ILE B CD1 1 
ATOM   999  N N   . VAL B 1 42 ? -3.673  -1.725  3.972   1.00 16.03 ? 42   VAL B N   1 
ATOM   1000 C CA  . VAL B 1 42 ? -3.228  -1.595  5.362   1.00 16.64 ? 42   VAL B CA  1 
ATOM   1001 C C   . VAL B 1 42 ? -1.730  -1.674  5.453   1.00 16.10 ? 42   VAL B C   1 
ATOM   1002 O O   . VAL B 1 42 ? -1.118  -2.541  4.799   1.00 16.49 ? 42   VAL B O   1 
ATOM   1003 C CB  . VAL B 1 42 ? -3.831  -2.737  6.159   1.00 16.31 ? 42   VAL B CB  1 
ATOM   1004 C CG1 . VAL B 1 42 ? -3.405  -2.614  7.646   1.00 17.64 ? 42   VAL B CG1 1 
ATOM   1005 C CG2 . VAL B 1 42 ? -5.382  -2.727  6.009   1.00 18.83 ? 42   VAL B CG2 1 
ATOM   1006 N N   . LYS B 1 43 ? -1.100  -0.797  6.232   1.00 15.58 ? 43   LYS B N   1 
ATOM   1007 C CA  . LYS B 1 43 ? 0.360   -0.768  6.338   1.00 16.18 ? 43   LYS B CA  1 
ATOM   1008 C C   . LYS B 1 43 ? 0.776   -1.318  7.697   1.00 16.19 ? 43   LYS B C   1 
ATOM   1009 O O   . LYS B 1 43 ? 0.375   -0.779  8.730   1.00 15.04 ? 43   LYS B O   1 
ATOM   1010 C CB  . LYS B 1 43 ? 0.893   0.651   6.198   1.00 16.94 ? 43   LYS B CB  1 
ATOM   1011 C CG  . LYS B 1 43 ? 2.440   0.701   6.127   1.00 16.79 ? 43   LYS B CG  1 
ATOM   1012 C CD  . LYS B 1 43 ? 2.990   2.135   6.148   1.00 18.78 ? 43   LYS B CD  1 
ATOM   1013 C CE  . LYS B 1 43 ? 4.464   2.188   5.821   1.00 20.42 ? 43   LYS B CE  1 
ATOM   1014 N NZ  . LYS B 1 43 ? 5.065   3.559   5.994   1.00 25.80 ? 43   LYS B NZ  1 
ATOM   1015 N N   . VAL B 1 44 ? 1.593   -2.367  7.692   1.00 15.77 ? 44   VAL B N   1 
ATOM   1016 C CA  . VAL B 1 44 ? 2.009   -3.049  8.920   1.00 16.56 ? 44   VAL B CA  1 
ATOM   1017 C C   . VAL B 1 44 ? 3.508   -2.993  8.996   1.00 16.83 ? 44   VAL B C   1 
ATOM   1018 O O   . VAL B 1 44 ? 4.163   -3.098  7.963   1.00 18.15 ? 44   VAL B O   1 
ATOM   1019 C CB  . VAL B 1 44 ? 1.617   -4.554  8.855   1.00 15.67 ? 44   VAL B CB  1 
ATOM   1020 C CG1 . VAL B 1 44 ? 2.069   -5.302  10.104  1.00 17.53 ? 44   VAL B CG1 1 
ATOM   1021 C CG2 . VAL B 1 44 ? 0.110   -4.717  8.653   1.00 16.69 ? 44   VAL B CG2 1 
ATOM   1022 N N   . GLU B 1 45 ? 4.078   -2.814  10.191  1.00 15.90 ? 45   GLU B N   1 
ATOM   1023 C CA  . GLU B 1 45 ? 5.524   -2.844  10.352  1.00 16.04 ? 45   GLU B CA  1 
ATOM   1024 C C   . GLU B 1 45 ? 5.829   -3.728  11.522  1.00 15.74 ? 45   GLU B C   1 
ATOM   1025 O O   . GLU B 1 45 ? 5.211   -3.609  12.593  1.00 15.53 ? 45   GLU B O   1 
ATOM   1026 C CB  . GLU B 1 45 ? 6.122   -1.454  10.646  1.00 16.75 ? 45   GLU B CB  1 
ATOM   1027 C CG  . GLU B 1 45 ? 5.965   -0.473  9.531   1.00 19.65 ? 45   GLU B CG  1 
ATOM   1028 C CD  . GLU B 1 45 ? 6.558   0.888   9.871   1.00 23.73 ? 45   GLU B CD  1 
ATOM   1029 O OE1 . GLU B 1 45 ? 6.816   1.136   11.065  1.00 25.76 ? 45   GLU B OE1 1 
ATOM   1030 O OE2 . GLU B 1 45 ? 6.755   1.713   8.961   1.00 26.29 ? 45   GLU B OE2 1 
ATOM   1031 N N   . THR B 1 46 ? 6.801   -4.600  11.319  1.00 15.68 ? 46   THR B N   1 
ATOM   1032 C CA  . THR B 1 46 ? 7.279   -5.492  12.369  1.00 16.47 ? 46   THR B CA  1 
ATOM   1033 C C   . THR B 1 46 ? 8.806   -5.503  12.335  1.00 18.07 ? 46   THR B C   1 
ATOM   1034 O O   . THR B 1 46 ? 9.441   -5.090  11.355  1.00 18.67 ? 46   THR B O   1 
ATOM   1035 C CB  . THR B 1 46 ? 6.768   -6.950  12.252  1.00 15.68 ? 46   THR B CB  1 
ATOM   1036 O OG1 . THR B 1 46 ? 7.177   -7.518  11.010  1.00 16.74 ? 46   THR B OG1 1 
ATOM   1037 C CG2 . THR B 1 46 ? 5.254   -6.984  12.375  1.00 17.13 ? 46   THR B CG2 1 
ATOM   1038 N N   . ASP B 1 47 ? 9.380   -5.967  13.438  1.00 19.85 ? 47   ASP B N   1 
ATOM   1039 C CA  . ASP B 1 47 ? 10.833  -6.021  13.546  1.00 22.09 ? 47   ASP B CA  1 
ATOM   1040 C C   . ASP B 1 47 ? 11.397  -7.090  12.637  1.00 19.56 ? 47   ASP B C   1 
ATOM   1041 O O   . ASP B 1 47 ? 12.436  -6.901  12.012  1.00 22.90 ? 47   ASP B O   1 
ATOM   1042 C CB  . ASP B 1 47 ? 11.258  -6.386  14.973  1.00 25.46 ? 47   ASP B CB  1 
ATOM   1043 C CG  . ASP B 1 47 ? 10.974  -5.311  15.983  1.00 30.03 ? 47   ASP B CG  1 
ATOM   1044 O OD1 . ASP B 1 47 ? 10.895  -4.126  15.611  1.00 32.36 ? 47   ASP B OD1 1 
ATOM   1045 O OD2 . ASP B 1 47 ? 10.856  -5.670  17.187  1.00 34.27 ? 47   ASP B OD2 1 
ATOM   1046 N N   . THR B 1 48 ? 10.705  -8.217  12.577  1.00 20.01 ? 48   THR B N   1 
ATOM   1047 C CA  . THR B 1 48 ? 11.175  -9.368  11.820  1.00 19.26 ? 48   THR B CA  1 
ATOM   1048 C C   . THR B 1 48 ? 10.122  -10.029 10.957  1.00 18.99 ? 48   THR B C   1 
ATOM   1049 O O   . THR B 1 48 ? 8.908   -9.842  11.120  1.00 18.25 ? 48   THR B O   1 
ATOM   1050 C CB  . THR B 1 48 ? 11.656  -10.496 12.753  1.00 19.88 ? 48   THR B CB  1 
ATOM   1051 O OG1 . THR B 1 48 ? 10.530  -10.997 13.493  1.00 18.63 ? 48   THR B OG1 1 
ATOM   1052 C CG2 . THR B 1 48 ? 12.739  -10.007 13.712  1.00 21.00 ? 48   THR B CG2 1 
ATOM   1053 N N   . LEU B 1 49 ? 10.610  -10.851 10.036  1.00 18.83 ? 49   LEU B N   1 
ATOM   1054 C CA  . LEU B 1 49 ? 9.739   -11.596 9.166   1.00 19.30 ? 49   LEU B CA  1 
ATOM   1055 C C   . LEU B 1 49 ? 8.889   -12.571 9.996   1.00 19.62 ? 49   LEU B C   1 
ATOM   1056 O O   . LEU B 1 49 ? 7.699   -12.771 9.748   1.00 19.87 ? 49   LEU B O   1 
ATOM   1057 C CB  . LEU B 1 49 ? 10.616  -12.308 8.128   1.00 20.94 ? 49   LEU B CB  1 
ATOM   1058 C CG  . LEU B 1 49 ? 9.986   -12.793 6.844   1.00 22.60 ? 49   LEU B CG  1 
ATOM   1059 C CD1 . LEU B 1 49 ? 9.345   -11.612 6.127   1.00 21.18 ? 49   LEU B CD1 1 
ATOM   1060 C CD2 . LEU B 1 49 ? 11.067  -13.437 5.948   1.00 21.46 ? 49   LEU B CD2 1 
ATOM   1061 N N   . LYS B 1 50 ? 9.489   -13.183 11.019  1.00 18.37 ? 50   LYS B N   1 
ATOM   1062 C CA  . LYS B 1 50 ? 8.777   -14.089 11.911  1.00 19.04 ? 50   LYS B CA  1 
ATOM   1063 C C   . LYS B 1 50 ? 7.598   -13.355 12.589  1.00 18.75 ? 50   LYS B C   1 
ATOM   1064 O O   . LYS B 1 50 ? 6.514   -13.890 12.709  1.00 19.09 ? 50   LYS B O   1 
ATOM   1065 C CB  . LYS B 1 50 ? 9.786   -14.602 12.953  1.00 22.39 ? 50   LYS B CB  1 
ATOM   1066 C CG  . LYS B 1 50 ? 9.224   -15.369 14.066  1.00 27.00 ? 50   LYS B CG  1 
ATOM   1067 C CD  . LYS B 1 50 ? 10.279  -15.442 15.159  1.00 31.28 ? 50   LYS B CD  1 
ATOM   1068 C CE  . LYS B 1 50 ? 9.912   -16.444 16.191  1.00 32.74 ? 50   LYS B CE  1 
ATOM   1069 N NZ  . LYS B 1 50 ? 10.030  -17.761 15.538  1.00 37.27 ? 50   LYS B NZ  1 
ATOM   1070 N N   . ASP B 1 51 ? 7.839   -12.130 13.039  1.00 18.16 ? 51   ASP B N   1 
ATOM   1071 C CA  . ASP B 1 51 ? 6.802   -11.320 13.675  1.00 19.12 ? 51   ASP B CA  1 
ATOM   1072 C C   . ASP B 1 51 ? 5.649   -11.016 12.704  1.00 17.08 ? 51   ASP B C   1 
ATOM   1073 O O   . ASP B 1 51 ? 4.485   -10.998 13.107  1.00 17.30 ? 51   ASP B O   1 
ATOM   1074 C CB  . ASP B 1 51 ? 7.377   -10.001 14.171  1.00 19.84 ? 51   ASP B CB  1 
ATOM   1075 C CG  . ASP B 1 51 ? 8.241   -10.164 15.409  1.00 22.78 ? 51   ASP B CG  1 
ATOM   1076 O OD1 . ASP B 1 51 ? 8.266   -11.267 15.966  1.00 23.99 ? 51   ASP B OD1 1 
ATOM   1077 O OD2 . ASP B 1 51 ? 8.890   -9.184  15.775  1.00 22.16 ? 51   ASP B OD2 1 
ATOM   1078 N N   . LEU B 1 52 ? 5.983   -10.765 11.441  1.00 17.71 ? 52   LEU B N   1 
ATOM   1079 C CA  . LEU B 1 52 ? 4.936   -10.462 10.475  1.00 16.39 ? 52   LEU B CA  1 
ATOM   1080 C C   . LEU B 1 52 ? 4.103   -11.708 10.204  1.00 16.85 ? 52   LEU B C   1 
ATOM   1081 O O   . LEU B 1 52 ? 2.859   -11.671 10.221  1.00 16.87 ? 52   LEU B O   1 
ATOM   1082 C CB  . LEU B 1 52 ? 5.527   -9.930  9.164   1.00 16.71 ? 52   LEU B CB  1 
ATOM   1083 C CG  . LEU B 1 52 ? 4.515   -9.785  8.008   1.00 16.56 ? 52   LEU B CG  1 
ATOM   1084 C CD1 . LEU B 1 52 ? 3.478   -8.734  8.384   1.00 16.71 ? 52   LEU B CD1 1 
ATOM   1085 C CD2 . LEU B 1 52 ? 5.257   -9.374  6.741   1.00 16.74 ? 52   LEU B CD2 1 
ATOM   1086 N N   . ASP B 1 53 ? 4.771   -12.848 10.000  1.00 16.74 ? 53   ASP B N   1 
ATOM   1087 C CA  . ASP B 1 53 ? 4.006   -14.045 9.724   1.00 18.10 ? 53   ASP B CA  1 
ATOM   1088 C C   . ASP B 1 53 ? 3.095   -14.391 10.939  1.00 18.69 ? 53   ASP B C   1 
ATOM   1089 O O   . ASP B 1 53 ? 1.956   -14.837 10.782  1.00 19.08 ? 53   ASP B O   1 
ATOM   1090 C CB  . ASP B 1 53 ? 4.950   -15.215 9.339   1.00 20.01 ? 53   ASP B CB  1 
ATOM   1091 C CG  . ASP B 1 53 ? 4.207   -16.328 8.596   1.00 21.52 ? 53   ASP B CG  1 
ATOM   1092 O OD1 . ASP B 1 53 ? 3.917   -16.195 7.366   1.00 24.17 ? 53   ASP B OD1 1 
ATOM   1093 O OD2 . ASP B 1 53 ? 3.857   -17.305 9.255   1.00 18.47 ? 53   ASP B OD2 1 
ATOM   1094 N N   . GLN B 1 54 ? 3.549   -14.144 12.163  1.00 18.80 ? 54   GLN B N   1 
ATOM   1095 C CA  . GLN B 1 54 ? 2.721   -14.414 13.312  1.00 19.81 ? 54   GLN B CA  1 
ATOM   1096 C C   . GLN B 1 54 ? 1.518   -13.452 13.332  1.00 17.96 ? 54   GLN B C   1 
ATOM   1097 O O   . GLN B 1 54 ? 0.413   -13.842 13.648  1.00 19.58 ? 54   GLN B O   1 
ATOM   1098 C CB  . GLN B 1 54 ? 3.512   -14.258 14.614  1.00 24.48 ? 54   GLN B CB  1 
ATOM   1099 C CG  . GLN B 1 54 ? 2.650   -14.628 15.803  1.00 27.75 ? 54   GLN B CG  1 
ATOM   1100 C CD  . GLN B 1 54 ? 3.316   -14.441 17.146  1.00 30.92 ? 54   GLN B CD  1 
ATOM   1101 O OE1 . GLN B 1 54 ? 4.368   -15.015 17.413  1.00 34.18 ? 54   GLN B OE1 1 
ATOM   1102 N NE2 . GLN B 1 54 ? 2.699   -13.648 18.003  1.00 32.46 ? 54   GLN B NE2 1 
ATOM   1103 N N   . PHE B 1 55 ? 1.767   -12.189 12.980  1.00 16.88 ? 55   PHE B N   1 
ATOM   1104 C CA  . PHE B 1 55 ? 0.703   -11.188 12.959  1.00 17.58 ? 55   PHE B CA  1 
ATOM   1105 C C   . PHE B 1 55 ? -0.393  -11.582 11.959  1.00 17.27 ? 55   PHE B C   1 
ATOM   1106 O O   . PHE B 1 55 ? -1.584  -11.493 12.242  1.00 16.30 ? 55   PHE B O   1 
ATOM   1107 C CB  . PHE B 1 55 ? 1.264   -9.819  12.573  1.00 18.41 ? 55   PHE B CB  1 
ATOM   1108 C CG  . PHE B 1 55 ? 0.205   -8.767  12.423  1.00 19.54 ? 55   PHE B CG  1 
ATOM   1109 C CD1 . PHE B 1 55 ? -0.367  -8.184  13.554  1.00 20.28 ? 55   PHE B CD1 1 
ATOM   1110 C CD2 . PHE B 1 55 ? -0.259  -8.413  11.157  1.00 20.31 ? 55   PHE B CD2 1 
ATOM   1111 C CE1 . PHE B 1 55 ? -1.393  -7.257  13.438  1.00 20.73 ? 55   PHE B CE1 1 
ATOM   1112 C CE2 . PHE B 1 55 ? -1.301  -7.477  11.013  1.00 22.17 ? 55   PHE B CE2 1 
ATOM   1113 C CZ  . PHE B 1 55 ? -1.862  -6.906  12.159  1.00 18.57 ? 55   PHE B CZ  1 
ATOM   1114 N N   . ILE B 1 56 ? 0.024   -11.996 10.770  1.00 17.13 ? 56   ILE B N   1 
ATOM   1115 C CA  . ILE B 1 56 ? -0.928  -12.406 9.754   1.00 20.54 ? 56   ILE B CA  1 
ATOM   1116 C C   . ILE B 1 56 ? -1.684  -13.646 10.183  1.00 21.38 ? 56   ILE B C   1 
ATOM   1117 O O   . ILE B 1 56 ? -2.911  -13.746 10.016  1.00 21.67 ? 56   ILE B O   1 
ATOM   1118 C CB  . ILE B 1 56 ? -0.201  -12.686 8.398   1.00 20.14 ? 56   ILE B CB  1 
ATOM   1119 C CG1 . ILE B 1 56 ? 0.405   -11.385 7.855   1.00 21.49 ? 56   ILE B CG1 1 
ATOM   1120 C CG2 . ILE B 1 56 ? -1.198  -13.312 7.397   1.00 21.69 ? 56   ILE B CG2 1 
ATOM   1121 C CD1 . ILE B 1 56 ? 1.392   -11.514 6.648   1.00 20.95 ? 56   ILE B CD1 1 
ATOM   1122 N N   . THR B 1 57 ? -0.971  -14.596 10.776  1.00 21.85 ? 57   THR B N   1 
ATOM   1123 C CA  . THR B 1 57 ? -1.588  -15.824 11.214  1.00 24.37 ? 57   THR B CA  1 
ATOM   1124 C C   . THR B 1 57 ? -2.591  -15.670 12.344  1.00 24.41 ? 57   THR B C   1 
ATOM   1125 O O   . THR B 1 57 ? -3.696  -16.213 12.259  1.00 27.21 ? 57   THR B O   1 
ATOM   1126 C CB  . THR B 1 57 ? -0.508  -16.872 11.620  1.00 25.07 ? 57   THR B CB  1 
ATOM   1127 O OG1 . THR B 1 57 ? 0.373   -17.083 10.515  1.00 27.46 ? 57   THR B OG1 1 
ATOM   1128 C CG2 . THR B 1 57 ? -1.169  -18.177 11.993  1.00 27.83 ? 57   THR B CG2 1 
ATOM   1129 N N   . GLU B 1 58 ? -2.257  -14.905 13.383  1.00 23.72 ? 58   GLU B N   1 
ATOM   1130 C CA  . GLU B 1 58 ? -3.140  -14.750 14.528  1.00 24.63 ? 58   GLU B CA  1 
ATOM   1131 C C   . GLU B 1 58 ? -4.141  -13.619 14.474  1.00 23.77 ? 58   GLU B C   1 
ATOM   1132 O O   . GLU B 1 58 ? -5.178  -13.658 15.141  1.00 25.62 ? 58   GLU B O   1 
ATOM   1133 C CB  . GLU B 1 58 ? -2.326  -14.565 15.808  1.00 27.22 ? 58   GLU B CB  1 
ATOM   1134 C CG  . GLU B 1 58 ? -1.487  -15.768 16.147  1.00 32.26 ? 58   GLU B CG  1 
ATOM   1135 C CD  . GLU B 1 58 ? -2.274  -16.903 16.800  1.00 34.69 ? 58   GLU B CD  1 
ATOM   1136 O OE1 . GLU B 1 58 ? -3.444  -17.158 16.419  1.00 37.01 ? 58   GLU B OE1 1 
ATOM   1137 O OE2 . GLU B 1 58 ? -1.704  -17.567 17.693  1.00 37.75 ? 58   GLU B OE2 1 
ATOM   1138 N N   . LYS B 1 59 ? -3.815  -12.593 13.725  1.00 22.40 ? 59   LYS B N   1 
ATOM   1139 C CA  . LYS B 1 59 ? -4.712  -11.470 13.659  1.00 21.83 ? 59   LYS B CA  1 
ATOM   1140 C C   . LYS B 1 59 ? -5.505  -11.489 12.368  1.00 22.13 ? 59   LYS B C   1 
ATOM   1141 O O   . LYS B 1 59 ? -6.714  -11.806 12.384  1.00 23.60 ? 59   LYS B O   1 
ATOM   1142 C CB  . LYS B 1 59 ? -3.924  -10.164 13.826  1.00 23.55 ? 59   LYS B CB  1 
ATOM   1143 C CG  . LYS B 1 59 ? -3.186  -10.059 15.152  1.00 27.14 ? 59   LYS B CG  1 
ATOM   1144 C CD  . LYS B 1 59 ? -4.143  -10.177 16.347  1.00 30.06 ? 59   LYS B CD  1 
ATOM   1145 C CE  . LYS B 1 59 ? -3.401  -10.020 17.693  1.00 33.10 ? 59   LYS B CE  1 
ATOM   1146 N NZ  . LYS B 1 59 ? -4.364  -9.949  18.836  1.00 32.59 ? 59   LYS B NZ  1 
ATOM   1147 N N   . ILE B 1 60 ? -4.833  -11.236 11.250  1.00 19.92 ? 60   ILE B N   1 
ATOM   1148 C CA  . ILE B 1 60 ? -5.528  -11.164 9.970   1.00 20.20 ? 60   ILE B CA  1 
ATOM   1149 C C   . ILE B 1 60 ? -6.352  -12.391 9.613   1.00 21.85 ? 60   ILE B C   1 
ATOM   1150 O O   . ILE B 1 60 ? -7.559  -12.289 9.316   1.00 20.84 ? 60   ILE B O   1 
ATOM   1151 C CB  . ILE B 1 60 ? -4.530  -10.870 8.831   1.00 20.38 ? 60   ILE B CB  1 
ATOM   1152 C CG1 . ILE B 1 60 ? -3.787  -9.566  9.110   1.00 22.53 ? 60   ILE B CG1 1 
ATOM   1153 C CG2 . ILE B 1 60 ? -5.256  -10.810 7.493   1.00 20.16 ? 60   ILE B CG2 1 
ATOM   1154 C CD1 . ILE B 1 60 ? -4.670  -8.353  9.057   1.00 26.25 ? 60   ILE B CD1 1 
ATOM   1155 N N   . ARG B 1 61 ? -5.709  -13.554 9.619   1.00 22.17 ? 61   ARG B N   1 
ATOM   1156 C CA  . ARG B 1 61 ? -6.415  -14.774 9.272   1.00 24.71 ? 61   ARG B CA  1 
ATOM   1157 C C   . ARG B 1 61 ? -7.531  -15.206 10.216  1.00 25.34 ? 61   ARG B C   1 
ATOM   1158 O O   . ARG B 1 61 ? -8.312  -16.081 9.858   1.00 27.91 ? 61   ARG B O   1 
ATOM   1159 C CB  . ARG B 1 61 ? -5.417  -15.930 9.076   1.00 25.38 ? 61   ARG B CB  1 
ATOM   1160 C CG  . ARG B 1 61 ? -4.476  -15.670 7.933   1.00 30.58 ? 61   ARG B CG  1 
ATOM   1161 C CD  . ARG B 1 61 ? -3.617  -16.857 7.568   1.00 35.75 ? 61   ARG B CD  1 
ATOM   1162 N NE  . ARG B 1 61 ? -2.524  -16.431 6.695   1.00 40.10 ? 61   ARG B NE  1 
ATOM   1163 C CZ  . ARG B 1 61 ? -2.690  -15.811 5.528   1.00 41.29 ? 61   ARG B CZ  1 
ATOM   1164 N NH1 . ARG B 1 61 ? -3.903  -15.542 5.083   1.00 43.47 ? 61   ARG B NH1 1 
ATOM   1165 N NH2 . ARG B 1 61 ? -1.635  -15.453 4.807   1.00 43.18 ? 61   ARG B NH2 1 
ATOM   1166 N N   . LYS B 1 62 ? -7.632  -14.608 11.397  1.00 25.52 ? 62   LYS B N   1 
ATOM   1167 C CA  . LYS B 1 62 ? -8.691  -14.965 12.341  1.00 26.59 ? 62   LYS B CA  1 
ATOM   1168 C C   . LYS B 1 62 ? -9.789  -13.896 12.427  1.00 25.59 ? 62   LYS B C   1 
ATOM   1169 O O   . LYS B 1 62 ? -10.584 -13.869 13.380  1.00 26.72 ? 62   LYS B O   1 
ATOM   1170 C CB  . LYS B 1 62 ? -8.128  -15.210 13.746  1.00 29.50 ? 62   LYS B CB  1 
ATOM   1171 C CG  . LYS B 1 62 ? -7.192  -16.405 13.855  1.00 32.56 ? 62   LYS B CG  1 
ATOM   1172 C CD  . LYS B 1 62 ? -6.911  -16.716 15.330  1.00 35.63 ? 62   LYS B CD  1 
ATOM   1173 C CE  . LYS B 1 62 ? -6.194  -18.054 15.494  1.00 37.75 ? 62   LYS B CE  1 
ATOM   1174 N NZ  . LYS B 1 62 ? -5.899  -18.411 16.909  1.00 38.50 ? 62   LYS B NZ  1 
ATOM   1175 N N   . MET B 1 63 ? -9.734  -12.976 11.524  1.00 23.62 ? 63   MET B N   1 
ATOM   1176 C CA  . MET B 1 63 ? -10.801 -11.992 11.398  1.00 22.43 ? 63   MET B CA  1 
ATOM   1177 C C   . MET B 1 63 ? -11.739 -12.340 10.248  1.00 20.23 ? 63   MET B C   1 
ATOM   1178 O O   . MET B 1 63 ? -11.341 -12.171 9.097   1.00 19.16 ? 63   MET B O   1 
ATOM   1179 C CB  . MET B 1 63 ? -10.219 -10.589 11.206  1.00 24.79 ? 63   MET B CB  1 
ATOM   1180 C CG  . MET B 1 63 ? -11.248 -9.474  11.294  1.00 31.51 ? 63   MET B CG  1 
ATOM   1181 S SD  . MET B 1 63 ? -10.522 -7.838  11.075  1.00 35.74 ? 63   MET B SD  1 
ATOM   1182 C CE  . MET B 1 63 ? -9.597  -7.672  12.600  1.00 36.44 ? 63   MET B CE  1 
ATOM   1183 N N   . PRO B 1 64 ? -12.835 -13.003 10.578  1.00 21.86 ? 64   PRO B N   1 
ATOM   1184 C CA  . PRO B 1 64 ? -13.686 -13.459 9.489   1.00 21.02 ? 64   PRO B CA  1 
ATOM   1185 C C   . PRO B 1 64 ? -14.209 -12.401 8.535   1.00 20.86 ? 64   PRO B C   1 
ATOM   1186 O O   . PRO B 1 64 ? -14.598 -12.721 7.412   1.00 20.03 ? 64   PRO B O   1 
ATOM   1187 C CB  . PRO B 1 64 ? -14.793 -14.243 10.222  1.00 22.22 ? 64   PRO B CB  1 
ATOM   1188 C CG  . PRO B 1 64 ? -14.908 -13.525 11.516  1.00 23.51 ? 64   PRO B CG  1 
ATOM   1189 C CD  . PRO B 1 64 ? -13.476 -13.232 11.889  1.00 22.51 ? 64   PRO B CD  1 
ATOM   1190 N N   . GLU B 1 65 ? -14.177 -11.143 8.965   1.00 18.66 ? 65   GLU B N   1 
ATOM   1191 C CA  . GLU B 1 65 ? -14.631 -10.043 8.113   1.00 18.82 ? 65   GLU B CA  1 
ATOM   1192 C C   . GLU B 1 65 ? -13.696 -9.807  6.917   1.00 18.22 ? 65   GLU B C   1 
ATOM   1193 O O   . GLU B 1 65 ? -14.102 -9.223  5.911   1.00 18.81 ? 65   GLU B O   1 
ATOM   1194 C CB  . GLU B 1 65 ? -14.723 -8.746  8.923   1.00 19.54 ? 65   GLU B CB  1 
ATOM   1195 C CG  . GLU B 1 65 ? -15.740 -8.740  10.065  1.00 21.94 ? 65   GLU B CG  1 
ATOM   1196 C CD  . GLU B 1 65 ? -15.243 -9.449  11.306  1.00 24.82 ? 65   GLU B CD  1 
ATOM   1197 O OE1 . GLU B 1 65 ? -14.029 -9.761  11.379  1.00 25.61 ? 65   GLU B OE1 1 
ATOM   1198 O OE2 . GLU B 1 65 ? -16.066 -9.702  12.221  1.00 27.34 ? 65   GLU B OE2 1 
ATOM   1199 N N   . ILE B 1 66 ? -12.460 -10.287 7.011   1.00 18.25 ? 66   ILE B N   1 
ATOM   1200 C CA  . ILE B 1 66 ? -11.491 -10.125 5.926   1.00 17.70 ? 66   ILE B CA  1 
ATOM   1201 C C   . ILE B 1 66 ? -11.624 -11.375 5.077   1.00 17.25 ? 66   ILE B C   1 
ATOM   1202 O O   . ILE B 1 66 ? -11.353 -12.465 5.569   1.00 19.64 ? 66   ILE B O   1 
ATOM   1203 C CB  . ILE B 1 66 ? -10.062 -9.999  6.495   1.00 15.21 ? 66   ILE B CB  1 
ATOM   1204 C CG1 . ILE B 1 66 ? -9.966  -8.736  7.376   1.00 17.64 ? 66   ILE B CG1 1 
ATOM   1205 C CG2 . ILE B 1 66 ? -9.061  -9.946  5.346   1.00 18.53 ? 66   ILE B CG2 1 
ATOM   1206 C CD1 . ILE B 1 66 ? -8.608  -8.560  8.105   1.00 16.48 ? 66   ILE B CD1 1 
ATOM   1207 N N   . GLN B 1 67 ? -12.063 -11.186 3.841   1.00 18.32 ? 67   GLN B N   1 
ATOM   1208 C CA  . GLN B 1 67 ? -12.349 -12.259 2.883   1.00 19.41 ? 67   GLN B CA  1 
ATOM   1209 C C   . GLN B 1 67 ? -11.308 -12.565 1.824   1.00 20.39 ? 67   GLN B C   1 
ATOM   1210 O O   . GLN B 1 67 ? -11.246 -13.696 1.351   1.00 20.63 ? 67   GLN B O   1 
ATOM   1211 C CB  . GLN B 1 67 ? -13.676 -11.975 2.194   1.00 20.89 ? 67   GLN B CB  1 
ATOM   1212 C CG  . GLN B 1 67 ? -14.824 -11.814 3.170   1.00 25.68 ? 67   GLN B CG  1 
ATOM   1213 C CD  . GLN B 1 67 ? -16.142 -11.477 2.487   1.00 27.25 ? 67   GLN B CD  1 
ATOM   1214 O OE1 . GLN B 1 67 ? -16.169 -10.909 1.397   1.00 29.45 ? 67   GLN B OE1 1 
ATOM   1215 N NE2 . GLN B 1 67 ? -17.241 -11.793 3.155   1.00 29.90 ? 67   GLN B NE2 1 
ATOM   1216 N N   . MET B 1 68 ? -10.528 -11.563 1.425   1.00 19.08 ? 68   MET B N   1 
ATOM   1217 C CA  . MET B 1 68 ? -9.456  -11.790 0.453   1.00 19.47 ? 68   MET B CA  1 
ATOM   1218 C C   . MET B 1 68 ? -8.319  -10.845 0.813   1.00 18.45 ? 68   MET B C   1 
ATOM   1219 O O   . MET B 1 68 ? -8.562  -9.765  1.345   1.00 17.87 ? 68   MET B O   1 
ATOM   1220 C CB  . MET B 1 68 ? -9.902  -11.429 -0.973  1.00 20.88 ? 68   MET B CB  1 
ATOM   1221 C CG  . MET B 1 68 ? -11.258 -11.955 -1.399  1.00 21.95 ? 68   MET B CG  1 
ATOM   1222 S SD  . MET B 1 68 ? -11.456 -11.666 -3.186  1.00 24.90 ? 68   MET B SD  1 
ATOM   1223 C CE  . MET B 1 68 ? -12.868 -12.699 -3.564  1.00 23.98 ? 68   MET B CE  1 
ATOM   1224 N N   . THR B 1 69 ? -7.090  -11.282 0.569   1.00 17.65 ? 69   THR B N   1 
ATOM   1225 C CA  . THR B 1 69 ? -5.945  -10.401 0.789   1.00 17.29 ? 69   THR B CA  1 
ATOM   1226 C C   . THR B 1 69 ? -4.907  -10.569 -0.309  1.00 17.54 ? 69   THR B C   1 
ATOM   1227 O O   . THR B 1 69 ? -4.863  -11.568 -1.025  1.00 18.87 ? 69   THR B O   1 
ATOM   1228 C CB  . THR B 1 69 ? -5.202  -10.667 2.142   1.00 16.32 ? 69   THR B CB  1 
ATOM   1229 O OG1 . THR B 1 69 ? -4.652  -12.002 2.168   1.00 18.40 ? 69   THR B OG1 1 
ATOM   1230 C CG2 . THR B 1 69 ? -6.138  -10.506 3.320   1.00 17.47 ? 69   THR B CG2 1 
ATOM   1231 N N   . SER B 1 70 ? -4.072  -9.556  -0.440  1.00 16.83 ? 70   SER B N   1 
ATOM   1232 C CA  . SER B 1 70 ? -2.933  -9.586  -1.369  1.00 16.91 ? 70   SER B CA  1 
ATOM   1233 C C   . SER B 1 70 ? -1.867  -8.840  -0.573  1.00 17.59 ? 70   SER B C   1 
ATOM   1234 O O   . SER B 1 70 ? -2.007  -7.646  -0.289  1.00 16.29 ? 70   SER B O   1 
ATOM   1235 C CB  . SER B 1 70 ? -3.242  -8.861  -2.679  1.00 18.48 ? 70   SER B CB  1 
ATOM   1236 O OG  . SER B 1 70 ? -2.094  -8.889  -3.545  1.00 21.98 ? 70   SER B OG  1 
ATOM   1237 N N   . THR B 1 71 ? -0.787  -9.536  -0.228  1.00 16.57 ? 71   THR B N   1 
ATOM   1238 C CA  . THR B 1 71 ? 0.262   -8.992  0.610   1.00 17.09 ? 71   THR B CA  1 
ATOM   1239 C C   . THR B 1 71 ? 1.541   -8.638  -0.150  1.00 17.49 ? 71   THR B C   1 
ATOM   1240 O O   . THR B 1 71 ? 2.019   -9.420  -0.976  1.00 18.79 ? 71   THR B O   1 
ATOM   1241 C CB  . THR B 1 71 ? 0.574   -10.009 1.697   1.00 18.52 ? 71   THR B CB  1 
ATOM   1242 O OG1 . THR B 1 71 ? -0.625  -10.246 2.470   1.00 20.38 ? 71   THR B OG1 1 
ATOM   1243 C CG2 . THR B 1 71 ? 1.683   -9.490  2.591   1.00 18.23 ? 71   THR B CG2 1 
ATOM   1244 N N   . MET B 1 72 ? 2.091   -7.461  0.146   1.00 17.52 ? 72   MET B N   1 
ATOM   1245 C CA  . MET B 1 72 ? 3.319   -6.958  -0.395  1.00 16.99 ? 72   MET B CA  1 
ATOM   1246 C C   . MET B 1 72 ? 4.252   -6.566  0.719   1.00 18.27 ? 72   MET B C   1 
ATOM   1247 O O   . MET B 1 72 ? 3.912   -5.833  1.632   1.00 20.18 ? 72   MET B O   1 
ATOM   1248 C CB  . MET B 1 72 ? 3.092   -5.781  -1.345  1.00 20.44 ? 72   MET B CB  1 
ATOM   1249 C CG  . MET B 1 72 ? 2.986   -6.177  -2.819  1.00 22.64 ? 72   MET B CG  1 
ATOM   1250 S SD  . MET B 1 72 ? 1.364   -6.820  -3.247  1.00 25.40 ? 72   MET B SD  1 
ATOM   1251 C CE  . MET B 1 72 ? -0.066  -5.896  -2.638  1.00 21.17 ? 72   MET B CE  1 
ATOM   1252 N N   . ILE B 1 73 ? 5.474   -7.076  0.574   1.00 15.82 ? 73   ILE B N   1 
ATOM   1253 C CA  . ILE B 1 73 ? 6.421   -6.793  1.614   1.00 16.06 ? 73   ILE B CA  1 
ATOM   1254 C C   . ILE B 1 73 ? 7.635   -6.035  1.107   1.00 15.16 ? 73   ILE B C   1 
ATOM   1255 O O   . ILE B 1 73 ? 8.102   -6.225  -0.015  1.00 16.78 ? 73   ILE B O   1 
ATOM   1256 C CB  . ILE B 1 73 ? 6.878   -8.093  2.317   1.00 17.20 ? 73   ILE B CB  1 
ATOM   1257 C CG1 . ILE B 1 73 ? 7.592   -9.028  1.346   1.00 18.73 ? 73   ILE B CG1 1 
ATOM   1258 C CG2 . ILE B 1 73 ? 5.690   -8.807  2.964   1.00 19.04 ? 73   ILE B CG2 1 
ATOM   1259 C CD1 . ILE B 1 73 ? 8.103   -10.311 1.975   1.00 21.03 ? 73   ILE B CD1 1 
ATOM   1260 N N   . ALA B 1 74 ? 8.128   -5.167  1.988   1.00 16.37 ? 74   ALA B N   1 
ATOM   1261 C CA  . ALA B 1 74 ? 9.364   -4.448  1.703   1.00 15.78 ? 74   ALA B CA  1 
ATOM   1262 C C   . ALA B 1 74 ? 10.230  -4.778  2.929   1.00 17.35 ? 74   ALA B C   1 
ATOM   1263 O O   . ALA B 1 74 ? 9.785   -4.583  4.049   1.00 18.02 ? 74   ALA B O   1 
ATOM   1264 C CB  . ALA B 1 74 ? 9.130   -2.973  1.636   1.00 16.59 ? 74   ALA B CB  1 
ATOM   1265 N N   . ILE B 1 75 ? 11.425  -5.310  2.736   1.00 18.65 ? 75   ILE B N   1 
ATOM   1266 C CA  . ILE B 1 75 ? 12.298  -5.609  3.869   1.00 18.48 ? 75   ILE B CA  1 
ATOM   1267 C C   . ILE B 1 75 ? 13.422  -4.562  3.827   1.00 19.72 ? 75   ILE B C   1 
ATOM   1268 O O   . ILE B 1 75 ? 14.152  -4.460  2.836   1.00 21.19 ? 75   ILE B O   1 
ATOM   1269 C CB  . ILE B 1 75 ? 12.880  -7.032  3.772   1.00 19.22 ? 75   ILE B CB  1 
ATOM   1270 C CG1 . ILE B 1 75 ? 11.740  -8.050  3.823   1.00 19.84 ? 75   ILE B CG1 1 
ATOM   1271 C CG2 . ILE B 1 75 ? 13.876  -7.276  4.931   1.00 19.16 ? 75   ILE B CG2 1 
ATOM   1272 C CD1 . ILE B 1 75 ? 12.157  -9.543  3.622   1.00 20.40 ? 75   ILE B CD1 1 
ATOM   1273 N N   . LEU B 1 76 ? 13.534  -3.782  4.907   1.00 20.90 ? 76   LEU B N   1 
ATOM   1274 C CA  . LEU B 1 76 ? 14.536  -2.726  4.997   1.00 23.19 ? 76   LEU B CA  1 
ATOM   1275 C C   . LEU B 1 76 ? 15.453  -3.078  6.142   1.00 24.51 ? 76   LEU B C   1 
ATOM   1276 O O   . LEU B 1 76 ? 15.105  -2.911  7.325   1.00 24.28 ? 76   LEU B O   1 
ATOM   1277 C CB  . LEU B 1 76 ? 13.867  -1.364  5.270   1.00 25.38 ? 76   LEU B CB  1 
ATOM   1278 C CG  . LEU B 1 76 ? 14.796  -0.140  5.344   1.00 27.95 ? 76   LEU B CG  1 
ATOM   1279 C CD1 . LEU B 1 76 ? 15.589  -0.002  4.032   1.00 28.70 ? 76   LEU B CD1 1 
ATOM   1280 C CD2 . LEU B 1 76 ? 13.961  1.121   5.595   1.00 29.32 ? 76   LEU B CD2 1 
ATOM   1281 N N   . GLU B 1 77 ? 16.617  -3.602  5.769   1.00 25.42 ? 77   GLU B N   1 
ATOM   1282 C CA  . GLU B 1 77 ? 17.638  -4.016  6.729   1.00 26.94 ? 77   GLU B CA  1 
ATOM   1283 C C   . GLU B 1 77 ? 18.963  -3.473  6.238   1.00 28.35 ? 77   GLU B C   1 
ATOM   1284 O O   . GLU B 1 77 ? 19.417  -3.816  5.151   1.00 29.18 ? 77   GLU B O   1 
ATOM   1285 C CB  . GLU B 1 77 ? 17.706  -5.528  6.796   1.00 26.20 ? 77   GLU B CB  1 
ATOM   1286 C CG  . GLU B 1 77 ? 16.516  -6.158  7.534   1.00 25.76 ? 77   GLU B CG  1 
ATOM   1287 C CD  . GLU B 1 77 ? 16.516  -7.672  7.431   1.00 25.84 ? 77   GLU B CD  1 
ATOM   1288 O OE1 . GLU B 1 77 ? 15.710  -8.317  8.138   1.00 26.85 ? 77   GLU B OE1 1 
ATOM   1289 O OE2 . GLU B 1 77 ? 17.324  -8.189  6.628   1.00 27.41 ? 77   GLU B OE2 1 
ATOM   1290 N N   . HIS B 1 78 ? 19.594  -2.644  7.045   1.00 31.15 ? 78   HIS B N   1 
ATOM   1291 C CA  . HIS B 1 78 ? 20.858  -2.061  6.621   1.00 33.17 ? 78   HIS B CA  1 
ATOM   1292 C C   . HIS B 1 78 ? 22.063  -2.920  7.018   1.00 33.07 ? 78   HIS B C   1 
ATOM   1293 O O   . HIS B 1 78 ? 23.194  -2.647  6.595   1.00 34.08 ? 78   HIS B O   1 
ATOM   1294 C CB  . HIS B 1 78 ? 20.981  -0.638  7.189   1.00 34.79 ? 78   HIS B CB  1 
ATOM   1295 C CG  . HIS B 1 78 ? 19.944  0.309   6.661   1.00 36.79 ? 78   HIS B CG  1 
ATOM   1296 N ND1 . HIS B 1 78 ? 19.936  0.751   5.354   1.00 37.85 ? 78   HIS B ND1 1 
ATOM   1297 C CD2 . HIS B 1 78 ? 18.859  0.863   7.251   1.00 37.38 ? 78   HIS B CD2 1 
ATOM   1298 C CE1 . HIS B 1 78 ? 18.887  1.531   5.161   1.00 38.00 ? 78   HIS B CE1 1 
ATOM   1299 N NE2 . HIS B 1 78 ? 18.217  1.615   6.296   1.00 37.59 ? 78   HIS B NE2 1 
ATOM   1300 N N   . HIS B 1 79 ? 21.812  -3.967  7.807   1.00 31.81 ? 79   HIS B N   1 
ATOM   1301 C CA  . HIS B 1 79 ? 22.870  -4.876  8.258   1.00 31.28 ? 79   HIS B CA  1 
ATOM   1302 C C   . HIS B 1 79 ? 22.412  -6.338  8.186   1.00 29.49 ? 79   HIS B C   1 
ATOM   1303 O O   . HIS B 1 79 ? 22.646  -7.096  9.122   1.00 28.53 ? 79   HIS B O   1 
ATOM   1304 C CB  . HIS B 1 79 ? 23.266  -4.561  9.715   1.00 32.97 ? 79   HIS B CB  1 
ATOM   1305 C CG  . HIS B 1 79 ? 23.720  -3.151  9.932   1.00 35.73 ? 79   HIS B CG  1 
ATOM   1306 N ND1 . HIS B 1 79 ? 25.029  -2.754  9.761   1.00 36.99 ? 79   HIS B ND1 1 
ATOM   1307 C CD2 . HIS B 1 79 ? 23.030  -2.036  10.277  1.00 35.80 ? 79   HIS B CD2 1 
ATOM   1308 C CE1 . HIS B 1 79 ? 25.127  -1.456  9.992   1.00 37.29 ? 79   HIS B CE1 1 
ATOM   1309 N NE2 . HIS B 1 79 ? 23.929  -0.997  10.308  1.00 37.62 ? 79   HIS B NE2 1 
ATOM   1310 N N   . HIS B 1 80 ? 21.752  -6.732  7.090   1.00 27.23 ? 80   HIS B N   1 
ATOM   1311 C CA  . HIS B 1 80 ? 21.267  -8.122  6.959   1.00 26.31 ? 80   HIS B CA  1 
ATOM   1312 C C   . HIS B 1 80 ? 22.354  -9.180  7.173   1.00 25.67 ? 80   HIS B C   1 
ATOM   1313 O O   . HIS B 1 80 ? 22.085  -10.283 7.671   1.00 25.32 ? 80   HIS B O   1 
ATOM   1314 C CB  . HIS B 1 80 ? 20.632  -8.345  5.569   1.00 27.39 ? 80   HIS B CB  1 
ATOM   1315 C CG  . HIS B 1 80 ? 20.076  -9.729  5.374   1.00 27.39 ? 80   HIS B CG  1 
ATOM   1316 N ND1 . HIS B 1 80 ? 18.930  -10.168 6.006   1.00 28.91 ? 80   HIS B ND1 1 
ATOM   1317 C CD2 . HIS B 1 80 ? 20.555  -10.796 4.688   1.00 29.55 ? 80   HIS B CD2 1 
ATOM   1318 C CE1 . HIS B 1 80 ? 18.729  -11.443 5.723   1.00 28.14 ? 80   HIS B CE1 1 
ATOM   1319 N NE2 . HIS B 1 80 ? 19.703  -11.850 4.929   1.00 28.94 ? 80   HIS B NE2 1 
ATOM   1320 N N   . HIS B 1 81 ? 23.572  -8.838  6.781   1.00 25.22 ? 81   HIS B N   1 
ATOM   1321 C CA  . HIS B 1 81 ? 24.688  -9.755  6.899   1.00 24.60 ? 81   HIS B CA  1 
ATOM   1322 C C   . HIS B 1 81 ? 25.588  -9.547  8.086   1.00 24.13 ? 81   HIS B C   1 
ATOM   1323 O O   . HIS B 1 81 ? 26.672  -10.128 8.132   1.00 22.96 ? 81   HIS B O   1 
ATOM   1324 C CB  . HIS B 1 81 ? 25.536  -9.696  5.646   1.00 26.47 ? 81   HIS B CB  1 
ATOM   1325 C CG  . HIS B 1 81 ? 24.891  -10.339 4.470   1.00 27.72 ? 81   HIS B CG  1 
ATOM   1326 N ND1 . HIS B 1 81 ? 24.344  -9.616  3.432   1.00 30.62 ? 81   HIS B ND1 1 
ATOM   1327 C CD2 . HIS B 1 81 ? 24.727  -11.646 4.154   1.00 26.98 ? 81   HIS B CD2 1 
ATOM   1328 C CE1 . HIS B 1 81 ? 23.876  -10.455 2.522   1.00 25.98 ? 81   HIS B CE1 1 
ATOM   1329 N NE2 . HIS B 1 81 ? 24.096  -11.688 2.936   1.00 29.19 ? 81   HIS B NE2 1 
ATOM   1330 N N   . HIS B 1 82 ? 25.156  -8.720  9.030   1.00 22.84 ? 82   HIS B N   1 
ATOM   1331 C CA  . HIS B 1 82 ? 25.940  -8.482  10.221  1.00 22.52 ? 82   HIS B CA  1 
ATOM   1332 C C   . HIS B 1 82 ? 25.524  -9.379  11.372  1.00 23.05 ? 82   HIS B C   1 
ATOM   1333 O O   . HIS B 1 82 ? 24.614  -9.044  12.127  1.00 24.09 ? 82   HIS B O   1 
ATOM   1334 C CB  . HIS B 1 82 ? 25.833  -7.040  10.685  1.00 22.46 ? 82   HIS B CB  1 
ATOM   1335 C CG  . HIS B 1 82 ? 26.615  -6.097  9.847   1.00 22.20 ? 82   HIS B CG  1 
ATOM   1336 N ND1 . HIS B 1 82 ? 26.485  -6.033  8.477   1.00 25.18 ? 82   HIS B ND1 1 
ATOM   1337 C CD2 . HIS B 1 82 ? 27.589  -5.219  10.177  1.00 24.84 ? 82   HIS B CD2 1 
ATOM   1338 C CE1 . HIS B 1 82 ? 27.354  -5.162  7.996   1.00 25.02 ? 82   HIS B CE1 1 
ATOM   1339 N NE2 . HIS B 1 82 ? 28.038  -4.657  9.007   1.00 25.75 ? 82   HIS B NE2 1 
ATOM   1340 N N   . HIS B 1 83 ? 26.163  -10.533 11.472  1.00 21.16 ? 83   HIS B N   1 
ATOM   1341 C CA  . HIS B 1 83 ? 25.902  -11.425 12.595  1.00 21.95 ? 83   HIS B CA  1 
ATOM   1342 C C   . HIS B 1 83 ? 27.190  -11.738 13.318  1.00 20.16 ? 83   HIS B C   1 
ATOM   1343 O O   . HIS B 1 83 ? 28.106  -10.921 13.161  1.00 18.45 ? 83   HIS B O   1 
ATOM   1344 C CB  . HIS B 1 83 ? 25.282  -12.568 12.129  1.00 24.89 ? 83   HIS B CB  1 
ATOM   1345 C CG  . HIS B 1 83 ? 25.865  -13.600 11.215  1.00 27.85 ? 83   HIS B CG  1 
ATOM   1346 N ND1 . HIS B 1 83 ? 25.818  -13.492 9.839   1.00 30.35 ? 83   HIS B ND1 1 
ATOM   1347 C CD2 . HIS B 1 83 ? 26.624  -14.692 11.479  1.00 30.09 ? 83   HIS B CD2 1 
ATOM   1348 C CE1 . HIS B 1 83 ? 26.527  -14.470 9.299   1.00 30.95 ? 83   HIS B CE1 1 
ATOM   1349 N NE2 . HIS B 1 83 ? 27.029  -15.210 10.271  1.00 31.05 ? 83   HIS B NE2 1 
ATOM   1350 O OXT . HIS B 1 83 ? 27.270  -12.748 14.025  1.00 20.56 ? 83   HIS B OXT 1 
HETATM 1351 K K   . K   C 2 .  ? 7.881   14.011  -4.220  1.00 22.04 ? 1091 K   A K   1 
HETATM 1352 K K   . K   D 2 .  ? -1.877  1.145   15.496  1.00 19.05 ? 1092 K   B K   1 
HETATM 1353 C C1  . MPD E 3 .  ? 11.491  -5.680  -1.876  1.00 20.51 ? 1100 MPD B C1  1 
HETATM 1354 C C2  . MPD E 3 .  ? 12.220  -6.459  -0.802  1.00 19.80 ? 1100 MPD B C2  1 
HETATM 1355 O O2  . MPD E 3 .  ? 12.527  -5.480  0.260   1.00 19.24 ? 1100 MPD B O2  1 
HETATM 1356 C CM  . MPD E 3 .  ? 11.353  -7.545  -0.255  1.00 20.52 ? 1100 MPD B CM  1 
HETATM 1357 C C3  . MPD E 3 .  ? 13.471  -7.218  -1.383  1.00 21.11 ? 1100 MPD B C3  1 
HETATM 1358 C C4  . MPD E 3 .  ? 14.320  -7.991  -0.599  1.00 21.07 ? 1100 MPD B C4  1 
HETATM 1359 O O4  . MPD E 3 .  ? 15.359  -8.394  -1.447  1.00 26.31 ? 1100 MPD B O4  1 
HETATM 1360 C C5  . MPD E 3 .  ? 14.889  -7.138  0.517   1.00 18.77 ? 1100 MPD B C5  1 
HETATM 1361 O O   . HOH F 4 .  ? -6.195  10.740  17.918  1.00 17.17 ? 1092 HOH A O   1 
HETATM 1362 O O   . HOH F 4 .  ? 3.914   3.276   -18.434 1.00 20.65 ? 1093 HOH A O   1 
HETATM 1363 O O   . HOH F 4 .  ? -5.599  12.532  -19.906 1.00 17.55 ? 1094 HOH A O   1 
HETATM 1364 O O   . HOH F 4 .  ? -10.239 9.684   6.942   1.00 16.75 ? 1095 HOH A O   1 
HETATM 1365 O O   . HOH F 4 .  ? 11.899  0.890   -1.431  1.00 22.12 ? 1096 HOH A O   1 
HETATM 1366 O O   . HOH F 4 .  ? 14.971  -6.975  -6.026  1.00 21.17 ? 1097 HOH A O   1 
HETATM 1367 O O   . HOH F 4 .  ? 9.328   7.065   0.123   1.00 21.57 ? 1098 HOH A O   1 
HETATM 1368 O O   . HOH F 4 .  ? -8.915  10.854  -1.093  1.00 22.41 ? 1099 HOH A O   1 
HETATM 1369 O O   . HOH F 4 .  ? -3.337  9.841   4.613   1.00 23.73 ? 1100 HOH A O   1 
HETATM 1370 O O   . HOH F 4 .  ? 1.433   7.959   4.809   1.00 22.80 ? 1101 HOH A O   1 
HETATM 1371 O O   . HOH F 4 .  ? 10.915  12.709  -12.295 1.00 22.47 ? 1102 HOH A O   1 
HETATM 1372 O O   . HOH F 4 .  ? 2.135   4.581   3.532   1.00 27.19 ? 1103 HOH A O   1 
HETATM 1373 O O   . HOH F 4 .  ? 6.550   -8.390  -16.664 1.00 24.77 ? 1104 HOH A O   1 
HETATM 1374 O O   . HOH F 4 .  ? 4.255   4.569   -22.919 1.00 23.41 ? 1105 HOH A O   1 
HETATM 1375 O O   . HOH F 4 .  ? 7.000   12.102  -23.029 1.00 25.05 ? 1106 HOH A O   1 
HETATM 1376 O O   . HOH F 4 .  ? -2.714  17.922  -8.249  1.00 27.90 ? 1107 HOH A O   1 
HETATM 1377 O O   . HOH F 4 .  ? 6.621   14.857  -22.009 1.00 25.95 ? 1108 HOH A O   1 
HETATM 1378 O O   . HOH F 4 .  ? -12.621 11.024  7.993   1.00 25.33 ? 1109 HOH A O   1 
HETATM 1379 O O   . HOH F 4 .  ? 8.703   15.785  -20.266 1.00 27.81 ? 1110 HOH A O   1 
HETATM 1380 O O   . HOH F 4 .  ? -1.226  16.753  -10.370 1.00 27.33 ? 1111 HOH A O   1 
HETATM 1381 O O   . HOH F 4 .  ? 4.521   15.680  -20.949 1.00 28.26 ? 1112 HOH A O   1 
HETATM 1382 O O   . HOH F 4 .  ? -2.037  15.562  -12.849 1.00 23.55 ? 1113 HOH A O   1 
HETATM 1383 O O   . HOH F 4 .  ? 1.105   15.816  2.345   1.00 28.06 ? 1114 HOH A O   1 
HETATM 1384 O O   . HOH F 4 .  ? 8.425   -2.521  -20.175 1.00 29.94 ? 1115 HOH A O   1 
HETATM 1385 O O   . HOH F 4 .  ? 10.605  -8.112  -16.715 1.00 28.77 ? 1116 HOH A O   1 
HETATM 1386 O O   . HOH F 4 .  ? 8.572   -7.718  -18.609 1.00 33.49 ? 1117 HOH A O   1 
HETATM 1387 O O   . HOH F 4 .  ? 16.559  0.426   -11.168 1.00 29.92 ? 1118 HOH A O   1 
HETATM 1388 O O   . HOH F 4 .  ? 5.316   0.075   -21.298 1.00 26.55 ? 1119 HOH A O   1 
HETATM 1389 O O   . HOH F 4 .  ? -3.253  11.960  2.597   1.00 33.70 ? 1120 HOH A O   1 
HETATM 1390 O O   . HOH F 4 .  ? -2.952  17.610  -14.050 1.00 38.41 ? 1121 HOH A O   1 
HETATM 1391 O O   . HOH F 4 .  ? -12.690 12.804  11.171  1.00 32.47 ? 1122 HOH A O   1 
HETATM 1392 O O   . HOH F 4 .  ? 11.374  3.189   -0.065  1.00 32.00 ? 1123 HOH A O   1 
HETATM 1393 O O   . HOH F 4 .  ? 3.085   11.070  3.071   1.00 31.54 ? 1124 HOH A O   1 
HETATM 1394 O O   . HOH F 4 .  ? -10.311 12.679  -15.609 1.00 36.11 ? 1125 HOH A O   1 
HETATM 1395 O O   . HOH F 4 .  ? 0.675   11.431  2.918   1.00 35.75 ? 1126 HOH A O   1 
HETATM 1396 O O   . HOH F 4 .  ? -10.965 5.100   17.415  1.00 39.26 ? 1127 HOH A O   1 
HETATM 1397 O O   . HOH F 4 .  ? -8.606  15.056  -18.026 1.00 40.40 ? 1128 HOH A O   1 
HETATM 1398 O O   . HOH F 4 .  ? 4.853   -11.090 -0.392  1.00 36.95 ? 1129 HOH A O   1 
HETATM 1399 O O   . HOH F 4 .  ? 1.561   19.422  -9.103  1.00 40.46 ? 1130 HOH A O   1 
HETATM 1400 O O   . HOH F 4 .  ? -7.858  -0.531  -8.252  1.00 20.37 ? 1131 HOH A O   1 
HETATM 1401 O O   . HOH F 4 .  ? 3.820   2.508   -21.092 1.00 26.43 ? 1132 HOH A O   1 
HETATM 1402 O O   . HOH F 4 .  ? 8.830   16.758  -5.701  1.00 26.65 ? 1133 HOH A O   1 
HETATM 1403 O O   . HOH F 4 .  ? -13.927 15.591  13.373  1.00 31.82 ? 1134 HOH A O   1 
HETATM 1404 O O   . HOH F 4 .  ? 15.371  -1.954  -8.958  1.00 31.64 ? 1135 HOH A O   1 
HETATM 1405 O O   . HOH F 4 .  ? 13.259  -5.061  -7.021  1.00 37.57 ? 1136 HOH A O   1 
HETATM 1406 O O   . HOH F 4 .  ? -10.525 11.217  4.243   1.00 43.04 ? 1137 HOH A O   1 
HETATM 1407 O O   . HOH F 4 .  ? 7.885   17.936  -19.065 1.00 41.41 ? 1138 HOH A O   1 
HETATM 1408 O O   . HOH F 4 .  ? 8.926   9.927   1.121   1.00 37.21 ? 1139 HOH A O   1 
HETATM 1409 O O   . HOH F 4 .  ? 2.523   17.332  -22.258 1.00 32.34 ? 1140 HOH A O   1 
HETATM 1410 O O   . HOH F 4 .  ? 10.635  -1.832  -20.651 1.00 50.45 ? 1141 HOH A O   1 
HETATM 1411 O O   . HOH F 4 .  ? -7.821  18.914  11.945  1.00 39.56 ? 1142 HOH A O   1 
HETATM 1412 O O   . HOH F 4 .  ? 1.908   16.369  -13.051 1.00 33.94 ? 1143 HOH A O   1 
HETATM 1413 O O   . HOH F 4 .  ? 14.444  0.487   -2.360  1.00 37.22 ? 1144 HOH A O   1 
HETATM 1414 O O   . HOH F 4 .  ? -8.733  10.589  2.139   1.00 41.56 ? 1145 HOH A O   1 
HETATM 1415 O O   . HOH F 4 .  ? 13.600  13.073  -12.666 1.00 35.28 ? 1146 HOH A O   1 
HETATM 1416 O O   . HOH F 4 .  ? -6.967  19.511  -13.211 1.00 48.06 ? 1147 HOH A O   1 
HETATM 1417 O O   . HOH F 4 .  ? -6.277  21.350  -9.987  1.00 41.22 ? 1148 HOH A O   1 
HETATM 1418 O O   . HOH F 4 .  ? 10.474  13.005  -15.350 1.00 61.80 ? 1149 HOH A O   1 
HETATM 1419 O O   . HOH F 4 .  ? 13.710  -5.576  -17.859 1.00 44.13 ? 1150 HOH A O   1 
HETATM 1420 O O   . HOH F 4 .  ? -0.901  19.582  -11.680 1.00 38.75 ? 1151 HOH A O   1 
HETATM 1421 O O   . HOH F 4 .  ? 11.646  5.528   -1.279  1.00 37.99 ? 1152 HOH A O   1 
HETATM 1422 O O   . HOH F 4 .  ? -9.263  17.322  1.424   1.00 54.66 ? 1153 HOH A O   1 
HETATM 1423 O O   . HOH F 4 .  ? 16.729  0.113   -17.291 1.00 46.43 ? 1154 HOH A O   1 
HETATM 1424 O O   . HOH F 4 .  ? -7.035  19.867  -2.404  1.00 45.18 ? 1155 HOH A O   1 
HETATM 1425 O O   . HOH F 4 .  ? 13.445  12.554  -4.374  1.00 29.48 ? 1156 HOH A O   1 
HETATM 1426 O O   . HOH F 4 .  ? -9.319  10.029  -18.446 1.00 30.41 ? 1157 HOH A O   1 
HETATM 1427 O O   . HOH F 4 .  ? -6.963  -3.786  -10.280 1.00 45.79 ? 1158 HOH A O   1 
HETATM 1428 O O   . HOH F 4 .  ? 11.385  12.899  -1.864  1.00 36.46 ? 1159 HOH A O   1 
HETATM 1429 O O   . HOH F 4 .  ? 8.007   9.004   3.921   1.00 41.95 ? 1160 HOH A O   1 
HETATM 1430 O O   . HOH F 4 .  ? 14.826  15.157  -12.018 1.00 36.75 ? 1161 HOH A O   1 
HETATM 1431 O O   . HOH F 4 .  ? 4.912   17.574  -17.720 1.00 40.88 ? 1162 HOH A O   1 
HETATM 1432 O O   . HOH F 4 .  ? 11.109  -4.130  -21.929 1.00 64.28 ? 1163 HOH A O   1 
HETATM 1433 O O   . HOH F 4 .  ? -12.426 13.538  8.421   1.00 42.77 ? 1164 HOH A O   1 
HETATM 1434 O O   . HOH F 4 .  ? 5.853   0.803   -23.965 1.00 39.28 ? 1165 HOH A O   1 
HETATM 1435 O O   . HOH F 4 .  ? 7.927   14.270  -15.335 1.00 45.01 ? 1166 HOH A O   1 
HETATM 1436 O O   . HOH F 4 .  ? -10.671 15.398  9.109   1.00 49.74 ? 1167 HOH A O   1 
HETATM 1437 O O   . HOH F 4 .  ? 15.862  7.710   -11.765 1.00 36.34 ? 1168 HOH A O   1 
HETATM 1438 O O   . HOH F 4 .  ? -11.232 17.827  9.388   1.00 52.44 ? 1169 HOH A O   1 
HETATM 1439 O O   . HOH F 4 .  ? -8.062  13.562  -16.439 1.00 36.01 ? 1170 HOH A O   1 
HETATM 1440 O O   . HOH F 4 .  ? -14.759 13.136  12.637  1.00 27.90 ? 1171 HOH A O   1 
HETATM 1441 O O   . HOH F 4 .  ? 14.097  10.986  -6.348  1.00 27.38 ? 1172 HOH A O   1 
HETATM 1442 O O   . HOH G 4 .  ? 4.309   -17.810 11.664  1.00 20.67 ? 1101 HOH B O   1 
HETATM 1443 O O   . HOH G 4 .  ? -18.087 -0.939  9.247   1.00 21.22 ? 1102 HOH B O   1 
HETATM 1444 O O   . HOH G 4 .  ? 0.658   -10.118 -3.174  1.00 20.43 ? 1103 HOH B O   1 
HETATM 1445 O O   . HOH G 4 .  ? -9.304  -13.399 7.518   1.00 21.87 ? 1104 HOH B O   1 
HETATM 1446 O O   . HOH G 4 .  ? -13.406 -0.488  -3.504  1.00 20.02 ? 1105 HOH B O   1 
HETATM 1447 O O   . HOH G 4 .  ? -3.550  -12.835 4.618   1.00 28.06 ? 1106 HOH B O   1 
HETATM 1448 O O   . HOH G 4 .  ? 7.991   -6.746  15.706  1.00 25.79 ? 1107 HOH B O   1 
HETATM 1449 O O   . HOH G 4 .  ? -8.711  1.665   16.590  1.00 24.21 ? 1108 HOH B O   1 
HETATM 1450 O O   . HOH G 4 .  ? -8.392  -4.739  17.448  1.00 28.46 ? 1109 HOH B O   1 
HETATM 1451 O O   . HOH G 4 .  ? -1.517  1.923   18.361  1.00 24.79 ? 1110 HOH B O   1 
HETATM 1452 O O   . HOH G 4 .  ? -9.943  3.361   -8.177  1.00 25.33 ? 1111 HOH B O   1 
HETATM 1453 O O   . HOH G 4 .  ? 6.233   -16.765 13.063  1.00 22.17 ? 1112 HOH B O   1 
HETATM 1454 O O   . HOH G 4 .  ? -18.164 -8.140  12.556  1.00 26.03 ? 1113 HOH B O   1 
HETATM 1455 O O   . HOH G 4 .  ? -5.538  -9.405  -6.782  1.00 31.64 ? 1114 HOH B O   1 
HETATM 1456 O O   . HOH G 4 .  ? 0.963   1.623   16.038  1.00 21.98 ? 1115 HOH B O   1 
HETATM 1457 O O   . HOH G 4 .  ? 4.241   6.228   5.807   1.00 28.02 ? 1116 HOH B O   1 
HETATM 1458 O O   . HOH G 4 .  ? 17.510  -7.862  3.694   1.00 30.95 ? 1117 HOH B O   1 
HETATM 1459 O O   . HOH G 4 .  ? -19.818 -2.386  1.503   1.00 28.57 ? 1118 HOH B O   1 
HETATM 1460 O O   . HOH G 4 .  ? -16.978 -4.920  1.106   1.00 28.51 ? 1119 HOH B O   1 
HETATM 1461 O O   . HOH G 4 .  ? 12.497  -13.539 11.191  1.00 26.25 ? 1120 HOH B O   1 
HETATM 1462 O O   . HOH G 4 .  ? -12.960 -9.345  13.905  1.00 31.68 ? 1121 HOH B O   1 
HETATM 1463 O O   . HOH G 4 .  ? 6.307   -14.334 19.135  1.00 31.21 ? 1122 HOH B O   1 
HETATM 1464 O O   . HOH G 4 .  ? 2.263   -18.046 6.010   1.00 29.28 ? 1123 HOH B O   1 
HETATM 1465 O O   . HOH G 4 .  ? 4.642   4.039   8.963   1.00 30.39 ? 1124 HOH B O   1 
HETATM 1466 O O   . HOH G 4 .  ? 13.699  -7.012  9.429   1.00 28.94 ? 1125 HOH B O   1 
HETATM 1467 O O   . HOH G 4 .  ? -2.358  -0.147  19.795  1.00 29.46 ? 1126 HOH B O   1 
HETATM 1468 O O   . HOH G 4 .  ? -21.302 0.093   7.268   1.00 26.35 ? 1127 HOH B O   1 
HETATM 1469 O O   . HOH G 4 .  ? 3.054   6.056   9.320   1.00 31.35 ? 1128 HOH B O   1 
HETATM 1470 O O   . HOH G 4 .  ? -22.417 -5.004  7.310   1.00 31.81 ? 1129 HOH B O   1 
HETATM 1471 O O   . HOH G 4 .  ? 3.755   -10.893 15.742  1.00 30.21 ? 1130 HOH B O   1 
HETATM 1472 O O   . HOH G 4 .  ? -20.343 -5.454  13.212  1.00 33.69 ? 1131 HOH B O   1 
HETATM 1473 O O   . HOH G 4 .  ? -4.970  -3.847  20.375  1.00 41.12 ? 1132 HOH B O   1 
HETATM 1474 O O   . HOH G 4 .  ? -14.939 0.688   -1.553  1.00 28.54 ? 1133 HOH B O   1 
HETATM 1475 O O   . HOH G 4 .  ? -1.713  -7.076  17.966  1.00 33.71 ? 1134 HOH B O   1 
HETATM 1476 O O   . HOH G 4 .  ? -5.531  -0.400  21.114  1.00 31.68 ? 1135 HOH B O   1 
HETATM 1477 O O   . HOH G 4 .  ? 7.777   -3.635  16.378  1.00 44.30 ? 1136 HOH B O   1 
HETATM 1478 O O   . HOH G 4 .  ? -0.612  -12.959 3.686   1.00 35.43 ? 1137 HOH B O   1 
HETATM 1479 O O   . HOH G 4 .  ? -15.936 -11.330 14.356  1.00 44.00 ? 1138 HOH B O   1 
HETATM 1480 O O   . HOH G 4 .  ? -21.931 -8.258  5.664   1.00 32.94 ? 1139 HOH B O   1 
HETATM 1481 O O   . HOH G 4 .  ? 12.691  -7.764  17.171  1.00 41.16 ? 1140 HOH B O   1 
HETATM 1482 O O   . HOH G 4 .  ? -7.043  -11.592 -3.100  1.00 24.82 ? 1141 HOH B O   1 
HETATM 1483 O O   . HOH G 4 .  ? 24.864  -6.416  6.365   1.00 27.35 ? 1142 HOH B O   1 
HETATM 1484 O O   . HOH G 4 .  ? 1.225   1.896   18.867  1.00 26.96 ? 1143 HOH B O   1 
HETATM 1485 O O   . HOH G 4 .  ? -21.927 -3.629  9.740   1.00 28.24 ? 1144 HOH B O   1 
HETATM 1486 O O   . HOH G 4 .  ? 13.422  -11.265 10.051  1.00 25.77 ? 1145 HOH B O   1 
HETATM 1487 O O   . HOH G 4 .  ? 1.173   -12.569 -4.108  1.00 30.44 ? 1146 HOH B O   1 
HETATM 1488 O O   . HOH G 4 .  ? 7.735   1.485   6.506   1.00 28.30 ? 1147 HOH B O   1 
HETATM 1489 O O   . HOH G 4 .  ? -2.591  -3.986  21.878  1.00 26.43 ? 1148 HOH B O   1 
HETATM 1490 O O   . HOH G 4 .  ? -2.324  5.245   12.547  1.00 24.50 ? 1149 HOH B O   1 
HETATM 1491 O O   . HOH G 4 .  ? -12.898 -6.862  -8.719  1.00 33.37 ? 1150 HOH B O   1 
HETATM 1492 O O   . HOH G 4 .  ? -13.432 -3.210  -3.633  1.00 33.20 ? 1151 HOH B O   1 
HETATM 1493 O O   . HOH G 4 .  ? 21.581  -5.519  4.832   1.00 43.34 ? 1152 HOH B O   1 
HETATM 1494 O O   . HOH G 4 .  ? -10.785 -2.885  18.576  1.00 37.62 ? 1153 HOH B O   1 
HETATM 1495 O O   . HOH G 4 .  ? 10.465  -2.071  5.650   1.00 28.10 ? 1154 HOH B O   1 
HETATM 1496 O O   . HOH G 4 .  ? 6.085   7.401   7.523   1.00 46.95 ? 1155 HOH B O   1 
HETATM 1497 O O   . HOH G 4 .  ? -19.968 -3.748  -0.713  1.00 48.07 ? 1156 HOH B O   1 
HETATM 1498 O O   . HOH G 4 .  ? 13.934  -13.584 13.447  1.00 45.95 ? 1157 HOH B O   1 
HETATM 1499 O O   . HOH G 4 .  ? 25.344  -14.140 15.429  1.00 46.63 ? 1158 HOH B O   1 
HETATM 1500 O O   . HOH G 4 .  ? 11.718  -2.388  13.445  1.00 40.33 ? 1159 HOH B O   1 
HETATM 1501 O O   . HOH G 4 .  ? -22.613 -9.517  11.029  1.00 47.31 ? 1160 HOH B O   1 
HETATM 1502 O O   . HOH G 4 .  ? -7.456  -4.395  20.679  1.00 52.05 ? 1161 HOH B O   1 
HETATM 1503 O O   . HOH G 4 .  ? 4.568   -17.545 16.197  1.00 40.63 ? 1162 HOH B O   1 
HETATM 1504 O O   . HOH G 4 .  ? -20.429 -9.202  1.780   1.00 36.87 ? 1163 HOH B O   1 
HETATM 1505 O O   . HOH G 4 .  ? 12.664  -18.286 15.428  1.00 43.11 ? 1164 HOH B O   1 
HETATM 1506 O O   . HOH G 4 .  ? -6.700  -11.520 -7.585  1.00 45.28 ? 1165 HOH B O   1 
HETATM 1507 O O   . HOH G 4 .  ? -3.798  -6.537  19.049  1.00 44.46 ? 1166 HOH B O   1 
HETATM 1508 O O   . HOH G 4 .  ? 2.335   4.177   19.820  1.00 27.45 ? 1167 HOH B O   1 
HETATM 1509 O O   . HOH G 4 .  ? -15.847 -1.550  -0.533  1.00 26.60 ? 1168 HOH B O   1 
HETATM 1510 O O   . HOH G 4 .  ? -15.910 -5.304  -1.934  1.00 30.84 ? 1169 HOH B O   1 
HETATM 1511 O O   . HOH G 4 .  ? -3.325  -5.321  23.976  1.00 34.61 ? 1170 HOH B O   1 
HETATM 1512 O O   . HOH G 4 .  ? -12.438 -1.109  16.877  1.00 35.71 ? 1171 HOH B O   1 
HETATM 1513 O O   . HOH G 4 .  ? -19.337 -6.287  -1.182  1.00 46.14 ? 1172 HOH B O   1 
HETATM 1514 O O   . HOH G 4 .  ? 0.888   -11.612 16.236  1.00 37.07 ? 1173 HOH B O   1 
HETATM 1515 O O   . HOH G 4 .  ? 15.498  -1.051  8.686   1.00 42.28 ? 1174 HOH B O   1 
HETATM 1516 O O   . HOH G 4 .  ? 15.626  -11.824 12.839  1.00 57.08 ? 1175 HOH B O   1 
HETATM 1517 O O   . HOH G 4 .  ? 12.316  -15.583 9.566   1.00 51.57 ? 1176 HOH B O   1 
HETATM 1518 O O   . HOH G 4 .  ? 19.188  -7.826  1.629   1.00 43.26 ? 1177 HOH B O   1 
HETATM 1519 O O   . HOH G 4 .  ? 23.499  -12.436 8.947   1.00 42.83 ? 1178 HOH B O   1 
HETATM 1520 O O   . HOH G 4 .  ? -20.905 -10.655 6.379   1.00 56.86 ? 1179 HOH B O   1 
HETATM 1521 O O   . HOH G 4 .  ? -2.571  3.369   14.334  1.00 22.87 ? 1180 HOH B O   1 
HETATM 1522 O O   . HOH G 4 .  ? -18.341 -10.954 8.182   1.00 44.74 ? 1181 HOH B O   1 
HETATM 1523 O O   . HOH G 4 .  ? -5.882  -13.269 18.224  1.00 58.20 ? 1182 HOH B O   1 
HETATM 1524 O O   . HOH G 4 .  ? 15.666  -9.138  2.361   1.00 24.46 ? 1183 HOH B O   1 
HETATM 1525 O O   . HOH G 4 .  ? 5.638   -3.456  15.191  1.00 37.85 ? 1184 HOH B O   1 
HETATM 1526 O O   . HOH G 4 .  ? 0.364   -13.198 18.036  1.00 56.76 ? 1185 HOH B O   1 
# 
